data_5VRB
#
_entry.id   5VRB
#
_cell.length_a   82.450
_cell.length_b   114.210
_cell.length_c   125.690
_cell.angle_alpha   90.000
_cell.angle_beta   90.110
_cell.angle_gamma   90.000
#
_symmetry.space_group_name_H-M   'P 1 21 1'
#
loop_
_entity.id
_entity.type
_entity.pdbx_description
1 polymer Transketolase
2 non-polymer 1,2-ETHANEDIOL
3 non-polymer 'CALCIUM ION'
4 water water
#
_entity_poly.entity_id   1
_entity_poly.type   'polypeptide(L)'
_entity_poly.pdbx_seq_one_letter_code
;MAHHHHHHMSQLANVIRFLSADAVQKANSGHPGAPMGMAEMAETLWTKFLNHNPANPKFYNRDRFVLSNGHASMLLYSLL
HLTGYNLSIEDLKNFRQLHSKTPGHPEYGYTDGVETTTGPLGQGIANAVGMALAEKILAAEFNKDGLNIVDHYTYVFMGD
G(OCS)LMEGVSHEACSLAGTLGLGKLIVLYDDNNISIDGKVDGWFTENIPQRFESYGWHVVPNVNGHDTAAIQTAIEAA
RAETGKPSIICCKTLIGKGSANKEGSHKTHGAPLGADEIEATRKHLGWAYPAFEIPQEIYDAWNAKEKGAKLEAGWNELF
AQYQAKYPAEAAEFVRRMDKKLPENFDEYVQTALKEVCAKAETVATRKASQNSIEILAKELPELVGGSADLTPSNLTDWS
NSVSVTRDKGGNYIHYGVREFGMGAIMNGLVLHGGVKPFGATFLMFSEYERNALRMAALMKINPVFVFTHDSIGLGEDGP
THQPIEQTATLRLIPNMDVWRPCDTAESLVAWAEAAKAEDHPSCLIFSRQNLKFQARSEQQLNDIKRGAYVISEAQGNAQ
AVIIATGSEVGLAVEAQKVLAGQGIAVRVVSMPSTSVFDRQDAAYQAAVLPEGLPRIAVEAGHTNGWYKYVGLNGAVVGI
NRFGESAPADLLFKAFGFTVDNVVDTVKSVL
;
_entity_poly.pdbx_strand_id   A,B,C,D
#
loop_
_chem_comp.id
_chem_comp.type
_chem_comp.name
_chem_comp.formula
CA non-polymer 'CALCIUM ION' 'Ca 2'
EDO non-polymer 1,2-ETHANEDIOL 'C2 H6 O2'
#
# COMPACT_ATOMS: atom_id res chain seq x y z
N SER A 10 17.44 -15.90 68.88
CA SER A 10 18.07 -16.45 67.69
C SER A 10 17.11 -17.35 66.94
N GLN A 11 16.52 -18.30 67.68
CA GLN A 11 15.62 -19.26 67.06
C GLN A 11 14.34 -18.61 66.56
N LEU A 12 13.98 -17.43 67.08
CA LEU A 12 12.79 -16.76 66.59
C LEU A 12 12.98 -16.25 65.17
N ALA A 13 14.20 -15.86 64.80
CA ALA A 13 14.48 -15.53 63.39
C ALA A 13 14.69 -16.80 62.57
N ASN A 14 15.40 -17.79 63.13
CA ASN A 14 15.68 -19.02 62.39
C ASN A 14 14.40 -19.77 62.00
N VAL A 15 13.35 -19.71 62.82
CA VAL A 15 12.12 -20.42 62.45
C VAL A 15 11.52 -19.82 61.19
N ILE A 16 11.53 -18.48 61.06
CA ILE A 16 11.11 -17.86 59.80
C ILE A 16 12.01 -18.31 58.66
N ARG A 17 13.31 -18.31 58.92
CA ARG A 17 14.29 -18.63 57.91
C ARG A 17 14.04 -20.02 57.33
N PHE A 18 13.84 -21.01 58.19
CA PHE A 18 13.74 -22.38 57.70
C PHE A 18 12.32 -22.80 57.35
N LEU A 19 11.30 -22.19 57.92
CA LEU A 19 9.96 -22.37 57.37
C LEU A 19 9.93 -21.97 55.91
N SER A 20 10.61 -20.87 55.58
CA SER A 20 10.64 -20.38 54.21
C SER A 20 11.39 -21.34 53.29
N ALA A 21 12.61 -21.71 53.69
CA ALA A 21 13.41 -22.62 52.87
C ALA A 21 12.69 -23.95 52.69
N ASP A 22 12.06 -24.45 53.75
CA ASP A 22 11.39 -25.75 53.67
C ASP A 22 10.16 -25.70 52.75
N ALA A 23 9.40 -24.61 52.79
CA ALA A 23 8.24 -24.50 51.91
C ALA A 23 8.67 -24.31 50.46
N VAL A 24 9.73 -23.55 50.22
CA VAL A 24 10.24 -23.38 48.88
C VAL A 24 10.74 -24.71 48.33
N GLN A 25 11.49 -25.45 49.15
CA GLN A 25 11.99 -26.76 48.72
C GLN A 25 10.84 -27.70 48.36
N LYS A 26 9.81 -27.76 49.20
CA LYS A 26 8.69 -28.66 48.93
C LYS A 26 7.99 -28.29 47.63
N ALA A 27 7.79 -26.99 47.40
CA ALA A 27 7.15 -26.54 46.16
C ALA A 27 8.04 -26.80 44.95
N ASN A 28 9.35 -26.86 45.15
CA ASN A 28 10.34 -26.88 44.07
C ASN A 28 10.16 -25.67 43.15
N SER A 29 9.92 -24.52 43.76
CA SER A 29 9.64 -23.29 43.03
C SER A 29 9.72 -22.13 44.01
N GLY A 30 10.21 -20.99 43.55
CA GLY A 30 10.45 -19.84 44.40
C GLY A 30 11.91 -19.71 44.78
N HIS A 31 12.22 -18.60 45.45
CA HIS A 31 13.59 -18.29 45.84
C HIS A 31 13.68 -18.28 47.36
N PRO A 32 14.58 -19.08 47.97
CA PRO A 32 14.64 -19.11 49.44
C PRO A 32 15.62 -18.11 50.02
N GLY A 33 16.56 -17.62 49.20
CA GLY A 33 17.62 -16.78 49.72
C GLY A 33 17.13 -15.47 50.31
N ALA A 34 16.19 -14.81 49.62
CA ALA A 34 15.73 -13.50 50.10
C ALA A 34 14.98 -13.60 51.43
N PRO A 35 13.97 -14.46 51.59
CA PRO A 35 13.37 -14.60 52.93
C PRO A 35 14.37 -15.01 53.99
N MET A 36 15.36 -15.85 53.64
CA MET A 36 16.31 -16.26 54.66
C MET A 36 17.21 -15.10 55.08
N GLY A 37 17.59 -14.24 54.13
CA GLY A 37 18.44 -13.12 54.46
C GLY A 37 17.76 -12.05 55.32
N MET A 38 16.44 -11.94 55.23
CA MET A 38 15.68 -10.91 55.91
C MET A 38 15.05 -11.37 57.22
N ALA A 39 15.46 -12.52 57.75
CA ALA A 39 14.75 -13.10 58.87
C ALA A 39 14.95 -12.28 60.14
N GLU A 40 16.17 -11.79 60.39
CA GLU A 40 16.39 -10.94 61.57
C GLU A 40 15.70 -9.59 61.42
N MET A 41 15.68 -9.04 60.21
CA MET A 41 14.90 -7.83 59.97
C MET A 41 13.43 -8.07 60.30
N ALA A 42 12.89 -9.18 59.80
CA ALA A 42 11.50 -9.54 60.06
C ALA A 42 11.25 -9.76 61.55
N GLU A 43 12.10 -10.57 62.18
CA GLU A 43 11.92 -10.83 63.61
CA GLU A 43 11.93 -10.83 63.60
C GLU A 43 11.93 -9.54 64.41
N THR A 44 12.89 -8.64 64.12
CA THR A 44 13.00 -7.41 64.88
C THR A 44 11.75 -6.54 64.72
N LEU A 45 11.35 -6.29 63.47
CA LEU A 45 10.17 -5.45 63.24
C LEU A 45 8.92 -6.05 63.85
N TRP A 46 8.65 -7.33 63.60
CA TRP A 46 7.37 -7.91 64.00
C TRP A 46 7.27 -8.18 65.50
N THR A 47 8.37 -8.56 66.17
CA THR A 47 8.27 -8.80 67.61
C THR A 47 8.47 -7.55 68.46
N LYS A 48 9.15 -6.52 67.94
CA LYS A 48 9.47 -5.36 68.77
C LYS A 48 8.67 -4.10 68.44
N PHE A 49 8.14 -3.98 67.22
CA PHE A 49 7.50 -2.74 66.80
C PHE A 49 6.10 -2.89 66.21
N LEU A 50 5.88 -3.86 65.33
CA LEU A 50 4.65 -3.91 64.55
C LEU A 50 3.42 -4.05 65.45
N ASN A 51 2.48 -3.12 65.34
CA ASN A 51 1.25 -3.15 66.12
C ASN A 51 0.13 -3.72 65.25
N HIS A 52 -0.28 -4.95 65.54
CA HIS A 52 -1.28 -5.64 64.73
C HIS A 52 -2.07 -6.58 65.63
N ASN A 53 -3.24 -6.97 65.18
CA ASN A 53 -4.09 -7.89 65.93
C ASN A 53 -4.45 -9.06 65.03
N PRO A 54 -3.86 -10.24 65.23
CA PRO A 54 -4.22 -11.39 64.38
C PRO A 54 -5.69 -11.72 64.43
N ALA A 55 -6.37 -11.44 65.55
CA ALA A 55 -7.79 -11.69 65.65
C ALA A 55 -8.62 -10.77 64.76
N ASN A 56 -8.09 -9.60 64.38
CA ASN A 56 -8.81 -8.70 63.48
C ASN A 56 -7.84 -8.08 62.49
N PRO A 57 -7.58 -8.74 61.37
CA PRO A 57 -6.67 -8.18 60.35
C PRO A 57 -7.14 -6.87 59.75
N LYS A 58 -8.38 -6.45 60.00
CA LYS A 58 -8.89 -5.18 59.50
C LYS A 58 -8.96 -4.11 60.59
N PHE A 59 -8.31 -4.34 61.73
CA PHE A 59 -8.23 -3.34 62.78
C PHE A 59 -7.78 -2.00 62.22
N TYR A 60 -8.61 -0.97 62.41
CA TYR A 60 -8.43 0.28 61.66
C TYR A 60 -7.05 0.89 61.90
N ASN A 61 -6.55 0.87 63.14
CA ASN A 61 -5.30 1.56 63.45
C ASN A 61 -4.08 0.64 63.46
N ARG A 62 -4.18 -0.56 62.87
CA ARG A 62 -3.00 -1.42 62.79
C ARG A 62 -1.89 -0.72 62.00
N ASP A 63 -0.65 -0.99 62.39
CA ASP A 63 0.46 -0.67 61.50
C ASP A 63 0.29 -1.45 60.19
N ARG A 64 0.71 -0.84 59.09
CA ARG A 64 0.68 -1.48 57.78
C ARG A 64 2.08 -1.97 57.43
N PHE A 65 2.18 -3.25 57.10
CA PHE A 65 3.43 -3.82 56.60
C PHE A 65 3.31 -4.14 55.12
N VAL A 66 4.35 -3.79 54.36
CA VAL A 66 4.40 -4.09 52.93
C VAL A 66 5.72 -4.79 52.63
N LEU A 67 5.62 -6.01 52.12
CA LEU A 67 6.76 -6.74 51.55
C LEU A 67 6.83 -6.40 50.08
N SER A 68 7.61 -5.36 49.73
CA SER A 68 7.67 -4.87 48.36
C SER A 68 8.30 -5.89 47.42
N ASN A 69 9.31 -6.62 47.89
CA ASN A 69 9.93 -7.67 47.07
C ASN A 69 9.12 -8.96 47.22
N GLY A 70 7.92 -8.93 46.64
CA GLY A 70 6.90 -9.95 46.88
C GLY A 70 7.31 -11.37 46.54
N HIS A 71 8.39 -11.55 45.79
CA HIS A 71 8.92 -12.89 45.53
C HIS A 71 9.32 -13.59 46.83
N ALA A 72 9.80 -12.84 47.83
CA ALA A 72 10.14 -13.38 49.15
C ALA A 72 8.91 -13.73 49.98
N SER A 73 7.85 -14.17 49.31
CA SER A 73 6.54 -14.28 49.95
C SER A 73 6.55 -15.20 51.15
N MET A 74 7.39 -16.24 51.16
CA MET A 74 7.37 -17.15 52.31
C MET A 74 7.76 -16.43 53.60
N LEU A 75 8.50 -15.33 53.49
CA LEU A 75 8.80 -14.55 54.68
C LEU A 75 7.51 -14.04 55.32
N LEU A 76 6.60 -13.52 54.51
CA LEU A 76 5.33 -13.01 55.02
C LEU A 76 4.43 -14.14 55.47
N TYR A 77 4.34 -15.21 54.68
CA TYR A 77 3.53 -16.36 55.10
C TYR A 77 4.00 -16.91 56.44
N SER A 78 5.31 -17.02 56.63
CA SER A 78 5.85 -17.49 57.91
C SER A 78 5.43 -16.59 59.05
N LEU A 79 5.53 -15.28 58.86
CA LEU A 79 5.18 -14.33 59.92
C LEU A 79 3.70 -14.42 60.27
N LEU A 80 2.83 -14.51 59.26
CA LEU A 80 1.39 -14.63 59.53
C LEU A 80 1.09 -15.91 60.29
N HIS A 81 1.69 -17.03 59.85
CA HIS A 81 1.46 -18.30 60.54
C HIS A 81 1.94 -18.24 61.99
N LEU A 82 3.17 -17.76 62.21
CA LEU A 82 3.74 -17.79 63.56
C LEU A 82 3.02 -16.87 64.53
N THR A 83 2.53 -15.72 64.04
CA THR A 83 1.89 -14.76 64.95
C THR A 83 0.43 -15.07 65.21
N GLY A 84 -0.17 -16.02 64.49
CA GLY A 84 -1.47 -16.54 64.83
C GLY A 84 -2.59 -16.24 63.87
N TYR A 85 -2.29 -15.74 62.67
CA TYR A 85 -3.32 -15.56 61.66
C TYR A 85 -3.84 -16.91 61.19
N ASN A 86 -4.93 -16.86 60.41
CA ASN A 86 -5.61 -18.08 59.92
C ASN A 86 -4.86 -18.60 58.69
N LEU A 87 -3.64 -19.05 58.95
CA LEU A 87 -2.75 -19.60 57.92
C LEU A 87 -1.97 -20.72 58.60
N SER A 88 -2.17 -21.96 58.16
CA SER A 88 -1.71 -23.14 58.88
C SER A 88 -0.44 -23.73 58.27
N ILE A 89 0.14 -24.69 58.98
CA ILE A 89 1.28 -25.41 58.43
C ILE A 89 0.91 -26.07 57.11
N GLU A 90 -0.29 -26.67 57.05
CA GLU A 90 -0.71 -27.31 55.81
CA GLU A 90 -0.72 -27.31 55.81
C GLU A 90 -0.80 -26.30 54.67
N ASP A 91 -1.27 -25.08 54.97
CA ASP A 91 -1.23 -24.02 53.98
C ASP A 91 0.19 -23.75 53.51
N LEU A 92 1.15 -23.68 54.44
CA LEU A 92 2.54 -23.47 54.02
C LEU A 92 3.07 -24.64 53.23
N LYS A 93 2.61 -25.85 53.53
CA LYS A 93 2.98 -27.02 52.75
C LYS A 93 2.39 -27.00 51.36
N ASN A 94 1.47 -26.07 51.08
CA ASN A 94 0.82 -25.96 49.78
C ASN A 94 1.27 -24.70 49.04
N PHE A 95 2.43 -24.17 49.43
CA PHE A 95 3.02 -23.01 48.76
C PHE A 95 3.05 -23.22 47.25
N ARG A 96 2.48 -22.26 46.51
CA ARG A 96 2.51 -22.24 45.05
C ARG A 96 1.69 -23.36 44.41
N GLN A 97 0.75 -23.95 45.14
CA GLN A 97 -0.06 -25.03 44.60
C GLN A 97 -1.44 -24.51 44.25
N LEU A 98 -2.07 -25.16 43.27
CA LEU A 98 -3.34 -24.66 42.74
C LEU A 98 -4.37 -24.43 43.83
N HIS A 99 -4.85 -23.20 43.92
CA HIS A 99 -5.92 -22.75 44.81
C HIS A 99 -5.54 -22.78 46.28
N SER A 100 -4.26 -22.84 46.60
CA SER A 100 -3.84 -22.83 48.01
C SER A 100 -3.91 -21.41 48.57
N LYS A 101 -3.85 -21.32 49.90
CA LYS A 101 -3.85 -20.00 50.54
C LYS A 101 -2.48 -19.35 50.50
N THR A 102 -1.52 -19.94 49.80
CA THR A 102 -0.14 -19.45 49.77
C THR A 102 0.36 -19.37 48.33
N PRO A 103 -0.25 -18.53 47.49
CA PRO A 103 0.26 -18.36 46.13
C PRO A 103 1.67 -17.77 46.15
N GLY A 104 2.35 -17.91 45.00
CA GLY A 104 3.76 -17.59 44.95
C GLY A 104 4.09 -16.14 45.25
N HIS A 105 3.16 -15.23 44.94
CA HIS A 105 3.25 -13.88 45.43
C HIS A 105 2.04 -13.59 46.31
N PRO A 106 2.20 -12.88 47.42
CA PRO A 106 1.07 -12.70 48.34
C PRO A 106 -0.05 -11.93 47.66
N GLU A 107 -1.28 -12.33 47.94
CA GLU A 107 -2.45 -11.79 47.26
C GLU A 107 -3.38 -11.13 48.26
N TYR A 108 -3.54 -9.83 48.13
CA TYR A 108 -4.50 -9.09 48.92
C TYR A 108 -5.90 -9.65 48.73
N GLY A 109 -6.66 -9.70 49.83
CA GLY A 109 -8.05 -10.11 49.81
C GLY A 109 -8.24 -11.61 49.88
N TYR A 110 -7.20 -12.37 49.59
CA TYR A 110 -7.24 -13.81 49.63
C TYR A 110 -6.74 -14.35 50.97
N THR A 111 -5.67 -13.77 51.48
CA THR A 111 -4.97 -14.26 52.67
C THR A 111 -5.06 -13.18 53.73
N ASP A 112 -5.58 -13.55 54.91
CA ASP A 112 -5.67 -12.59 56.01
C ASP A 112 -4.31 -12.01 56.34
N GLY A 113 -4.26 -10.69 56.56
CA GLY A 113 -3.03 -10.04 56.97
C GLY A 113 -2.17 -9.53 55.84
N VAL A 114 -2.43 -9.94 54.60
CA VAL A 114 -1.71 -9.39 53.46
C VAL A 114 -2.34 -8.05 53.07
N GLU A 115 -1.52 -6.99 53.07
CA GLU A 115 -2.04 -5.64 52.87
C GLU A 115 -2.10 -5.23 51.40
N THR A 116 -1.37 -5.91 50.53
CA THR A 116 -1.31 -5.54 49.12
C THR A 116 -0.71 -6.71 48.36
N THR A 117 -1.04 -6.80 47.07
CA THR A 117 -0.49 -7.83 46.22
C THR A 117 0.78 -7.29 45.58
N THR A 118 1.90 -7.92 45.87
CA THR A 118 3.16 -7.49 45.29
C THR A 118 3.77 -8.65 44.52
N GLY A 119 4.63 -8.28 43.59
CA GLY A 119 5.26 -9.21 42.66
C GLY A 119 6.04 -8.35 41.68
N PRO A 120 5.33 -7.62 40.82
CA PRO A 120 6.00 -6.63 39.96
C PRO A 120 6.74 -5.63 40.83
N LEU A 121 8.05 -5.55 40.62
CA LEU A 121 8.92 -4.79 41.52
C LEU A 121 8.70 -3.29 41.41
N GLY A 122 9.01 -2.58 42.49
CA GLY A 122 8.83 -1.16 42.60
C GLY A 122 7.46 -0.71 43.07
N GLN A 123 6.41 -1.46 42.75
CA GLN A 123 5.08 -0.96 43.12
C GLN A 123 4.78 -1.12 44.60
N GLY A 124 5.45 -2.04 45.29
CA GLY A 124 5.17 -2.21 46.70
C GLY A 124 5.47 -0.95 47.51
N ILE A 125 6.65 -0.36 47.28
CA ILE A 125 6.98 0.86 48.01
C ILE A 125 6.01 1.99 47.64
N ALA A 126 5.58 2.02 46.37
CA ALA A 126 4.59 3.02 45.97
C ALA A 126 3.24 2.78 46.66
N ASN A 127 2.80 1.52 46.74
CA ASN A 127 1.62 1.19 47.54
C ASN A 127 1.78 1.69 48.98
N ALA A 128 2.95 1.47 49.56
CA ALA A 128 3.16 1.86 50.95
C ALA A 128 3.10 3.37 51.11
N VAL A 129 3.67 4.11 50.15
CA VAL A 129 3.57 5.57 50.15
C VAL A 129 2.10 6.01 50.19
N GLY A 130 1.26 5.35 49.38
CA GLY A 130 -0.17 5.60 49.43
C GLY A 130 -0.78 5.28 50.78
N MET A 131 -0.36 4.18 51.40
CA MET A 131 -0.91 3.85 52.72
C MET A 131 -0.48 4.89 53.77
N ALA A 132 0.77 5.33 53.70
CA ALA A 132 1.25 6.36 54.61
C ALA A 132 0.57 7.68 54.34
N LEU A 133 0.32 7.98 53.07
CA LEU A 133 -0.39 9.19 52.70
C LEU A 133 -1.82 9.18 53.24
N ALA A 134 -2.51 8.03 53.11
CA ALA A 134 -3.85 7.92 53.68
C ALA A 134 -3.85 8.15 55.18
N GLU A 135 -2.89 7.55 55.91
CA GLU A 135 -2.81 7.76 57.35
C GLU A 135 -2.62 9.23 57.68
N LYS A 136 -1.77 9.91 56.93
CA LYS A 136 -1.51 11.33 57.15
C LYS A 136 -2.76 12.15 56.90
N ILE A 137 -3.43 11.88 55.77
CA ILE A 137 -4.65 12.57 55.41
C ILE A 137 -5.74 12.33 56.44
N LEU A 138 -5.90 11.08 56.86
CA LEU A 138 -6.98 10.77 57.80
C LEU A 138 -6.68 11.34 59.18
N ALA A 139 -5.41 11.31 59.59
CA ALA A 139 -5.04 11.90 60.87
C ALA A 139 -5.33 13.40 60.88
N ALA A 140 -5.00 14.10 59.80
CA ALA A 140 -5.27 15.54 59.78
C ALA A 140 -6.76 15.82 59.81
N GLU A 141 -7.54 14.97 59.14
CA GLU A 141 -8.98 15.17 59.06
C GLU A 141 -9.69 14.82 60.39
N PHE A 142 -9.33 13.70 61.01
CA PHE A 142 -10.14 13.12 62.07
C PHE A 142 -9.61 13.36 63.47
N ASN A 143 -8.30 13.41 63.68
CA ASN A 143 -7.76 13.56 65.03
C ASN A 143 -8.14 14.91 65.60
N LYS A 144 -8.49 14.93 66.89
CA LYS A 144 -9.06 16.13 67.52
C LYS A 144 -8.65 16.20 68.98
N ASP A 145 -8.27 17.41 69.42
CA ASP A 145 -7.76 17.73 70.76
C ASP A 145 -7.10 16.55 71.47
N GLY A 146 -5.96 16.08 70.95
CA GLY A 146 -5.21 15.02 71.57
C GLY A 146 -5.79 13.63 71.42
N LEU A 147 -7.01 13.49 70.91
CA LEU A 147 -7.62 12.18 70.70
C LEU A 147 -7.20 11.72 69.31
N ASN A 148 -6.06 11.03 69.25
CA ASN A 148 -5.44 10.69 67.98
C ASN A 148 -5.89 9.29 67.57
N ILE A 149 -7.11 9.23 67.05
CA ILE A 149 -7.64 7.94 66.64
C ILE A 149 -6.96 7.43 65.38
N VAL A 150 -6.29 8.28 64.60
CA VAL A 150 -5.48 7.82 63.48
C VAL A 150 -4.01 8.04 63.87
N ASP A 151 -3.29 6.94 64.09
CA ASP A 151 -1.91 7.03 64.55
C ASP A 151 -1.22 5.68 64.36
N HIS A 152 -0.67 5.41 63.18
CA HIS A 152 0.04 4.16 62.96
C HIS A 152 1.11 4.36 61.90
N TYR A 153 2.03 3.39 61.83
CA TYR A 153 3.17 3.45 60.95
C TYR A 153 2.97 2.57 59.72
N THR A 154 3.76 2.85 58.69
CA THR A 154 3.79 2.06 57.47
C THR A 154 5.21 1.55 57.29
N TYR A 155 5.41 0.25 57.45
CA TYR A 155 6.73 -0.34 57.34
C TYR A 155 6.86 -1.10 56.03
N VAL A 156 8.04 -0.97 55.39
CA VAL A 156 8.28 -1.63 54.10
C VAL A 156 9.60 -2.37 54.13
N PHE A 157 9.62 -3.58 53.59
CA PHE A 157 10.85 -4.26 53.22
C PHE A 157 11.01 -4.13 51.71
N MET A 158 12.19 -3.70 51.26
CA MET A 158 12.41 -3.64 49.82
C MET A 158 13.84 -4.06 49.50
N GLY A 159 14.05 -4.43 48.24
CA GLY A 159 15.33 -4.95 47.80
C GLY A 159 15.90 -4.16 46.64
N ASP A 160 17.01 -4.66 46.07
CA ASP A 160 17.73 -3.90 45.04
C ASP A 160 16.91 -3.78 43.75
N GLY A 161 16.14 -4.81 43.41
CA GLY A 161 15.32 -4.75 42.21
C GLY A 161 14.31 -3.62 42.29
N OCS A 162 13.69 -3.50 43.46
CA OCS A 162 12.73 -2.44 43.73
CB OCS A 162 12.24 -2.53 45.16
SG OCS A 162 11.30 -4.02 45.47
C OCS A 162 13.35 -1.08 43.52
O OCS A 162 12.74 -0.21 42.93
OD1 OCS A 162 11.27 -4.15 46.89
OD2 OCS A 162 10.00 -3.80 44.96
OD3 OCS A 162 11.93 -5.12 44.89
N LEU A 163 14.57 -0.93 44.03
CA LEU A 163 15.24 0.37 43.99
C LEU A 163 15.69 0.77 42.59
N MET A 164 15.97 -0.22 41.73
CA MET A 164 16.36 0.12 40.36
C MET A 164 15.19 0.63 39.55
N GLU A 165 13.99 0.15 39.86
CA GLU A 165 12.80 0.53 39.10
C GLU A 165 12.47 2.02 39.25
N GLY A 166 12.09 2.62 38.14
CA GLY A 166 11.76 4.04 38.14
C GLY A 166 10.59 4.39 39.03
N VAL A 167 9.64 3.47 39.22
CA VAL A 167 8.49 3.81 40.03
C VAL A 167 8.88 4.01 41.49
N SER A 168 9.99 3.41 41.94
CA SER A 168 10.47 3.66 43.29
C SER A 168 11.03 5.06 43.41
N HIS A 169 11.69 5.54 42.35
CA HIS A 169 12.15 6.93 42.32
C HIS A 169 10.98 7.90 42.45
N GLU A 170 9.93 7.70 41.64
CA GLU A 170 8.75 8.57 41.71
C GLU A 170 8.11 8.55 43.09
N ALA A 171 7.86 7.34 43.63
CA ALA A 171 7.13 7.29 44.90
C ALA A 171 7.96 7.87 46.04
N CYS A 172 9.24 7.53 46.12
CA CYS A 172 10.07 8.00 47.22
C CYS A 172 10.41 9.48 47.08
N SER A 173 10.56 9.98 45.86
CA SER A 173 10.70 11.42 45.66
C SER A 173 9.49 12.16 46.23
N LEU A 174 8.28 11.75 45.86
CA LEU A 174 7.08 12.41 46.35
C LEU A 174 6.92 12.23 47.86
N ALA A 175 7.26 11.05 48.37
CA ALA A 175 7.18 10.84 49.82
C ALA A 175 8.13 11.79 50.55
N GLY A 176 9.29 12.08 49.95
CA GLY A 176 10.20 13.03 50.57
C GLY A 176 9.63 14.43 50.63
N THR A 177 9.03 14.89 49.53
CA THR A 177 8.46 16.23 49.48
CA THR A 177 8.52 16.26 49.54
C THR A 177 7.33 16.39 50.49
N LEU A 178 6.52 15.33 50.67
CA LEU A 178 5.39 15.41 51.57
C LEU A 178 5.74 15.05 53.01
N GLY A 179 7.01 14.80 53.31
CA GLY A 179 7.47 14.58 54.67
C GLY A 179 6.77 13.47 55.42
N LEU A 180 6.68 12.28 54.82
CA LEU A 180 5.93 11.15 55.39
C LEU A 180 6.77 10.44 56.45
N GLY A 181 6.83 11.04 57.64
CA GLY A 181 7.69 10.55 58.70
C GLY A 181 7.27 9.22 59.31
N LYS A 182 6.06 8.77 59.06
CA LYS A 182 5.65 7.46 59.59
C LYS A 182 5.89 6.34 58.59
N LEU A 183 6.48 6.64 57.44
CA LEU A 183 6.89 5.64 56.46
C LEU A 183 8.33 5.25 56.75
N ILE A 184 8.55 3.97 57.02
CA ILE A 184 9.85 3.48 57.47
C ILE A 184 10.21 2.27 56.63
N VAL A 185 11.29 2.37 55.88
CA VAL A 185 11.71 1.36 54.92
C VAL A 185 12.96 0.65 55.44
N LEU A 186 12.93 -0.68 55.49
CA LEU A 186 14.13 -1.48 55.72
C LEU A 186 14.56 -2.09 54.41
N TYR A 187 15.73 -1.68 53.92
CA TYR A 187 16.27 -2.09 52.63
C TYR A 187 17.24 -3.25 52.84
N ASP A 188 16.97 -4.37 52.18
CA ASP A 188 17.81 -5.56 52.22
C ASP A 188 19.01 -5.35 51.31
N ASP A 189 20.08 -4.78 51.86
CA ASP A 189 21.28 -4.51 51.08
C ASP A 189 22.15 -5.77 51.17
N ASN A 190 21.98 -6.66 50.19
CA ASN A 190 22.66 -7.95 50.22
C ASN A 190 23.86 -8.00 49.28
N ASN A 191 24.53 -6.88 49.08
CA ASN A 191 25.61 -6.76 48.10
C ASN A 191 26.97 -6.69 48.80
N ILE A 192 28.00 -7.04 48.05
CA ILE A 192 29.36 -7.02 48.56
C ILE A 192 29.81 -5.58 48.85
N GLY A 200 28.42 -3.82 38.35
CA GLY A 200 28.18 -4.33 37.02
C GLY A 200 27.03 -3.65 36.33
N TRP A 201 25.90 -3.54 37.03
CA TRP A 201 24.73 -2.81 36.55
C TRP A 201 24.03 -2.02 37.64
N PHE A 202 24.42 -2.15 38.91
CA PHE A 202 23.79 -1.41 40.01
C PHE A 202 24.89 -0.94 40.93
N THR A 203 25.22 0.35 40.85
CA THR A 203 26.27 0.93 41.71
C THR A 203 25.79 2.20 42.39
N GLU A 204 24.49 2.42 42.47
CA GLU A 204 23.97 3.63 43.10
C GLU A 204 24.42 3.69 44.56
N ASN A 205 24.70 4.92 45.02
CA ASN A 205 24.90 5.20 46.44
C ASN A 205 23.51 5.45 47.03
N ILE A 206 22.91 4.40 47.59
CA ILE A 206 21.53 4.50 48.05
C ILE A 206 21.38 5.53 49.16
N PRO A 207 22.24 5.57 50.18
CA PRO A 207 22.08 6.64 51.18
C PRO A 207 22.12 8.03 50.55
N GLN A 208 23.03 8.28 49.62
CA GLN A 208 23.12 9.60 49.00
C GLN A 208 21.87 9.90 48.16
N ARG A 209 21.38 8.90 47.42
CA ARG A 209 20.16 9.08 46.63
C ARG A 209 18.97 9.45 47.51
N PHE A 210 18.80 8.72 48.62
CA PHE A 210 17.65 9.01 49.47
C PHE A 210 17.82 10.29 50.28
N GLU A 211 19.05 10.66 50.64
CA GLU A 211 19.26 12.01 51.16
C GLU A 211 18.76 13.06 50.17
N SER A 212 19.00 12.84 48.87
CA SER A 212 18.59 13.82 47.87
C SER A 212 17.08 13.91 47.73
N TYR A 213 16.34 12.87 48.12
CA TYR A 213 14.88 12.94 48.19
C TYR A 213 14.39 13.65 49.46
N GLY A 214 15.31 14.00 50.36
CA GLY A 214 14.92 14.55 51.64
C GLY A 214 14.58 13.51 52.69
N TRP A 215 15.00 12.27 52.51
CA TRP A 215 14.71 11.23 53.49
C TRP A 215 15.73 11.24 54.63
N HIS A 216 15.32 10.67 55.76
CA HIS A 216 16.23 10.28 56.83
C HIS A 216 16.85 8.92 56.48
N VAL A 217 18.17 8.80 56.60
CA VAL A 217 18.86 7.59 56.19
C VAL A 217 19.65 7.04 57.37
N VAL A 218 19.49 5.75 57.65
CA VAL A 218 20.38 5.05 58.58
C VAL A 218 21.22 4.08 57.76
N PRO A 219 22.46 4.43 57.44
CA PRO A 219 23.29 3.54 56.62
C PRO A 219 24.01 2.48 57.45
N ASN A 220 24.40 1.42 56.73
CA ASN A 220 25.35 0.41 57.20
CA ASN A 220 25.38 0.46 57.23
C ASN A 220 24.93 -0.23 58.53
N VAL A 221 23.68 -0.66 58.57
CA VAL A 221 23.18 -1.39 59.73
C VAL A 221 23.48 -2.87 59.52
N ASN A 222 24.01 -3.53 60.54
CA ASN A 222 24.17 -4.98 60.49
C ASN A 222 22.79 -5.62 60.46
N GLY A 223 22.39 -6.14 59.28
CA GLY A 223 21.08 -6.73 59.06
C GLY A 223 20.82 -8.05 59.74
N HIS A 224 21.79 -8.63 60.45
CA HIS A 224 21.58 -9.83 61.25
C HIS A 224 21.76 -9.56 62.73
N ASP A 225 21.86 -8.29 63.13
CA ASP A 225 22.02 -7.90 64.53
C ASP A 225 20.73 -7.25 64.97
N THR A 226 19.92 -7.96 65.77
CA THR A 226 18.62 -7.40 66.14
CA THR A 226 18.62 -7.42 66.17
C THR A 226 18.77 -6.14 66.99
N ALA A 227 19.84 -6.05 67.78
CA ALA A 227 20.06 -4.84 68.58
C ALA A 227 20.28 -3.63 67.68
N ALA A 228 21.11 -3.80 66.65
CA ALA A 228 21.37 -2.73 65.71
C ALA A 228 20.11 -2.35 64.93
N ILE A 229 19.32 -3.35 64.52
CA ILE A 229 18.11 -3.03 63.77
C ILE A 229 17.11 -2.32 64.66
N GLN A 230 16.96 -2.76 65.91
CA GLN A 230 15.99 -2.10 66.78
CA GLN A 230 16.03 -2.12 66.83
C GLN A 230 16.38 -0.65 67.01
N THR A 231 17.66 -0.37 67.23
CA THR A 231 18.12 1.00 67.44
CA THR A 231 18.06 1.01 67.45
C THR A 231 17.89 1.85 66.20
N ALA A 232 18.12 1.27 65.02
CA ALA A 232 17.88 2.03 63.79
C ALA A 232 16.40 2.36 63.62
N ILE A 233 15.52 1.40 63.91
CA ILE A 233 14.09 1.66 63.80
C ILE A 233 13.66 2.73 64.81
N GLU A 234 14.21 2.67 66.03
CA GLU A 234 13.95 3.73 67.00
C GLU A 234 14.35 5.09 66.44
N ALA A 235 15.51 5.17 65.79
CA ALA A 235 15.93 6.46 65.23
C ALA A 235 15.00 6.90 64.10
N ALA A 236 14.52 5.95 63.31
CA ALA A 236 13.56 6.28 62.24
C ALA A 236 12.27 6.83 62.83
N ARG A 237 11.75 6.19 63.89
CA ARG A 237 10.49 6.64 64.46
C ARG A 237 10.61 8.05 65.05
N ALA A 238 11.79 8.41 65.56
CA ALA A 238 12.00 9.72 66.14
C ALA A 238 12.07 10.84 65.10
N GLU A 239 12.45 10.51 63.88
CA GLU A 239 12.48 11.46 62.77
C GLU A 239 11.05 11.61 62.24
N THR A 240 10.27 12.51 62.84
CA THR A 240 8.84 12.58 62.52
C THR A 240 8.57 13.37 61.24
N GLY A 241 9.52 14.14 60.75
CA GLY A 241 9.29 14.97 59.59
C GLY A 241 9.73 14.40 58.26
N LYS A 242 10.39 13.23 58.23
CA LYS A 242 10.91 12.68 56.98
C LYS A 242 10.69 11.17 56.97
N PRO A 243 10.37 10.58 55.82
CA PRO A 243 10.40 9.11 55.71
C PRO A 243 11.83 8.64 55.92
N SER A 244 11.96 7.40 56.38
CA SER A 244 13.26 6.83 56.72
C SER A 244 13.56 5.60 55.89
N ILE A 245 14.82 5.45 55.47
CA ILE A 245 15.29 4.19 54.91
C ILE A 245 16.44 3.70 55.76
N ILE A 246 16.37 2.42 56.14
CA ILE A 246 17.38 1.79 56.98
C ILE A 246 18.09 0.76 56.12
N CYS A 247 19.37 0.98 55.88
CA CYS A 247 20.16 0.16 54.96
C CYS A 247 20.72 -1.02 55.72
N CYS A 248 20.10 -2.20 55.53
CA CYS A 248 20.42 -3.40 56.31
C CYS A 248 21.36 -4.29 55.49
N LYS A 249 22.62 -4.37 55.90
CA LYS A 249 23.60 -5.21 55.23
C LYS A 249 23.38 -6.65 55.67
N THR A 250 22.98 -7.51 54.74
CA THR A 250 22.68 -8.90 55.02
C THR A 250 23.67 -9.80 54.28
N LEU A 251 23.71 -11.06 54.68
CA LEU A 251 24.61 -12.03 54.06
C LEU A 251 23.89 -13.36 53.81
N GLU A 276 20.04 -28.57 54.94
CA GLU A 276 20.12 -29.36 56.16
C GLU A 276 21.42 -29.06 56.93
N ALA A 277 22.51 -28.86 56.19
CA ALA A 277 23.77 -28.54 56.83
C ALA A 277 23.71 -27.15 57.45
N THR A 278 23.36 -26.14 56.66
CA THR A 278 23.14 -24.80 57.19
C THR A 278 22.14 -24.82 58.34
N ARG A 279 21.14 -25.70 58.23
CA ARG A 279 20.10 -25.90 59.24
C ARG A 279 20.70 -26.12 60.64
N LYS A 280 21.35 -27.27 60.84
CA LYS A 280 21.94 -27.56 62.14
C LYS A 280 23.16 -26.68 62.42
N HIS A 281 23.74 -26.06 61.40
CA HIS A 281 24.81 -25.09 61.62
C HIS A 281 24.26 -23.80 62.23
N LEU A 282 23.24 -23.21 61.60
CA LEU A 282 22.57 -22.06 62.18
C LEU A 282 21.81 -22.38 63.46
N GLY A 283 21.84 -23.64 63.91
CA GLY A 283 21.25 -24.02 65.17
C GLY A 283 19.81 -24.48 65.11
N TRP A 284 19.21 -24.59 63.92
CA TRP A 284 17.84 -25.06 63.78
C TRP A 284 17.86 -26.52 63.32
N ALA A 285 17.53 -27.43 64.23
CA ALA A 285 17.62 -28.85 63.94
C ALA A 285 16.26 -29.54 63.83
N TYR A 286 15.17 -28.81 64.00
CA TYR A 286 13.86 -29.42 63.84
C TYR A 286 13.64 -29.78 62.37
N PRO A 287 12.98 -30.91 62.09
CA PRO A 287 12.71 -31.27 60.70
C PRO A 287 11.71 -30.31 60.07
N ALA A 288 11.61 -30.41 58.74
CA ALA A 288 10.76 -29.52 57.96
C ALA A 288 9.36 -29.43 58.55
N PHE A 289 8.93 -28.19 58.78
CA PHE A 289 7.59 -27.80 59.21
C PHE A 289 7.30 -28.17 60.65
N GLU A 290 8.24 -28.81 61.36
CA GLU A 290 8.09 -29.05 62.79
C GLU A 290 8.53 -27.81 63.56
N ILE A 291 7.62 -27.28 64.39
CA ILE A 291 7.91 -26.11 65.20
C ILE A 291 7.50 -26.42 66.64
N PRO A 292 8.41 -26.30 67.62
CA PRO A 292 8.06 -26.63 68.99
C PRO A 292 7.11 -25.60 69.60
N GLN A 293 6.33 -26.07 70.58
CA GLN A 293 5.33 -25.20 71.20
C GLN A 293 5.96 -23.94 71.78
N GLU A 294 7.14 -24.06 72.38
CA GLU A 294 7.78 -22.90 73.00
C GLU A 294 8.00 -21.78 72.01
N ILE A 295 8.30 -22.12 70.76
CA ILE A 295 8.54 -21.09 69.77
C ILE A 295 7.23 -20.48 69.27
N TYR A 296 6.18 -21.31 69.09
CA TYR A 296 4.86 -20.76 68.80
C TYR A 296 4.41 -19.80 69.89
N ASP A 297 4.64 -20.17 71.16
CA ASP A 297 4.20 -19.34 72.27
C ASP A 297 4.91 -17.99 72.26
N ALA A 298 6.22 -17.98 71.97
CA ALA A 298 6.97 -16.74 71.96
C ALA A 298 6.55 -15.85 70.79
N TRP A 299 6.19 -16.46 69.66
CA TRP A 299 5.83 -15.70 68.47
C TRP A 299 4.38 -15.25 68.48
N ASN A 300 3.51 -15.95 69.20
CA ASN A 300 2.09 -15.65 69.10
C ASN A 300 1.78 -14.22 69.52
N ALA A 301 0.93 -13.56 68.74
CA ALA A 301 0.62 -12.15 68.96
C ALA A 301 -0.83 -11.91 69.36
N LYS A 302 -1.59 -12.96 69.71
CA LYS A 302 -3.01 -12.77 69.97
C LYS A 302 -3.26 -12.02 71.27
N GLU A 303 -2.50 -12.33 72.33
CA GLU A 303 -2.70 -11.64 73.60
C GLU A 303 -2.36 -10.16 73.47
N LYS A 304 -1.20 -9.85 72.87
CA LYS A 304 -0.77 -8.47 72.69
C LYS A 304 -1.64 -7.74 71.67
N GLY A 305 -2.01 -8.42 70.59
CA GLY A 305 -2.92 -7.82 69.62
C GLY A 305 -4.28 -7.48 70.22
N ALA A 306 -4.83 -8.38 71.04
CA ALA A 306 -6.11 -8.09 71.66
C ALA A 306 -6.03 -6.87 72.55
N LYS A 307 -4.96 -6.76 73.35
CA LYS A 307 -4.81 -5.62 74.24
C LYS A 307 -4.64 -4.34 73.45
N LEU A 308 -3.94 -4.42 72.31
CA LEU A 308 -3.79 -3.27 71.44
C LEU A 308 -5.14 -2.76 70.96
N GLU A 309 -5.96 -3.63 70.37
CA GLU A 309 -7.24 -3.19 69.82
C GLU A 309 -8.19 -2.74 70.91
N ALA A 310 -8.16 -3.41 72.07
CA ALA A 310 -8.96 -2.96 73.19
C ALA A 310 -8.58 -1.55 73.61
N GLY A 311 -7.28 -1.27 73.68
CA GLY A 311 -6.84 0.07 74.03
C GLY A 311 -7.28 1.11 73.00
N TRP A 312 -7.17 0.78 71.72
CA TRP A 312 -7.68 1.69 70.70
C TRP A 312 -9.19 1.86 70.81
N ASN A 313 -9.92 0.76 71.10
CA ASN A 313 -11.37 0.87 71.21
C ASN A 313 -11.78 1.82 72.33
N GLU A 314 -11.01 1.84 73.43
CA GLU A 314 -11.31 2.78 74.51
C GLU A 314 -11.09 4.22 74.05
N LEU A 315 -10.04 4.46 73.28
CA LEU A 315 -9.79 5.79 72.75
C LEU A 315 -10.90 6.20 71.79
N PHE A 316 -11.31 5.29 70.92
CA PHE A 316 -12.38 5.60 69.97
C PHE A 316 -13.70 5.86 70.69
N ALA A 317 -13.94 5.20 71.83
CA ALA A 317 -15.15 5.48 72.59
C ALA A 317 -15.13 6.90 73.17
N GLN A 318 -13.99 7.32 73.72
CA GLN A 318 -13.85 8.71 74.14
C GLN A 318 -14.08 9.65 72.96
N TYR A 319 -13.53 9.30 71.79
CA TYR A 319 -13.75 10.09 70.59
C TYR A 319 -15.23 10.10 70.21
N GLN A 320 -15.85 8.91 70.18
CA GLN A 320 -17.24 8.82 69.77
C GLN A 320 -18.16 9.60 70.71
N ALA A 321 -17.81 9.68 71.99
CA ALA A 321 -18.62 10.46 72.93
C ALA A 321 -18.58 11.94 72.59
N LYS A 322 -17.41 12.44 72.20
CA LYS A 322 -17.27 13.86 71.89
C LYS A 322 -17.56 14.19 70.43
N TYR A 323 -17.29 13.27 69.50
CA TYR A 323 -17.44 13.54 68.07
C TYR A 323 -18.20 12.40 67.40
N PRO A 324 -19.49 12.25 67.71
CA PRO A 324 -20.22 11.05 67.22
C PRO A 324 -20.44 11.04 65.72
N ALA A 325 -20.74 12.19 65.11
CA ALA A 325 -20.90 12.22 63.66
C ALA A 325 -19.60 11.90 62.94
N GLU A 326 -18.48 12.50 63.41
CA GLU A 326 -17.17 12.16 62.87
C GLU A 326 -16.84 10.69 63.10
N ALA A 327 -17.16 10.17 64.30
CA ALA A 327 -16.89 8.77 64.59
C ALA A 327 -17.63 7.86 63.62
N ALA A 328 -18.90 8.16 63.36
CA ALA A 328 -19.69 7.36 62.43
C ALA A 328 -19.15 7.47 61.01
N GLU A 329 -18.69 8.65 60.62
CA GLU A 329 -18.10 8.78 59.29
C GLU A 329 -16.79 8.01 59.18
N PHE A 330 -16.01 7.95 60.27
CA PHE A 330 -14.75 7.22 60.24
C PHE A 330 -15.00 5.74 60.00
N VAL A 331 -15.96 5.16 60.73
CA VAL A 331 -16.30 3.75 60.57
C VAL A 331 -16.80 3.49 59.16
N ARG A 332 -17.73 4.31 58.67
CA ARG A 332 -18.25 4.15 57.33
C ARG A 332 -17.12 4.12 56.31
N ARG A 333 -16.20 5.08 56.42
CA ARG A 333 -15.17 5.25 55.40
C ARG A 333 -14.08 4.20 55.53
N MET A 334 -13.69 3.84 56.77
CA MET A 334 -12.73 2.77 56.94
C MET A 334 -13.31 1.44 56.50
N ASP A 335 -14.63 1.26 56.66
CA ASP A 335 -15.32 0.08 56.16
C ASP A 335 -15.52 0.11 54.66
N LYS A 336 -15.12 1.19 53.99
CA LYS A 336 -15.19 1.30 52.54
C LYS A 336 -16.64 1.22 52.06
N LYS A 337 -17.54 1.91 52.76
CA LYS A 337 -18.96 1.93 52.43
C LYS A 337 -19.36 3.34 51.97
N LEU A 338 -20.34 3.39 51.09
CA LEU A 338 -20.85 4.67 50.60
C LEU A 338 -21.96 5.18 51.51
N PRO A 339 -22.25 6.49 51.45
CA PRO A 339 -23.38 7.01 52.21
C PRO A 339 -24.67 6.32 51.80
N GLU A 340 -25.57 6.17 52.78
CA GLU A 340 -26.81 5.43 52.55
C GLU A 340 -27.65 6.04 51.42
N ASN A 341 -27.56 7.35 51.22
CA ASN A 341 -28.40 8.03 50.24
C ASN A 341 -27.71 8.23 48.89
N PHE A 342 -26.65 7.46 48.60
CA PHE A 342 -25.84 7.76 47.43
C PHE A 342 -26.65 7.72 46.15
N ASP A 343 -27.43 6.65 45.95
CA ASP A 343 -28.14 6.49 44.69
C ASP A 343 -29.20 7.56 44.50
N GLU A 344 -29.95 7.88 45.57
CA GLU A 344 -30.95 8.93 45.46
C GLU A 344 -30.30 10.28 45.20
N TYR A 345 -29.12 10.50 45.81
CA TYR A 345 -28.37 11.74 45.55
C TYR A 345 -27.97 11.83 44.09
N VAL A 346 -27.42 10.74 43.55
CA VAL A 346 -26.98 10.74 42.16
C VAL A 346 -28.17 10.93 41.22
N GLN A 347 -29.30 10.27 41.53
CA GLN A 347 -30.48 10.38 40.68
C GLN A 347 -30.98 11.82 40.63
N THR A 348 -31.01 12.51 41.76
CA THR A 348 -31.42 13.91 41.77
C THR A 348 -30.45 14.77 40.98
N ALA A 349 -29.14 14.56 41.15
CA ALA A 349 -28.15 15.35 40.44
C ALA A 349 -28.21 15.12 38.93
N LEU A 350 -28.49 13.89 38.52
CA LEU A 350 -28.60 13.59 37.09
C LEU A 350 -29.73 14.39 36.46
N LYS A 351 -30.89 14.42 37.12
CA LYS A 351 -32.02 15.20 36.60
C LYS A 351 -31.66 16.67 36.45
N GLU A 352 -30.83 17.21 37.36
CA GLU A 352 -30.42 18.60 37.25
C GLU A 352 -29.40 18.79 36.12
N VAL A 353 -28.50 17.83 35.94
CA VAL A 353 -27.56 17.90 34.83
C VAL A 353 -28.30 17.92 33.50
N CYS A 354 -29.37 17.14 33.39
CA CYS A 354 -30.14 17.13 32.16
CA CYS A 354 -30.18 17.11 32.18
C CYS A 354 -30.87 18.45 31.95
N ALA A 355 -31.35 19.07 33.02
CA ALA A 355 -32.00 20.38 32.90
C ALA A 355 -31.08 21.42 32.31
N LYS A 356 -29.76 21.25 32.46
CA LYS A 356 -28.82 22.25 31.95
C LYS A 356 -28.52 22.02 30.48
N ALA A 357 -28.38 20.75 30.07
CA ALA A 357 -28.17 20.38 28.67
C ALA A 357 -27.01 21.15 28.05
N GLU A 358 -25.85 21.10 28.73
CA GLU A 358 -24.67 21.83 28.29
C GLU A 358 -23.89 21.05 27.24
N THR A 359 -23.44 21.74 26.21
CA THR A 359 -22.47 21.18 25.27
C THR A 359 -21.09 21.69 25.70
N VAL A 360 -20.35 20.82 26.38
CA VAL A 360 -19.00 21.09 26.84
C VAL A 360 -18.14 19.86 26.52
N ALA A 361 -16.83 20.04 26.61
CA ALA A 361 -15.93 18.89 26.57
C ALA A 361 -16.19 17.99 27.77
N THR A 362 -16.02 16.67 27.58
CA THR A 362 -16.31 15.84 28.73
C THR A 362 -15.25 15.92 29.81
N ARG A 363 -14.06 16.50 29.53
CA ARG A 363 -13.16 16.81 30.64
C ARG A 363 -13.76 17.87 31.54
N LYS A 364 -14.54 18.79 30.97
CA LYS A 364 -15.27 19.74 31.80
C LYS A 364 -16.47 19.08 32.47
N ALA A 365 -17.15 18.17 31.75
CA ALA A 365 -18.21 17.37 32.37
C ALA A 365 -17.65 16.54 33.52
N SER A 366 -16.41 16.06 33.38
CA SER A 366 -15.76 15.34 34.47
C SER A 366 -15.59 16.24 35.70
N GLN A 367 -15.04 17.45 35.49
CA GLN A 367 -14.85 18.37 36.61
C GLN A 367 -16.18 18.73 37.26
N ASN A 368 -17.23 18.87 36.45
CA ASN A 368 -18.56 19.10 37.00
C ASN A 368 -19.05 17.90 37.81
N SER A 369 -18.81 16.68 37.31
CA SER A 369 -19.20 15.48 38.04
C SER A 369 -18.43 15.35 39.35
N ILE A 370 -17.14 15.68 39.32
CA ILE A 370 -16.33 15.65 40.53
C ILE A 370 -16.93 16.58 41.57
N GLU A 371 -17.31 17.79 41.15
CA GLU A 371 -17.93 18.74 42.07
C GLU A 371 -19.16 18.13 42.71
N ILE A 372 -20.03 17.53 41.89
CA ILE A 372 -21.26 16.91 42.39
C ILE A 372 -20.94 15.81 43.37
N LEU A 373 -20.01 14.91 43.00
CA LEU A 373 -19.69 13.77 43.86
C LEU A 373 -19.01 14.20 45.15
N ALA A 374 -18.15 15.22 45.08
CA ALA A 374 -17.40 15.65 46.24
C ALA A 374 -18.31 16.15 47.35
N LYS A 375 -19.45 16.77 46.98
CA LYS A 375 -20.40 17.20 48.00
C LYS A 375 -20.90 16.02 48.82
N GLU A 376 -21.02 14.87 48.18
CA GLU A 376 -21.61 13.68 48.78
C GLU A 376 -20.57 12.75 49.39
N LEU A 377 -19.34 12.76 48.87
CA LEU A 377 -18.28 11.84 49.28
C LEU A 377 -17.14 12.60 49.93
N PRO A 378 -17.22 12.88 51.23
CA PRO A 378 -16.08 13.52 51.91
C PRO A 378 -14.81 12.68 51.84
N GLU A 379 -14.92 11.38 51.56
CA GLU A 379 -13.73 10.55 51.43
C GLU A 379 -12.99 10.78 50.13
N LEU A 380 -13.54 11.57 49.20
CA LEU A 380 -12.96 11.71 47.88
C LEU A 380 -11.61 12.42 47.98
N VAL A 381 -10.60 11.86 47.30
CA VAL A 381 -9.27 12.44 47.24
C VAL A 381 -8.85 12.45 45.78
N GLY A 382 -8.69 13.63 45.21
CA GLY A 382 -8.34 13.77 43.81
C GLY A 382 -6.84 13.96 43.62
N GLY A 383 -6.46 14.07 42.35
CA GLY A 383 -5.11 14.45 42.02
C GLY A 383 -4.88 14.31 40.54
N SER A 384 -3.68 14.72 40.13
CA SER A 384 -3.28 14.68 38.73
CA SER A 384 -3.28 14.59 38.73
C SER A 384 -1.77 14.60 38.66
N ALA A 385 -1.26 14.05 37.56
CA ALA A 385 0.18 13.98 37.32
C ALA A 385 0.64 15.23 36.55
N ASP A 386 0.64 16.36 37.27
CA ASP A 386 1.08 17.67 36.75
C ASP A 386 0.23 18.13 35.57
N LEU A 387 -1.05 17.77 35.57
CA LEU A 387 -1.92 18.21 34.48
C LEU A 387 -3.23 18.75 35.02
N THR A 388 -3.18 19.42 36.18
CA THR A 388 -4.40 19.91 36.80
C THR A 388 -5.15 20.89 35.91
N PRO A 389 -4.51 21.89 35.28
CA PRO A 389 -5.27 22.79 34.39
C PRO A 389 -5.72 22.13 33.10
N SER A 390 -5.19 20.95 32.77
CA SER A 390 -5.55 20.20 31.57
C SER A 390 -6.55 19.09 31.82
N ASN A 391 -6.36 18.31 32.89
CA ASN A 391 -7.30 17.25 33.21
C ASN A 391 -8.56 17.78 33.90
N LEU A 392 -8.50 19.00 34.45
CA LEU A 392 -9.64 19.59 35.14
C LEU A 392 -10.11 18.71 36.30
N THR A 393 -9.17 18.45 37.22
CA THR A 393 -9.38 17.50 38.31
C THR A 393 -9.59 18.16 39.66
N ASP A 394 -9.34 19.45 39.80
CA ASP A 394 -9.66 20.08 41.07
C ASP A 394 -11.11 20.54 41.01
N TRP A 395 -11.66 20.81 42.18
CA TRP A 395 -13.01 21.34 42.25
C TRP A 395 -13.00 22.51 43.20
N SER A 396 -14.17 23.09 43.45
CA SER A 396 -14.22 24.34 44.19
C SER A 396 -13.62 24.17 45.58
N ASN A 397 -13.70 22.98 46.16
CA ASN A 397 -13.28 22.74 47.55
C ASN A 397 -12.09 21.79 47.67
N SER A 398 -11.32 21.58 46.60
CA SER A 398 -10.13 20.77 46.74
C SER A 398 -9.07 21.54 47.52
N VAL A 399 -8.45 20.87 48.48
CA VAL A 399 -7.38 21.44 49.30
C VAL A 399 -6.14 20.60 49.04
N SER A 400 -5.08 21.24 48.55
CA SER A 400 -3.87 20.52 48.19
C SER A 400 -3.17 19.99 49.44
N VAL A 401 -2.82 18.70 49.41
CA VAL A 401 -2.05 18.11 50.51
C VAL A 401 -0.64 18.68 50.46
N THR A 402 -0.10 19.03 51.64
CA THR A 402 1.24 19.56 51.76
C THR A 402 2.00 18.80 52.83
N ARG A 403 3.29 19.11 52.95
CA ARG A 403 4.11 18.51 54.01
C ARG A 403 3.51 18.77 55.39
N ASP A 404 2.96 19.96 55.61
CA ASP A 404 2.52 20.35 56.94
C ASP A 404 1.03 20.19 57.21
N LYS A 405 0.23 19.87 56.19
CA LYS A 405 -1.22 19.87 56.39
C LYS A 405 -1.85 18.77 55.55
N GLY A 406 -3.05 18.36 55.95
CA GLY A 406 -3.83 17.40 55.19
C GLY A 406 -4.53 18.07 54.02
N GLY A 407 -5.40 17.30 53.39
CA GLY A 407 -6.17 17.82 52.27
C GLY A 407 -6.90 16.69 51.57
N ASN A 408 -7.43 17.01 50.38
CA ASN A 408 -8.11 16.00 49.57
C ASN A 408 -7.68 16.06 48.11
N TYR A 409 -6.53 16.69 47.83
CA TYR A 409 -6.04 16.77 46.47
C TYR A 409 -4.53 16.59 46.49
N ILE A 410 -4.02 15.70 45.64
CA ILE A 410 -2.59 15.38 45.62
C ILE A 410 -2.01 15.84 44.29
N HIS A 411 -1.00 16.69 44.35
CA HIS A 411 -0.21 17.03 43.18
C HIS A 411 0.87 15.95 43.04
N TYR A 412 0.65 15.00 42.14
CA TYR A 412 1.60 13.91 42.00
C TYR A 412 2.88 14.29 41.26
N GLY A 413 2.92 15.45 40.61
CA GLY A 413 4.05 15.75 39.74
C GLY A 413 4.02 14.89 38.48
N VAL A 414 5.13 14.93 37.73
CA VAL A 414 5.23 14.21 36.47
C VAL A 414 5.63 12.77 36.78
N ARG A 415 4.69 12.01 37.37
CA ARG A 415 4.96 10.71 37.98
C ARG A 415 3.71 9.85 37.81
N GLU A 416 3.41 9.40 36.58
CA GLU A 416 2.16 8.67 36.36
C GLU A 416 2.19 7.30 37.00
N PHE A 417 3.27 6.55 36.83
CA PHE A 417 3.35 5.22 37.44
C PHE A 417 3.28 5.33 38.96
N GLY A 418 4.03 6.28 39.52
CA GLY A 418 3.94 6.49 40.96
C GLY A 418 2.52 6.83 41.39
N MET A 419 1.86 7.71 40.66
CA MET A 419 0.48 8.06 40.98
C MET A 419 -0.42 6.83 41.02
N GLY A 420 -0.37 6.01 39.97
CA GLY A 420 -1.26 4.87 39.92
C GLY A 420 -1.02 3.91 41.06
N ALA A 421 0.25 3.60 41.34
CA ALA A 421 0.53 2.65 42.40
C ALA A 421 0.30 3.27 43.78
N ILE A 422 0.52 4.59 43.92
CA ILE A 422 0.17 5.26 45.18
C ILE A 422 -1.33 5.21 45.40
N MET A 423 -2.12 5.44 44.34
CA MET A 423 -3.57 5.37 44.51
CA MET A 423 -3.58 5.36 44.48
C MET A 423 -4.01 3.99 44.96
N ASN A 424 -3.37 2.93 44.44
CA ASN A 424 -3.67 1.60 44.92
C ASN A 424 -3.46 1.51 46.44
N GLY A 425 -2.36 2.09 46.93
CA GLY A 425 -2.13 2.12 48.37
C GLY A 425 -3.15 2.95 49.14
N LEU A 426 -3.52 4.10 48.58
CA LEU A 426 -4.55 4.93 49.22
C LEU A 426 -5.84 4.13 49.41
N VAL A 427 -6.27 3.43 48.35
CA VAL A 427 -7.54 2.74 48.49
CA VAL A 427 -7.51 2.63 48.38
C VAL A 427 -7.41 1.51 49.38
N LEU A 428 -6.26 0.81 49.36
CA LEU A 428 -6.10 -0.35 50.23
C LEU A 428 -6.20 0.03 51.69
N HIS A 429 -5.74 1.23 52.03
CA HIS A 429 -5.69 1.62 53.44
C HIS A 429 -7.08 1.63 54.07
N GLY A 430 -8.11 2.01 53.32
CA GLY A 430 -9.39 2.36 53.92
C GLY A 430 -9.45 3.82 54.28
N GLY A 431 -10.66 4.39 54.23
CA GLY A 431 -10.93 5.75 54.68
C GLY A 431 -10.98 6.80 53.59
N VAL A 432 -10.41 6.54 52.41
CA VAL A 432 -10.41 7.50 51.32
C VAL A 432 -10.75 6.78 50.02
N LYS A 433 -11.30 7.53 49.07
CA LYS A 433 -11.60 7.04 47.72
C LYS A 433 -10.84 7.92 46.73
N PRO A 434 -9.71 7.46 46.19
CA PRO A 434 -8.90 8.33 45.36
C PRO A 434 -9.23 8.24 43.89
N PHE A 435 -9.02 9.36 43.21
CA PHE A 435 -8.94 9.37 41.76
C PHE A 435 -7.69 10.15 41.38
N GLY A 436 -7.17 9.85 40.19
CA GLY A 436 -5.98 10.52 39.73
C GLY A 436 -5.95 10.57 38.21
N ALA A 437 -5.58 11.71 37.64
CA ALA A 437 -5.72 11.90 36.20
C ALA A 437 -4.39 12.15 35.51
N THR A 438 -4.35 11.74 34.23
CA THR A 438 -3.32 12.15 33.31
C THR A 438 -3.93 12.09 31.91
N PHE A 439 -3.14 12.45 30.90
CA PHE A 439 -3.60 12.25 29.53
C PHE A 439 -3.77 10.75 29.26
N LEU A 440 -4.77 10.42 28.44
CA LEU A 440 -5.00 9.01 28.12
C LEU A 440 -3.74 8.32 27.60
N MET A 441 -2.92 9.03 26.81
CA MET A 441 -1.71 8.38 26.30
C MET A 441 -0.86 7.84 27.45
N PHE A 442 -0.79 8.58 28.56
CA PHE A 442 0.14 8.20 29.60
C PHE A 442 -0.46 7.23 30.60
N SER A 443 -1.66 6.71 30.31
CA SER A 443 -2.03 5.41 30.86
C SER A 443 -0.91 4.40 30.63
N GLU A 444 -0.16 4.55 29.54
CA GLU A 444 0.90 3.59 29.25
C GLU A 444 2.06 3.68 30.25
N TYR A 445 2.27 4.87 30.82
CA TYR A 445 3.31 5.00 31.85
C TYR A 445 2.92 4.32 33.16
N GLU A 446 1.63 4.19 33.45
CA GLU A 446 1.17 3.61 34.71
C GLU A 446 0.43 2.29 34.48
N ARG A 447 0.68 1.65 33.34
CA ARG A 447 -0.21 0.57 32.89
C ARG A 447 -0.30 -0.57 33.90
N ASN A 448 0.84 -1.01 34.46
CA ASN A 448 0.74 -2.21 35.29
C ASN A 448 0.09 -1.90 36.64
N ALA A 449 0.12 -0.63 37.06
CA ALA A 449 -0.62 -0.26 38.27
C ALA A 449 -2.11 -0.39 38.06
N LEU A 450 -2.60 0.01 36.88
CA LEU A 450 -3.99 -0.22 36.51
C LEU A 450 -4.34 -1.70 36.60
N ARG A 451 -3.48 -2.55 36.03
CA ARG A 451 -3.73 -3.98 36.04
C ARG A 451 -3.70 -4.53 37.46
N MET A 452 -2.78 -4.05 38.28
CA MET A 452 -2.68 -4.55 39.66
C MET A 452 -3.90 -4.15 40.48
N ALA A 453 -4.45 -2.96 40.23
CA ALA A 453 -5.71 -2.59 40.89
C ALA A 453 -6.82 -3.57 40.53
N ALA A 454 -6.92 -3.93 39.26
CA ALA A 454 -7.94 -4.87 38.82
C ALA A 454 -7.73 -6.26 39.43
N LEU A 455 -6.46 -6.69 39.49
CA LEU A 455 -6.14 -7.98 40.08
C LEU A 455 -6.45 -8.01 41.57
N MET A 456 -6.19 -6.91 42.27
CA MET A 456 -6.46 -6.83 43.69
C MET A 456 -7.94 -6.67 44.00
N LYS A 457 -8.76 -6.41 42.98
CA LYS A 457 -10.20 -6.18 43.17
C LYS A 457 -10.45 -4.99 44.08
N ILE A 458 -9.70 -3.90 43.86
CA ILE A 458 -9.89 -2.66 44.59
C ILE A 458 -10.46 -1.61 43.63
N ASN A 459 -10.86 -0.47 44.19
CA ASN A 459 -11.61 0.46 43.34
C ASN A 459 -11.05 1.88 43.22
N PRO A 460 -9.77 2.07 42.92
CA PRO A 460 -9.32 3.42 42.53
C PRO A 460 -9.96 3.80 41.21
N VAL A 461 -10.05 5.10 40.97
CA VAL A 461 -10.64 5.62 39.75
C VAL A 461 -9.54 6.30 38.96
N PHE A 462 -9.18 5.72 37.82
CA PHE A 462 -8.17 6.29 36.93
C PHE A 462 -8.85 7.19 35.90
N VAL A 463 -8.49 8.48 35.92
CA VAL A 463 -9.11 9.48 35.04
C VAL A 463 -8.14 9.79 33.91
N PHE A 464 -8.67 9.90 32.69
CA PHE A 464 -7.86 10.20 31.52
C PHE A 464 -8.57 11.25 30.68
N THR A 465 -7.84 12.28 30.26
CA THR A 465 -8.40 13.29 29.37
C THR A 465 -7.59 13.32 28.07
N HIS A 466 -8.08 14.09 27.10
CA HIS A 466 -7.42 14.22 25.80
C HIS A 466 -7.34 12.84 25.11
N ASP A 467 -8.51 12.35 24.73
CA ASP A 467 -8.70 10.92 24.48
C ASP A 467 -8.54 10.51 23.02
N SER A 468 -8.31 11.43 22.09
CA SER A 468 -8.28 11.04 20.68
C SER A 468 -7.49 12.07 19.89
N ILE A 469 -7.47 11.90 18.55
CA ILE A 469 -6.93 12.93 17.67
C ILE A 469 -7.65 14.26 17.89
N GLY A 470 -8.81 14.23 18.53
CA GLY A 470 -9.51 15.45 18.87
C GLY A 470 -8.73 16.40 19.76
N LEU A 471 -7.63 15.94 20.37
CA LEU A 471 -6.80 16.86 21.12
C LEU A 471 -6.02 17.81 20.20
N GLY A 472 -5.82 17.45 18.93
CA GLY A 472 -5.32 18.39 17.95
C GLY A 472 -3.79 18.47 17.90
N GLU A 473 -3.26 19.69 18.03
CA GLU A 473 -1.93 20.03 17.53
C GLU A 473 -0.77 19.31 18.23
N ASP A 474 -0.95 18.84 19.46
CA ASP A 474 0.16 18.17 20.14
C ASP A 474 0.66 16.95 19.37
N GLY A 475 -0.17 16.35 18.51
CA GLY A 475 0.34 15.39 17.54
C GLY A 475 0.42 13.95 18.02
N PRO A 476 1.00 13.09 17.17
CA PRO A 476 0.85 11.64 17.36
C PRO A 476 1.51 11.08 18.62
N THR A 477 2.48 11.76 19.25
CA THR A 477 3.01 11.21 20.50
C THR A 477 1.98 11.28 21.63
N HIS A 478 1.01 12.19 21.53
CA HIS A 478 0.00 12.38 22.55
C HIS A 478 -1.38 11.88 22.17
N GLN A 479 -1.70 11.82 20.88
CA GLN A 479 -3.03 11.43 20.39
C GLN A 479 -3.28 9.94 20.58
N PRO A 480 -4.18 9.54 21.48
CA PRO A 480 -4.48 8.11 21.63
C PRO A 480 -5.05 7.53 20.35
N ILE A 481 -4.70 6.27 20.08
CA ILE A 481 -5.25 5.52 18.96
C ILE A 481 -5.75 4.21 19.52
N GLU A 482 -4.84 3.45 20.13
CA GLU A 482 -5.13 2.10 20.60
C GLU A 482 -5.35 2.02 22.10
N GLN A 483 -5.18 3.12 22.84
CA GLN A 483 -5.14 3.00 24.30
C GLN A 483 -6.47 2.54 24.87
N THR A 484 -7.58 3.16 24.45
CA THR A 484 -8.87 2.73 24.96
C THR A 484 -9.14 1.26 24.67
N ALA A 485 -8.82 0.81 23.45
CA ALA A 485 -9.00 -0.61 23.12
C ALA A 485 -8.15 -1.52 24.01
N THR A 486 -6.92 -1.11 24.31
CA THR A 486 -6.08 -1.97 25.16
C THR A 486 -6.58 -1.96 26.59
N LEU A 487 -7.08 -0.83 27.08
CA LEU A 487 -7.57 -0.77 28.46
C LEU A 487 -8.78 -1.68 28.66
N ARG A 488 -9.58 -1.87 27.62
CA ARG A 488 -10.75 -2.74 27.72
C ARG A 488 -10.37 -4.20 27.91
N LEU A 489 -9.13 -4.57 27.62
CA LEU A 489 -8.70 -5.95 27.71
C LEU A 489 -8.20 -6.32 29.11
N ILE A 490 -8.12 -5.36 30.02
CA ILE A 490 -7.69 -5.65 31.40
C ILE A 490 -8.81 -6.39 32.10
N PRO A 491 -8.58 -7.60 32.61
CA PRO A 491 -9.65 -8.31 33.32
C PRO A 491 -10.07 -7.53 34.56
N ASN A 492 -11.37 -7.54 34.85
CA ASN A 492 -11.93 -6.89 36.03
C ASN A 492 -11.71 -5.37 36.02
N MET A 493 -11.71 -4.76 34.84
CA MET A 493 -11.58 -3.31 34.69
C MET A 493 -12.78 -2.81 33.89
N ASP A 494 -13.42 -1.75 34.38
CA ASP A 494 -14.48 -1.06 33.65
C ASP A 494 -13.87 0.16 32.95
N VAL A 495 -14.13 0.28 31.65
CA VAL A 495 -13.70 1.43 30.86
C VAL A 495 -14.94 2.19 30.42
N TRP A 496 -14.99 3.48 30.79
CA TRP A 496 -16.09 4.38 30.43
C TRP A 496 -15.60 5.48 29.49
N ARG A 497 -16.37 5.74 28.44
CA ARG A 497 -16.05 6.78 27.48
C ARG A 497 -17.33 7.54 27.23
N PRO A 498 -17.71 8.41 28.17
CA PRO A 498 -19.05 9.03 28.11
C PRO A 498 -19.14 10.07 27.03
N CYS A 499 -20.33 10.21 26.47
CA CYS A 499 -20.52 11.10 25.33
C CYS A 499 -20.98 12.50 25.70
N ASP A 500 -21.44 12.73 26.94
CA ASP A 500 -21.90 14.06 27.32
C ASP A 500 -21.91 14.16 28.85
N THR A 501 -22.49 15.25 29.37
CA THR A 501 -22.49 15.52 30.80
C THR A 501 -23.30 14.49 31.57
N ALA A 502 -24.37 13.96 30.97
CA ALA A 502 -25.16 12.96 31.67
C ALA A 502 -24.41 11.63 31.76
N GLU A 503 -23.86 11.15 30.64
CA GLU A 503 -23.08 9.92 30.70
C GLU A 503 -21.87 10.08 31.61
N SER A 504 -21.30 11.28 31.66
CA SER A 504 -20.11 11.49 32.50
C SER A 504 -20.44 11.33 33.97
N LEU A 505 -21.58 11.88 34.40
CA LEU A 505 -21.97 11.76 35.80
C LEU A 505 -22.27 10.31 36.16
N VAL A 506 -22.98 9.61 35.28
CA VAL A 506 -23.30 8.20 35.53
C VAL A 506 -22.03 7.38 35.59
N ALA A 507 -21.08 7.65 34.70
CA ALA A 507 -19.82 6.91 34.71
C ALA A 507 -19.07 7.15 36.02
N TRP A 508 -19.02 8.40 36.47
CA TRP A 508 -18.37 8.70 37.74
C TRP A 508 -19.05 8.01 38.91
N ALA A 509 -20.39 8.08 38.95
CA ALA A 509 -21.13 7.48 40.05
C ALA A 509 -20.98 5.96 40.06
N GLU A 510 -20.99 5.33 38.89
CA GLU A 510 -20.77 3.89 38.82
C GLU A 510 -19.35 3.52 39.23
N ALA A 511 -18.36 4.30 38.79
CA ALA A 511 -17.00 4.04 39.23
C ALA A 511 -16.88 4.15 40.75
N ALA A 512 -17.57 5.15 41.34
CA ALA A 512 -17.48 5.34 42.78
C ALA A 512 -18.21 4.23 43.52
N LYS A 513 -19.31 3.73 42.95
CA LYS A 513 -20.11 2.67 43.57
C LYS A 513 -19.42 1.32 43.53
N ALA A 514 -18.60 1.06 42.50
CA ALA A 514 -18.05 -0.28 42.33
C ALA A 514 -17.23 -0.66 43.55
N GLU A 515 -17.52 -1.81 44.12
CA GLU A 515 -16.86 -2.23 45.35
C GLU A 515 -15.56 -2.97 45.09
N ASP A 516 -15.46 -3.70 43.98
CA ASP A 516 -14.38 -4.67 43.86
C ASP A 516 -13.68 -4.61 42.51
N HIS A 517 -13.69 -3.46 41.85
CA HIS A 517 -12.94 -3.32 40.61
C HIS A 517 -12.67 -1.86 40.35
N PRO A 518 -11.61 -1.54 39.63
CA PRO A 518 -11.32 -0.16 39.25
C PRO A 518 -12.05 0.21 37.96
N SER A 519 -11.96 1.49 37.63
CA SER A 519 -12.57 2.02 36.43
C SER A 519 -11.59 3.01 35.79
N CYS A 520 -11.60 3.05 34.47
CA CYS A 520 -10.93 4.09 33.69
C CYS A 520 -12.01 4.97 33.11
N LEU A 521 -11.95 6.27 33.40
CA LEU A 521 -12.91 7.24 32.88
C LEU A 521 -12.18 8.08 31.84
N ILE A 522 -12.68 8.08 30.62
CA ILE A 522 -11.95 8.61 29.47
C ILE A 522 -12.73 9.79 28.90
N PHE A 523 -12.10 10.97 28.86
CA PHE A 523 -12.78 12.22 28.60
C PHE A 523 -12.13 12.97 27.44
N SER A 524 -12.94 13.75 26.74
CA SER A 524 -12.50 14.46 25.53
C SER A 524 -11.95 15.84 25.85
N ARG A 525 -11.02 16.31 25.01
CA ARG A 525 -10.58 17.70 25.09
C ARG A 525 -11.60 18.64 24.46
N GLN A 526 -12.23 18.23 23.37
CA GLN A 526 -13.09 19.10 22.59
C GLN A 526 -14.55 18.97 23.04
N ASN A 527 -15.34 20.01 22.74
CA ASN A 527 -16.73 20.06 23.19
C ASN A 527 -17.55 18.95 22.56
N LEU A 528 -18.45 18.36 23.36
CA LEU A 528 -19.32 17.28 22.91
C LEU A 528 -20.78 17.70 23.08
N LYS A 529 -21.58 17.46 22.04
CA LYS A 529 -22.95 17.92 22.06
C LYS A 529 -23.79 17.08 23.03
N PHE A 530 -24.56 17.76 23.87
CA PHE A 530 -25.47 17.08 24.78
C PHE A 530 -26.59 16.39 24.00
N GLN A 531 -26.92 15.17 24.41
CA GLN A 531 -27.97 14.38 23.76
C GLN A 531 -29.21 14.35 24.65
N ALA A 532 -30.36 14.64 24.07
CA ALA A 532 -31.59 14.55 24.83
C ALA A 532 -31.94 13.08 25.11
N ARG A 533 -32.58 12.85 26.25
CA ARG A 533 -32.86 11.49 26.68
C ARG A 533 -34.19 11.43 27.42
N SER A 534 -34.88 10.30 27.28
CA SER A 534 -36.00 10.01 28.16
C SER A 534 -35.49 9.58 29.53
N GLU A 535 -36.40 9.54 30.49
CA GLU A 535 -36.04 9.03 31.81
C GLU A 535 -35.53 7.59 31.73
N GLN A 536 -36.12 6.77 30.86
CA GLN A 536 -35.65 5.39 30.73
C GLN A 536 -34.24 5.33 30.15
N GLN A 537 -33.94 6.18 29.16
CA GLN A 537 -32.60 6.15 28.59
C GLN A 537 -31.56 6.61 29.62
N LEU A 538 -31.86 7.67 30.36
CA LEU A 538 -30.99 8.10 31.44
C LEU A 538 -30.67 6.95 32.38
N ASN A 539 -31.70 6.20 32.76
CA ASN A 539 -31.50 5.11 33.71
C ASN A 539 -30.79 3.91 33.09
N ASP A 540 -30.76 3.81 31.76
CA ASP A 540 -30.05 2.71 31.14
C ASP A 540 -28.58 3.03 30.83
N ILE A 541 -28.12 4.25 31.07
CA ILE A 541 -26.71 4.55 30.85
C ILE A 541 -25.84 3.60 31.67
N LYS A 542 -26.25 3.29 32.91
CA LYS A 542 -25.46 2.47 33.80
C LYS A 542 -25.38 1.02 33.36
N ARG A 543 -26.17 0.63 32.36
CA ARG A 543 -26.07 -0.70 31.79
C ARG A 543 -25.03 -0.78 30.67
N GLY A 544 -24.29 0.29 30.43
CA GLY A 544 -23.12 0.26 29.56
C GLY A 544 -23.41 0.55 28.08
N ALA A 545 -24.58 0.16 27.58
CA ALA A 545 -25.02 0.53 26.25
C ALA A 545 -26.54 0.54 26.24
N TYR A 546 -27.11 1.40 25.40
CA TYR A 546 -28.55 1.56 25.33
C TYR A 546 -28.87 2.21 24.00
N VAL A 547 -30.14 2.16 23.62
CA VAL A 547 -30.59 2.80 22.40
C VAL A 547 -30.79 4.29 22.70
N ILE A 548 -29.90 5.13 22.18
CA ILE A 548 -30.03 6.57 22.37
C ILE A 548 -30.89 7.22 21.30
N SER A 549 -31.07 6.58 20.15
CA SER A 549 -31.95 7.13 19.11
C SER A 549 -32.51 5.96 18.30
N GLU A 550 -33.76 5.61 18.53
CA GLU A 550 -34.33 4.49 17.80
C GLU A 550 -34.57 4.88 16.35
N ALA A 551 -34.62 3.85 15.49
CA ALA A 551 -34.96 4.06 14.10
C ALA A 551 -36.40 4.55 13.97
N GLN A 552 -36.64 5.40 12.98
CA GLN A 552 -37.99 5.78 12.59
C GLN A 552 -38.42 4.79 11.51
N GLY A 553 -39.13 3.75 11.93
CA GLY A 553 -39.43 2.60 11.11
C GLY A 553 -38.65 1.38 11.59
N ASN A 554 -38.75 0.30 10.82
CA ASN A 554 -38.01 -0.92 11.14
C ASN A 554 -36.52 -0.69 10.87
N ALA A 555 -35.71 -0.90 11.91
CA ALA A 555 -34.27 -0.69 11.77
C ALA A 555 -33.68 -1.62 10.72
N GLN A 556 -32.89 -1.07 9.81
CA GLN A 556 -32.13 -1.84 8.85
C GLN A 556 -30.70 -2.08 9.30
N ALA A 557 -30.22 -1.36 10.30
CA ALA A 557 -28.90 -1.57 10.87
C ALA A 557 -28.85 -0.79 12.18
N VAL A 558 -27.76 -1.01 12.92
CA VAL A 558 -27.52 -0.30 14.16
C VAL A 558 -26.12 0.30 14.12
N ILE A 559 -26.03 1.58 14.43
CA ILE A 559 -24.75 2.26 14.59
C ILE A 559 -24.42 2.24 16.07
N ILE A 560 -23.28 1.64 16.43
CA ILE A 560 -22.76 1.66 17.80
C ILE A 560 -21.72 2.75 17.87
N ALA A 561 -21.88 3.70 18.80
CA ALA A 561 -20.89 4.75 18.95
C ALA A 561 -20.62 4.99 20.42
N THR A 562 -19.46 5.56 20.69
CA THR A 562 -19.04 5.92 22.03
C THR A 562 -18.54 7.36 22.06
N GLY A 563 -18.57 7.95 23.26
CA GLY A 563 -17.87 9.19 23.52
C GLY A 563 -18.11 10.27 22.48
N SER A 564 -17.02 10.86 21.98
CA SER A 564 -17.12 11.98 21.05
C SER A 564 -17.77 11.61 19.72
N GLU A 565 -18.01 10.32 19.43
CA GLU A 565 -18.54 9.95 18.12
C GLU A 565 -20.05 9.74 18.12
N VAL A 566 -20.71 9.87 19.27
CA VAL A 566 -22.16 9.68 19.28
C VAL A 566 -22.84 10.73 18.40
N GLY A 567 -22.42 12.00 18.52
CA GLY A 567 -23.03 13.04 17.69
C GLY A 567 -22.92 12.74 16.21
N LEU A 568 -21.74 12.31 15.77
CA LEU A 568 -21.54 11.91 14.38
C LEU A 568 -22.51 10.80 13.99
N ALA A 569 -22.66 9.80 14.84
CA ALA A 569 -23.60 8.71 14.54
C ALA A 569 -25.03 9.22 14.41
N VAL A 570 -25.44 10.11 15.31
CA VAL A 570 -26.81 10.65 15.25
C VAL A 570 -27.01 11.43 13.96
N GLU A 571 -26.00 12.20 13.55
CA GLU A 571 -26.12 12.97 12.31
C GLU A 571 -26.20 12.04 11.10
N ALA A 572 -25.44 10.94 11.12
CA ALA A 572 -25.53 9.96 10.04
C ALA A 572 -26.90 9.30 10.00
N GLN A 573 -27.48 9.04 11.18
CA GLN A 573 -28.83 8.46 11.20
C GLN A 573 -29.83 9.37 10.51
N LYS A 574 -29.73 10.68 10.75
CA LYS A 574 -30.66 11.62 10.13
C LYS A 574 -30.47 11.64 8.61
N VAL A 575 -29.21 11.65 8.15
CA VAL A 575 -28.96 11.64 6.71
C VAL A 575 -29.49 10.36 6.08
N LEU A 576 -29.28 9.23 6.75
CA LEU A 576 -29.78 7.95 6.25
C LEU A 576 -31.30 7.93 6.22
N ALA A 577 -31.95 8.49 7.24
CA ALA A 577 -33.42 8.53 7.26
C ALA A 577 -33.96 9.32 6.08
N GLY A 578 -33.34 10.47 5.78
CA GLY A 578 -33.71 11.27 4.62
C GLY A 578 -33.51 10.58 3.29
N GLN A 579 -32.78 9.48 3.27
CA GLN A 579 -32.63 8.62 2.10
C GLN A 579 -33.52 7.39 2.17
N GLY A 580 -34.42 7.33 3.14
CA GLY A 580 -35.30 6.18 3.29
C GLY A 580 -34.63 4.96 3.88
N ILE A 581 -33.56 5.14 4.66
CA ILE A 581 -32.83 4.03 5.27
C ILE A 581 -32.88 4.23 6.78
N ALA A 582 -33.63 3.38 7.47
CA ALA A 582 -33.86 3.51 8.89
C ALA A 582 -32.80 2.74 9.67
N VAL A 583 -32.06 3.43 10.55
CA VAL A 583 -31.11 2.79 11.43
C VAL A 583 -31.33 3.30 12.84
N ARG A 584 -30.97 2.46 13.81
CA ARG A 584 -30.94 2.80 15.23
C ARG A 584 -29.52 3.22 15.63
N VAL A 585 -29.42 4.13 16.60
CA VAL A 585 -28.14 4.51 17.18
C VAL A 585 -28.09 4.02 18.63
N VAL A 586 -27.03 3.28 18.95
CA VAL A 586 -26.75 2.79 20.30
C VAL A 586 -25.54 3.54 20.82
N SER A 587 -25.67 4.13 22.01
CA SER A 587 -24.52 4.68 22.71
C SER A 587 -23.98 3.59 23.62
N MET A 588 -22.67 3.35 23.57
CA MET A 588 -22.04 2.30 24.36
C MET A 588 -20.95 2.91 25.24
N PRO A 589 -21.32 3.69 26.26
CA PRO A 589 -20.29 4.30 27.13
C PRO A 589 -19.37 3.30 27.79
N SER A 590 -19.82 2.06 28.07
CA SER A 590 -18.89 1.06 28.61
C SER A 590 -19.17 -0.31 28.01
N THR A 591 -18.26 -0.79 27.15
CA THR A 591 -18.32 -2.17 26.69
C THR A 591 -18.28 -3.14 27.86
N SER A 592 -17.38 -2.87 28.82
CA SER A 592 -17.22 -3.73 29.99
C SER A 592 -18.56 -4.01 30.66
N VAL A 593 -19.31 -2.95 30.95
CA VAL A 593 -20.58 -3.06 31.66
C VAL A 593 -21.64 -3.70 30.78
N PHE A 594 -21.69 -3.32 29.50
CA PHE A 594 -22.67 -3.91 28.60
C PHE A 594 -22.50 -5.43 28.54
N ASP A 595 -21.26 -5.91 28.52
CA ASP A 595 -20.99 -7.34 28.33
C ASP A 595 -21.46 -8.18 29.50
N ARG A 596 -21.68 -7.60 30.68
CA ARG A 596 -22.20 -8.38 31.80
C ARG A 596 -23.69 -8.18 32.03
N GLN A 597 -24.37 -7.46 31.14
CA GLN A 597 -25.82 -7.40 31.17
C GLN A 597 -26.40 -8.74 30.73
N ASP A 598 -27.63 -9.03 31.17
CA ASP A 598 -28.25 -10.31 30.83
C ASP A 598 -28.51 -10.38 29.32
N ALA A 599 -28.66 -11.62 28.84
CA ALA A 599 -28.71 -11.83 27.39
C ALA A 599 -29.91 -11.12 26.77
N ALA A 600 -31.04 -11.11 27.47
CA ALA A 600 -32.24 -10.44 26.93
C ALA A 600 -31.99 -8.95 26.72
N TYR A 601 -31.33 -8.30 27.69
CA TYR A 601 -31.04 -6.87 27.51
C TYR A 601 -30.08 -6.65 26.34
N GLN A 602 -29.03 -7.46 26.24
CA GLN A 602 -28.06 -7.27 25.16
C GLN A 602 -28.72 -7.46 23.79
N ALA A 603 -29.64 -8.42 23.69
CA ALA A 603 -30.36 -8.64 22.45
C ALA A 603 -31.33 -7.50 22.14
N ALA A 604 -31.91 -6.90 23.18
CA ALA A 604 -32.79 -5.77 22.97
C ALA A 604 -32.03 -4.58 22.41
N VAL A 605 -30.76 -4.42 22.81
CA VAL A 605 -29.93 -3.32 22.32
C VAL A 605 -29.37 -3.63 20.94
N LEU A 606 -28.92 -4.87 20.73
CA LEU A 606 -28.26 -5.28 19.49
C LEU A 606 -28.95 -6.53 18.98
N PRO A 607 -30.10 -6.38 18.30
CA PRO A 607 -30.87 -7.56 17.89
C PRO A 607 -30.10 -8.45 16.94
N GLU A 608 -30.33 -9.75 17.05
CA GLU A 608 -29.66 -10.71 16.18
C GLU A 608 -30.08 -10.46 14.74
N GLY A 609 -29.11 -10.54 13.83
CA GLY A 609 -29.37 -10.36 12.42
C GLY A 609 -29.41 -8.92 11.95
N LEU A 610 -29.36 -7.94 12.85
CA LEU A 610 -29.31 -6.56 12.43
C LEU A 610 -27.85 -6.15 12.24
N PRO A 611 -27.44 -5.76 11.02
CA PRO A 611 -26.04 -5.39 10.80
C PRO A 611 -25.59 -4.27 11.74
N ARG A 612 -24.37 -4.40 12.25
CA ARG A 612 -23.83 -3.45 13.22
C ARG A 612 -22.66 -2.69 12.60
N ILE A 613 -22.63 -1.38 12.83
CA ILE A 613 -21.51 -0.53 12.43
C ILE A 613 -21.04 0.21 13.67
N ALA A 614 -19.76 0.06 14.01
CA ALA A 614 -19.20 0.76 15.15
C ALA A 614 -18.44 1.99 14.69
N VAL A 615 -18.58 3.09 15.45
CA VAL A 615 -17.93 4.36 15.15
C VAL A 615 -17.24 4.86 16.41
N GLU A 616 -15.91 4.90 16.39
CA GLU A 616 -15.12 5.35 17.52
C GLU A 616 -13.77 5.84 17.00
N ALA A 617 -13.32 6.99 17.51
CA ALA A 617 -12.03 7.57 17.07
C ALA A 617 -10.85 6.87 17.74
N GLY A 618 -10.76 5.57 17.46
CA GLY A 618 -9.68 4.74 17.95
C GLY A 618 -9.54 3.50 17.09
N HIS A 619 -8.63 2.62 17.49
CA HIS A 619 -8.38 1.38 16.77
C HIS A 619 -9.69 0.59 16.60
N THR A 620 -9.83 -0.08 15.43
CA THR A 620 -11.05 -0.82 15.11
C THR A 620 -11.10 -2.24 15.65
N ASN A 621 -9.95 -2.84 15.97
CA ASN A 621 -9.92 -4.30 16.02
CA ASN A 621 -9.85 -4.30 16.09
C ASN A 621 -10.80 -4.86 17.13
N GLY A 622 -10.98 -4.13 18.24
CA GLY A 622 -11.83 -4.63 19.32
C GLY A 622 -13.31 -4.68 18.97
N TRP A 623 -13.73 -3.94 17.95
CA TRP A 623 -15.15 -3.87 17.65
C TRP A 623 -15.65 -5.08 16.85
N TYR A 624 -14.76 -5.95 16.36
CA TYR A 624 -15.24 -7.11 15.61
C TYR A 624 -15.92 -8.11 16.53
N LYS A 625 -15.60 -8.07 17.81
CA LYS A 625 -16.35 -8.84 18.80
C LYS A 625 -17.85 -8.59 18.70
N TYR A 626 -18.24 -7.36 18.35
CA TYR A 626 -19.63 -6.97 18.19
C TYR A 626 -20.12 -7.02 16.74
N VAL A 627 -19.39 -6.41 15.81
CA VAL A 627 -19.92 -6.29 14.45
C VAL A 627 -19.62 -7.52 13.58
N GLY A 628 -18.65 -8.34 13.96
CA GLY A 628 -18.39 -9.57 13.22
C GLY A 628 -17.88 -9.35 11.80
N LEU A 629 -17.91 -10.43 11.04
CA LEU A 629 -17.33 -10.40 9.70
C LEU A 629 -18.18 -9.61 8.70
N ASN A 630 -19.48 -9.44 8.96
CA ASN A 630 -20.35 -8.77 8.01
C ASN A 630 -20.76 -7.37 8.43
N GLY A 631 -20.36 -6.92 9.63
CA GLY A 631 -20.52 -5.54 10.04
C GLY A 631 -19.36 -4.68 9.56
N ALA A 632 -19.20 -3.52 10.19
CA ALA A 632 -18.11 -2.62 9.78
C ALA A 632 -17.76 -1.68 10.93
N VAL A 633 -16.64 -0.99 10.75
CA VAL A 633 -16.11 -0.11 11.78
C VAL A 633 -15.58 1.15 11.12
N VAL A 634 -15.87 2.28 11.73
CA VAL A 634 -15.29 3.56 11.36
C VAL A 634 -14.36 3.94 12.50
N GLY A 635 -13.06 3.78 12.27
CA GLY A 635 -12.07 4.05 13.29
C GLY A 635 -10.75 4.52 12.70
N ILE A 636 -9.67 4.38 13.45
CA ILE A 636 -8.36 4.79 12.98
C ILE A 636 -7.34 3.82 13.54
N ASN A 637 -6.53 3.23 12.66
CA ASN A 637 -5.58 2.22 13.07
C ASN A 637 -4.13 2.66 12.87
N ARG A 638 -3.90 3.89 12.47
CA ARG A 638 -2.56 4.43 12.28
C ARG A 638 -2.31 5.55 13.28
N PHE A 639 -1.05 6.00 13.34
CA PHE A 639 -0.72 7.11 14.21
C PHE A 639 -1.39 8.38 13.73
N GLY A 640 -1.61 9.31 14.66
CA GLY A 640 -2.26 10.59 14.35
C GLY A 640 -1.36 11.56 13.61
N GLU A 641 -1.73 12.85 13.58
CA GLU A 641 -0.92 13.89 12.97
C GLU A 641 -1.07 15.17 13.76
N SER A 642 -0.01 15.99 13.77
CA SER A 642 -0.05 17.29 14.42
C SER A 642 -0.78 18.28 13.52
N ALA A 643 -2.02 18.62 13.89
CA ALA A 643 -2.85 19.59 13.15
C ALA A 643 -4.06 19.95 13.99
N PRO A 644 -4.81 21.01 13.65
CA PRO A 644 -6.07 21.29 14.36
C PRO A 644 -7.03 20.11 14.31
N ALA A 645 -7.81 19.96 15.39
CA ALA A 645 -8.66 18.77 15.55
C ALA A 645 -9.70 18.66 14.43
N ASP A 646 -10.34 19.75 14.07
CA ASP A 646 -11.39 19.67 13.05
CA ASP A 646 -11.38 19.71 13.04
C ASP A 646 -10.85 19.09 11.75
N LEU A 647 -9.63 19.51 11.37
N LEU A 647 -9.62 19.48 11.42
CA LEU A 647 -8.98 19.00 10.16
CA LEU A 647 -9.03 19.00 10.19
C LEU A 647 -8.63 17.53 10.30
C LEU A 647 -8.61 17.54 10.29
N LEU A 648 -8.23 17.09 11.49
CA LEU A 648 -7.84 15.69 11.66
C LEU A 648 -9.05 14.77 11.54
N PHE A 649 -10.17 15.14 12.16
CA PHE A 649 -11.37 14.32 12.05
C PHE A 649 -11.82 14.17 10.60
N LYS A 650 -11.74 15.26 9.82
CA LYS A 650 -12.09 15.17 8.41
C LYS A 650 -11.08 14.32 7.66
N ALA A 651 -9.78 14.56 7.88
CA ALA A 651 -8.73 13.82 7.18
C ALA A 651 -8.80 12.33 7.45
N PHE A 652 -9.21 11.93 8.66
CA PHE A 652 -9.21 10.52 9.02
C PHE A 652 -10.58 9.87 8.88
N GLY A 653 -11.52 10.54 8.19
CA GLY A 653 -12.77 9.90 7.82
C GLY A 653 -13.85 9.91 8.86
N PHE A 654 -13.71 10.70 9.92
CA PHE A 654 -14.80 10.85 10.91
C PHE A 654 -15.74 11.95 10.43
N THR A 655 -16.48 11.59 9.37
CA THR A 655 -17.39 12.48 8.67
C THR A 655 -18.73 11.79 8.49
N VAL A 656 -19.77 12.60 8.31
CA VAL A 656 -21.09 12.03 8.06
C VAL A 656 -21.09 11.18 6.80
N ASP A 657 -20.45 11.68 5.72
CA ASP A 657 -20.45 10.95 4.46
C ASP A 657 -19.82 9.56 4.62
N ASN A 658 -18.73 9.47 5.38
CA ASN A 658 -18.06 8.19 5.53
C ASN A 658 -18.90 7.21 6.36
N VAL A 659 -19.47 7.68 7.46
CA VAL A 659 -20.34 6.82 8.25
C VAL A 659 -21.53 6.36 7.42
N VAL A 660 -22.12 7.26 6.65
CA VAL A 660 -23.29 6.92 5.83
C VAL A 660 -22.91 5.87 4.79
N ASP A 661 -21.78 6.06 4.11
CA ASP A 661 -21.35 5.10 3.11
C ASP A 661 -21.02 3.77 3.74
N THR A 662 -20.37 3.79 4.92
CA THR A 662 -20.03 2.56 5.60
C THR A 662 -21.27 1.77 5.99
N VAL A 663 -22.29 2.47 6.52
CA VAL A 663 -23.56 1.81 6.82
C VAL A 663 -24.14 1.19 5.56
N LYS A 664 -24.17 1.96 4.46
CA LYS A 664 -24.71 1.43 3.22
C LYS A 664 -23.96 0.19 2.76
N SER A 665 -22.67 0.10 3.05
CA SER A 665 -21.85 -0.98 2.53
C SER A 665 -22.18 -2.33 3.18
N VAL A 666 -22.81 -2.35 4.35
CA VAL A 666 -23.20 -3.61 4.99
C VAL A 666 -24.68 -3.91 4.82
N LEU A 667 -25.36 -3.17 3.94
CA LEU A 667 -26.77 -3.41 3.65
C LEU A 667 -26.89 -4.14 2.32
N SER B 10 21.18 39.47 24.37
CA SER B 10 21.93 39.17 23.15
C SER B 10 20.99 38.87 21.97
N GLN B 11 21.34 39.39 20.79
CA GLN B 11 20.47 39.19 19.64
C GLN B 11 20.46 37.75 19.17
N LEU B 12 21.57 37.02 19.35
CA LEU B 12 21.65 35.64 18.93
C LEU B 12 20.70 34.74 19.74
N ALA B 13 20.48 35.06 21.01
CA ALA B 13 19.50 34.32 21.79
C ALA B 13 18.09 34.88 21.61
N ASN B 14 17.95 36.20 21.48
CA ASN B 14 16.61 36.78 21.38
C ASN B 14 15.91 36.36 20.10
N VAL B 15 16.65 36.05 19.03
CA VAL B 15 16.00 35.59 17.81
C VAL B 15 15.28 34.28 18.06
N ILE B 16 15.84 33.43 18.94
CA ILE B 16 15.14 32.20 19.31
C ILE B 16 13.85 32.54 20.05
N ARG B 17 13.89 33.52 20.95
CA ARG B 17 12.69 33.89 21.69
C ARG B 17 11.58 34.33 20.74
N PHE B 18 11.90 35.18 19.76
CA PHE B 18 10.84 35.70 18.91
C PHE B 18 10.38 34.70 17.85
N LEU B 19 11.31 33.93 17.25
CA LEU B 19 10.89 32.83 16.40
C LEU B 19 9.93 31.90 17.13
N SER B 20 10.26 31.57 18.38
CA SER B 20 9.44 30.62 19.13
C SER B 20 8.09 31.25 19.50
N ALA B 21 8.11 32.45 20.09
CA ALA B 21 6.87 33.11 20.44
C ALA B 21 6.01 33.39 19.21
N ASP B 22 6.62 33.88 18.12
CA ASP B 22 5.84 34.20 16.92
C ASP B 22 5.23 32.96 16.29
N ALA B 23 5.97 31.85 16.23
CA ALA B 23 5.43 30.66 15.59
C ALA B 23 4.32 30.03 16.41
N VAL B 24 4.49 29.98 17.74
CA VAL B 24 3.41 29.55 18.61
C VAL B 24 2.18 30.43 18.42
N GLN B 25 2.39 31.76 18.35
CA GLN B 25 1.25 32.64 18.21
C GLN B 25 0.51 32.42 16.91
N LYS B 26 1.25 32.27 15.80
CA LYS B 26 0.60 32.05 14.51
C LYS B 26 -0.22 30.75 14.53
N ALA B 27 0.32 29.71 15.17
CA ALA B 27 -0.42 28.45 15.32
C ALA B 27 -1.56 28.55 16.31
N ASN B 28 -1.57 29.60 17.15
CA ASN B 28 -2.43 29.67 18.33
C ASN B 28 -2.37 28.38 19.14
N SER B 29 -1.16 27.84 19.29
CA SER B 29 -0.98 26.53 19.89
C SER B 29 0.50 26.31 20.12
N GLY B 30 0.86 25.79 21.30
CA GLY B 30 2.23 25.43 21.54
C GLY B 30 2.77 26.02 22.82
N HIS B 31 4.08 25.84 23.00
CA HIS B 31 4.77 26.06 24.27
C HIS B 31 5.90 27.07 24.09
N PRO B 32 5.70 28.35 24.42
CA PRO B 32 6.73 29.36 24.15
C PRO B 32 7.70 29.57 25.30
N GLY B 33 7.29 29.24 26.51
CA GLY B 33 8.03 29.69 27.69
C GLY B 33 9.36 28.96 27.88
N ALA B 34 9.36 27.63 27.68
CA ALA B 34 10.62 26.90 27.84
C ALA B 34 11.63 27.23 26.74
N PRO B 35 11.22 27.33 25.46
CA PRO B 35 12.17 27.87 24.47
C PRO B 35 12.80 29.18 24.88
N MET B 36 12.01 30.11 25.43
CA MET B 36 12.57 31.40 25.83
C MET B 36 13.51 31.24 27.02
N GLY B 37 13.18 30.34 27.95
CA GLY B 37 14.04 30.14 29.09
C GLY B 37 15.37 29.50 28.74
N MET B 38 15.40 28.69 27.67
CA MET B 38 16.58 27.92 27.30
C MET B 38 17.43 28.61 26.23
N ALA B 39 17.12 29.85 25.87
CA ALA B 39 17.73 30.45 24.69
C ALA B 39 19.24 30.61 24.84
N GLU B 40 19.72 31.03 26.03
CA GLU B 40 21.16 31.19 26.20
C GLU B 40 21.86 29.83 26.28
N MET B 41 21.20 28.85 26.90
CA MET B 41 21.76 27.50 26.90
C MET B 41 21.93 27.01 25.48
N ALA B 42 20.90 27.23 24.63
CA ALA B 42 20.98 26.82 23.23
C ALA B 42 22.08 27.58 22.49
N GLU B 43 22.12 28.91 22.67
CA GLU B 43 23.12 29.71 21.97
C GLU B 43 24.53 29.24 22.31
N THR B 44 24.80 29.03 23.59
CA THR B 44 26.14 28.63 23.99
C THR B 44 26.50 27.26 23.43
N LEU B 45 25.63 26.28 23.63
CA LEU B 45 25.94 24.93 23.17
C LEU B 45 26.12 24.90 21.65
N TRP B 46 25.17 25.50 20.93
CA TRP B 46 25.16 25.30 19.49
C TRP B 46 26.21 26.15 18.79
N THR B 47 26.51 27.36 19.28
CA THR B 47 27.50 28.20 18.59
C THR B 47 28.93 27.93 19.06
N LYS B 48 29.13 27.40 20.27
CA LYS B 48 30.48 27.26 20.80
C LYS B 48 30.99 25.83 20.85
N PHE B 49 30.10 24.82 20.81
CA PHE B 49 30.56 23.46 21.07
C PHE B 49 30.06 22.44 20.06
N LEU B 50 28.80 22.51 19.66
CA LEU B 50 28.19 21.41 18.90
C LEU B 50 28.88 21.24 17.56
N ASN B 51 29.32 20.02 17.26
CA ASN B 51 29.98 19.71 15.99
C ASN B 51 28.98 19.01 15.08
N HIS B 52 28.51 19.73 14.06
CA HIS B 52 27.46 19.21 13.20
C HIS B 52 27.60 19.83 11.81
N ASN B 53 27.05 19.15 10.81
CA ASN B 53 27.07 19.65 9.43
C ASN B 53 25.65 19.76 8.87
N PRO B 54 25.08 20.97 8.81
CA PRO B 54 23.72 21.12 8.26
C PRO B 54 23.55 20.55 6.87
N ALA B 55 24.61 20.55 6.06
CA ALA B 55 24.50 20.01 4.71
C ALA B 55 24.39 18.49 4.71
N ASN B 56 24.74 17.81 5.80
CA ASN B 56 24.61 16.36 5.89
C ASN B 56 24.16 16.00 7.29
N PRO B 57 22.84 16.00 7.52
CA PRO B 57 22.32 15.63 8.85
C PRO B 57 22.68 14.23 9.30
N LYS B 58 23.13 13.37 8.39
CA LYS B 58 23.51 12.00 8.71
C LYS B 58 25.02 11.79 8.83
N PHE B 59 25.81 12.87 8.83
CA PHE B 59 27.26 12.78 9.05
C PHE B 59 27.56 11.84 10.21
N TYR B 60 28.35 10.79 9.93
CA TYR B 60 28.47 9.67 10.87
C TYR B 60 28.98 10.12 12.23
N ASN B 61 29.93 11.05 12.27
CA ASN B 61 30.59 11.43 13.51
C ASN B 61 30.07 12.75 14.09
N ARG B 62 28.90 13.20 13.66
CA ARG B 62 28.32 14.39 14.24
C ARG B 62 28.04 14.18 15.73
N ASP B 63 28.16 15.26 16.51
CA ASP B 63 27.57 15.23 17.84
C ASP B 63 26.07 15.02 17.72
N ARG B 64 25.48 14.34 18.70
CA ARG B 64 24.04 14.13 18.76
C ARG B 64 23.44 15.09 19.79
N PHE B 65 22.42 15.83 19.37
CA PHE B 65 21.65 16.68 20.28
C PHE B 65 20.25 16.09 20.46
N VAL B 66 19.79 16.05 21.72
CA VAL B 66 18.47 15.52 22.05
C VAL B 66 17.74 16.56 22.93
N LEU B 67 16.57 16.99 22.49
CA LEU B 67 15.71 17.89 23.27
C LEU B 67 14.72 17.01 24.02
N SER B 68 15.06 16.65 25.26
CA SER B 68 14.21 15.70 26.00
C SER B 68 12.88 16.33 26.38
N ASN B 69 12.88 17.61 26.76
CA ASN B 69 11.62 18.30 27.02
C ASN B 69 11.02 18.74 25.68
N GLY B 70 10.36 17.77 25.02
CA GLY B 70 10.00 17.88 23.60
C GLY B 70 8.94 18.91 23.27
N HIS B 71 8.11 19.28 24.26
CA HIS B 71 7.13 20.34 24.05
C HIS B 71 7.80 21.64 23.61
N ALA B 72 9.03 21.88 24.05
CA ALA B 72 9.82 23.04 23.67
C ALA B 72 10.29 22.98 22.23
N SER B 73 9.44 22.40 21.36
CA SER B 73 9.85 22.05 20.00
C SER B 73 10.34 23.26 19.21
N MET B 74 9.75 24.45 19.41
CA MET B 74 10.21 25.59 18.64
C MET B 74 11.65 25.97 18.96
N LEU B 75 12.16 25.57 20.13
CA LEU B 75 13.59 25.79 20.39
C LEU B 75 14.43 25.01 19.37
N LEU B 76 14.10 23.74 19.16
CA LEU B 76 14.85 22.95 18.19
C LEU B 76 14.62 23.46 16.76
N TYR B 77 13.37 23.75 16.40
CA TYR B 77 13.12 24.23 15.04
C TYR B 77 13.84 25.55 14.78
N SER B 78 13.91 26.42 15.79
CA SER B 78 14.70 27.66 15.65
C SER B 78 16.16 27.34 15.36
N LEU B 79 16.76 26.46 16.15
CA LEU B 79 18.17 26.11 15.97
C LEU B 79 18.43 25.52 14.59
N LEU B 80 17.55 24.62 14.13
CA LEU B 80 17.76 24.00 12.82
C LEU B 80 17.65 25.03 11.71
N HIS B 81 16.66 25.89 11.78
CA HIS B 81 16.52 26.94 10.77
C HIS B 81 17.73 27.87 10.78
N LEU B 82 18.12 28.34 11.97
CA LEU B 82 19.16 29.37 12.05
C LEU B 82 20.53 28.86 11.60
N THR B 83 20.85 27.58 11.88
CA THR B 83 22.17 27.08 11.55
C THR B 83 22.28 26.59 10.12
N GLY B 84 21.17 26.55 9.38
CA GLY B 84 21.21 26.32 7.96
C GLY B 84 20.72 24.97 7.49
N TYR B 85 19.98 24.23 8.33
CA TYR B 85 19.34 23.02 7.87
C TYR B 85 18.23 23.34 6.90
N ASN B 86 17.73 22.30 6.23
CA ASN B 86 16.62 22.43 5.29
C ASN B 86 15.29 22.49 6.06
N LEU B 87 15.18 23.55 6.86
CA LEU B 87 13.96 23.90 7.56
C LEU B 87 13.79 25.40 7.37
N SER B 88 12.73 25.79 6.68
CA SER B 88 12.62 27.15 6.15
C SER B 88 11.73 28.00 7.04
N ILE B 89 11.73 29.31 6.76
CA ILE B 89 10.78 30.21 7.40
C ILE B 89 9.35 29.76 7.13
N GLU B 90 9.05 29.35 5.90
CA GLU B 90 7.71 28.84 5.62
C GLU B 90 7.41 27.57 6.42
N ASP B 91 8.41 26.73 6.67
CA ASP B 91 8.19 25.59 7.56
C ASP B 91 7.80 26.08 8.96
N LEU B 92 8.51 27.09 9.48
CA LEU B 92 8.18 27.61 10.81
C LEU B 92 6.80 28.27 10.83
N LYS B 93 6.39 28.91 9.72
CA LYS B 93 5.06 29.49 9.64
C LYS B 93 3.97 28.43 9.57
N ASN B 94 4.34 27.16 9.44
CA ASN B 94 3.35 26.10 9.42
C ASN B 94 3.52 25.17 10.61
N PHE B 95 4.10 25.71 11.69
CA PHE B 95 4.16 25.00 12.96
C PHE B 95 2.79 24.45 13.34
N ARG B 96 2.76 23.15 13.69
CA ARG B 96 1.56 22.47 14.17
C ARG B 96 0.45 22.39 13.11
N GLN B 97 0.79 22.54 11.82
CA GLN B 97 -0.18 22.44 10.75
C GLN B 97 -0.03 21.10 10.02
N LEU B 98 -1.15 20.61 9.49
CA LEU B 98 -1.18 19.30 8.86
C LEU B 98 -0.12 19.19 7.78
N HIS B 99 0.66 18.11 7.83
CA HIS B 99 1.71 17.74 6.88
C HIS B 99 2.99 18.59 6.98
N SER B 100 3.09 19.51 7.94
CA SER B 100 4.28 20.37 7.96
C SER B 100 5.50 19.59 8.46
N LYS B 101 6.67 20.17 8.24
CA LYS B 101 7.90 19.65 8.82
C LYS B 101 8.14 20.13 10.24
N THR B 102 7.16 20.83 10.82
CA THR B 102 7.26 21.38 12.16
C THR B 102 6.07 20.92 13.02
N PRO B 103 5.93 19.62 13.26
CA PRO B 103 4.85 19.16 14.15
C PRO B 103 5.08 19.64 15.57
N GLY B 104 4.00 19.56 16.37
CA GLY B 104 4.00 20.17 17.69
C GLY B 104 5.03 19.60 18.63
N HIS B 105 5.38 18.34 18.46
CA HIS B 105 6.55 17.75 19.09
C HIS B 105 7.48 17.24 17.99
N PRO B 106 8.80 17.38 18.15
CA PRO B 106 9.71 17.09 17.02
C PRO B 106 9.65 15.61 16.69
N GLU B 107 9.63 15.30 15.38
CA GLU B 107 9.52 13.91 14.92
C GLU B 107 10.73 13.55 14.07
N TYR B 108 11.42 12.48 14.49
CA TYR B 108 12.48 11.88 13.70
C TYR B 108 11.93 11.38 12.37
N GLY B 109 12.67 11.65 11.31
CA GLY B 109 12.43 10.96 10.06
C GLY B 109 12.35 11.85 8.83
N TYR B 110 11.66 12.98 8.98
CA TYR B 110 11.36 13.83 7.84
C TYR B 110 11.58 15.31 8.12
N THR B 111 12.05 15.65 9.30
CA THR B 111 12.61 16.97 9.57
C THR B 111 14.12 16.79 9.76
N ASP B 112 14.91 17.39 8.86
CA ASP B 112 16.37 17.24 8.95
C ASP B 112 16.90 17.77 10.28
N GLY B 113 17.77 16.99 10.94
CA GLY B 113 18.41 17.41 12.16
C GLY B 113 17.69 17.01 13.44
N VAL B 114 16.50 16.42 13.34
CA VAL B 114 15.77 15.91 14.50
C VAL B 114 16.25 14.48 14.75
N GLU B 115 16.93 14.24 15.87
CA GLU B 115 17.59 12.96 16.10
C GLU B 115 16.66 11.91 16.68
N THR B 116 15.56 12.33 17.30
CA THR B 116 14.62 11.44 17.96
C THR B 116 13.29 12.17 18.11
N THR B 117 12.20 11.39 18.19
CA THR B 117 10.88 11.94 18.44
C THR B 117 10.69 12.04 19.95
N THR B 118 10.46 13.25 20.46
CA THR B 118 10.26 13.40 21.89
C THR B 118 8.95 14.15 22.14
N GLY B 119 8.54 14.13 23.41
CA GLY B 119 7.24 14.62 23.80
C GLY B 119 6.85 13.96 25.11
N PRO B 120 6.61 12.64 25.08
CA PRO B 120 6.47 11.87 26.33
C PRO B 120 7.74 12.02 27.16
N LEU B 121 7.56 12.56 28.37
CA LEU B 121 8.71 13.04 29.12
C LEU B 121 9.53 11.87 29.66
N GLY B 122 10.82 12.13 29.89
CA GLY B 122 11.75 11.15 30.41
C GLY B 122 12.42 10.29 29.35
N GLN B 123 11.76 10.04 28.23
CA GLN B 123 12.36 9.13 27.25
C GLN B 123 13.49 9.78 26.46
N GLY B 124 13.47 11.11 26.32
CA GLY B 124 14.53 11.77 25.58
C GLY B 124 15.90 11.50 26.16
N ILE B 125 16.03 11.70 27.48
CA ILE B 125 17.32 11.45 28.13
C ILE B 125 17.71 9.98 27.97
N ALA B 126 16.73 9.08 28.04
CA ALA B 126 17.05 7.67 27.87
C ALA B 126 17.47 7.37 26.44
N ASN B 127 16.79 7.95 25.44
CA ASN B 127 17.30 7.86 24.07
C ASN B 127 18.74 8.32 23.97
N ALA B 128 19.07 9.43 24.63
CA ALA B 128 20.42 9.96 24.53
C ALA B 128 21.42 9.03 25.20
N VAL B 129 21.03 8.41 26.31
CA VAL B 129 21.91 7.41 26.90
C VAL B 129 22.21 6.31 25.89
N GLY B 130 21.20 5.90 25.12
CA GLY B 130 21.44 4.91 24.07
C GLY B 130 22.37 5.41 22.98
N MET B 131 22.21 6.67 22.57
CA MET B 131 23.12 7.24 21.58
C MET B 131 24.56 7.30 22.12
N ALA B 132 24.74 7.74 23.38
CA ALA B 132 26.08 7.77 23.95
C ALA B 132 26.66 6.38 24.07
N LEU B 133 25.82 5.40 24.43
CA LEU B 133 26.28 4.02 24.54
C LEU B 133 26.70 3.47 23.18
N ALA B 134 25.92 3.80 22.13
CA ALA B 134 26.30 3.37 20.78
C ALA B 134 27.66 3.94 20.38
N GLU B 135 27.91 5.21 20.66
CA GLU B 135 29.22 5.80 20.35
C GLU B 135 30.33 5.07 21.09
N LYS B 136 30.10 4.80 22.38
CA LYS B 136 31.12 4.13 23.19
C LYS B 136 31.41 2.74 22.66
N ILE B 137 30.35 1.99 22.33
CA ILE B 137 30.48 0.63 21.81
C ILE B 137 31.21 0.63 20.47
N LEU B 138 30.81 1.55 19.57
CA LEU B 138 31.41 1.60 18.25
C LEU B 138 32.86 2.09 18.31
N ALA B 139 33.15 3.03 19.22
CA ALA B 139 34.53 3.50 19.36
C ALA B 139 35.44 2.36 19.78
N ALA B 140 34.98 1.53 20.71
CA ALA B 140 35.79 0.41 21.19
C ALA B 140 35.98 -0.62 20.09
N GLU B 141 34.97 -0.81 19.24
CA GLU B 141 35.08 -1.82 18.20
C GLU B 141 35.91 -1.33 17.02
N PHE B 142 35.77 -0.07 16.63
CA PHE B 142 36.32 0.39 15.35
C PHE B 142 37.57 1.26 15.46
N ASN B 143 37.74 2.03 16.53
CA ASN B 143 38.89 2.92 16.58
C ASN B 143 40.19 2.12 16.63
N LYS B 144 41.21 2.62 15.90
CA LYS B 144 42.52 2.00 15.82
C LYS B 144 43.58 3.04 16.17
N ASP B 145 44.80 2.57 16.42
CA ASP B 145 45.92 3.41 16.83
C ASP B 145 46.06 4.64 15.95
N GLY B 146 45.83 5.83 16.53
CA GLY B 146 45.94 7.08 15.81
C GLY B 146 44.77 7.44 14.94
N LEU B 147 43.73 6.60 14.89
CA LEU B 147 42.61 6.77 13.95
C LEU B 147 41.30 6.60 14.72
N ASN B 148 40.88 7.66 15.41
CA ASN B 148 39.65 7.60 16.21
C ASN B 148 38.49 8.07 15.34
N ILE B 149 38.02 7.17 14.48
CA ILE B 149 36.95 7.55 13.55
C ILE B 149 35.60 7.65 14.23
N VAL B 150 35.42 7.08 15.42
CA VAL B 150 34.23 7.30 16.23
C VAL B 150 34.64 8.14 17.43
N ASP B 151 34.18 9.38 17.47
CA ASP B 151 34.57 10.29 18.53
C ASP B 151 33.66 11.51 18.49
N HIS B 152 32.55 11.46 19.23
CA HIS B 152 31.63 12.58 19.28
C HIS B 152 30.84 12.51 20.57
N TYR B 153 30.19 13.62 20.88
CA TYR B 153 29.47 13.79 22.13
C TYR B 153 27.97 13.65 21.92
N THR B 154 27.27 13.46 23.04
CA THR B 154 25.82 13.39 23.09
C THR B 154 25.37 14.46 24.09
N TYR B 155 24.69 15.48 23.59
CA TYR B 155 24.21 16.59 24.43
C TYR B 155 22.70 16.51 24.57
N VAL B 156 22.20 16.81 25.77
CA VAL B 156 20.79 16.71 26.09
C VAL B 156 20.35 17.98 26.80
N PHE B 157 19.21 18.51 26.40
CA PHE B 157 18.47 19.43 27.26
C PHE B 157 17.33 18.67 27.91
N MET B 158 17.13 18.90 29.20
CA MET B 158 16.01 18.24 29.87
C MET B 158 15.48 19.17 30.95
N GLY B 159 14.26 18.88 31.40
CA GLY B 159 13.57 19.72 32.36
C GLY B 159 13.12 18.96 33.60
N ASP B 160 12.43 19.69 34.48
CA ASP B 160 11.95 19.14 35.74
C ASP B 160 11.08 17.91 35.53
N GLY B 161 10.22 17.95 34.51
CA GLY B 161 9.31 16.84 34.27
C GLY B 161 10.07 15.56 33.91
N OCS B 162 11.08 15.70 33.07
CA OCS B 162 11.94 14.57 32.73
CB OCS B 162 13.03 15.02 31.79
SG OCS B 162 12.37 15.68 30.27
C OCS B 162 12.56 13.94 33.97
O OCS B 162 12.60 12.71 34.11
OD1 OCS B 162 13.32 16.57 29.68
OD2 OCS B 162 12.16 14.56 29.42
OD3 OCS B 162 11.19 16.38 30.53
N LEU B 163 13.04 14.80 34.87
CA LEU B 163 13.72 14.33 36.08
C LEU B 163 12.79 13.68 37.08
N MET B 164 11.53 14.13 37.11
CA MET B 164 10.55 13.49 37.98
C MET B 164 10.24 12.08 37.51
N GLU B 165 10.21 11.86 36.20
CA GLU B 165 9.84 10.58 35.61
C GLU B 165 10.82 9.47 36.02
N GLY B 166 10.26 8.31 36.37
CA GLY B 166 11.10 7.17 36.75
C GLY B 166 12.06 6.72 35.67
N VAL B 167 11.69 6.86 34.39
CA VAL B 167 12.61 6.38 33.36
C VAL B 167 13.91 7.18 33.36
N SER B 168 13.89 8.43 33.84
CA SER B 168 15.15 9.18 33.96
C SER B 168 16.04 8.58 35.04
N HIS B 169 15.44 8.14 36.15
CA HIS B 169 16.21 7.43 37.17
C HIS B 169 16.88 6.19 36.59
N GLU B 170 16.14 5.43 35.79
CA GLU B 170 16.69 4.18 35.27
C GLU B 170 17.85 4.45 34.31
N ALA B 171 17.65 5.37 33.37
CA ALA B 171 18.65 5.57 32.33
C ALA B 171 19.88 6.28 32.86
N CYS B 172 19.69 7.24 33.76
CA CYS B 172 20.85 7.96 34.30
C CYS B 172 21.62 7.11 35.29
N SER B 173 20.93 6.23 36.03
CA SER B 173 21.63 5.29 36.88
C SER B 173 22.56 4.41 36.07
N LEU B 174 22.05 3.87 34.95
CA LEU B 174 22.87 3.01 34.10
C LEU B 174 23.98 3.81 33.42
N ALA B 175 23.69 5.04 33.03
CA ALA B 175 24.72 5.85 32.40
C ALA B 175 25.89 6.09 33.34
N GLY B 176 25.60 6.24 34.64
CA GLY B 176 26.67 6.42 35.62
C GLY B 176 27.48 5.16 35.82
N THR B 177 26.81 4.01 35.85
CA THR B 177 27.52 2.74 35.98
CA THR B 177 27.54 2.75 35.98
C THR B 177 28.47 2.50 34.80
N LEU B 178 28.03 2.87 33.60
CA LEU B 178 28.81 2.63 32.39
C LEU B 178 29.77 3.75 32.06
N GLY B 179 29.86 4.79 32.88
CA GLY B 179 30.90 5.80 32.70
C GLY B 179 30.86 6.49 31.35
N LEU B 180 29.69 6.94 30.93
CA LEU B 180 29.51 7.58 29.62
C LEU B 180 29.93 9.04 29.73
N GLY B 181 31.24 9.26 29.68
CA GLY B 181 31.83 10.60 29.81
C GLY B 181 31.54 11.55 28.66
N LYS B 182 31.02 11.06 27.54
CA LYS B 182 30.68 11.93 26.42
C LYS B 182 29.22 12.34 26.43
N LEU B 183 28.48 11.95 27.46
CA LEU B 183 27.10 12.35 27.65
C LEU B 183 27.09 13.57 28.55
N ILE B 184 26.50 14.67 28.08
CA ILE B 184 26.54 15.94 28.80
C ILE B 184 25.15 16.54 28.75
N VAL B 185 24.54 16.70 29.93
CA VAL B 185 23.16 17.15 30.06
C VAL B 185 23.15 18.57 30.58
N LEU B 186 22.40 19.46 29.92
CA LEU B 186 22.06 20.76 30.47
C LEU B 186 20.62 20.69 30.96
N TYR B 187 20.45 20.88 32.26
CA TYR B 187 19.15 20.79 32.92
C TYR B 187 18.56 22.20 33.06
N ASP B 188 17.39 22.40 32.47
CA ASP B 188 16.61 23.63 32.54
C ASP B 188 15.93 23.71 33.91
N ASP B 189 16.66 24.25 34.88
CA ASP B 189 16.22 24.27 36.28
C ASP B 189 15.46 25.58 36.53
N ASN B 190 14.15 25.59 36.24
CA ASN B 190 13.42 26.86 36.25
C ASN B 190 12.30 26.94 37.27
N ASN B 191 12.17 25.97 38.17
CA ASN B 191 11.30 26.03 39.35
C ASN B 191 9.81 25.99 38.98
N ILE B 192 9.47 25.60 37.76
CA ILE B 192 8.09 25.67 37.26
C ILE B 192 7.73 24.36 36.59
N SER B 193 6.52 23.86 36.87
CA SER B 193 5.93 22.84 35.99
C SER B 193 4.50 23.22 35.66
N ILE B 194 3.74 22.33 35.02
CA ILE B 194 2.42 22.72 34.51
C ILE B 194 1.50 23.13 35.66
N ASP B 195 1.62 22.48 36.81
CA ASP B 195 0.72 22.78 37.92
C ASP B 195 1.12 24.05 38.68
N GLY B 196 2.33 24.58 38.46
CA GLY B 196 2.78 25.79 39.12
C GLY B 196 4.22 25.73 39.60
N LYS B 197 4.54 26.44 40.68
CA LYS B 197 5.87 26.35 41.26
C LYS B 197 6.08 24.95 41.82
N VAL B 198 7.21 24.33 41.48
CA VAL B 198 7.38 22.90 41.67
C VAL B 198 7.52 22.49 43.13
N ASP B 199 7.77 23.43 44.04
CA ASP B 199 8.11 23.06 45.41
C ASP B 199 6.98 22.33 46.13
N GLY B 200 5.75 22.41 45.62
CA GLY B 200 4.68 21.62 46.22
C GLY B 200 4.71 20.13 45.88
N TRP B 201 5.59 19.70 44.97
CA TRP B 201 5.61 18.30 44.58
C TRP B 201 6.98 17.83 44.10
N PHE B 202 7.99 18.70 44.03
CA PHE B 202 9.29 18.31 43.49
C PHE B 202 10.35 19.12 44.23
N THR B 203 11.11 18.45 45.11
CA THR B 203 12.12 19.11 45.94
C THR B 203 13.43 18.34 45.96
N GLU B 204 13.68 17.53 44.95
CA GLU B 204 14.92 16.75 44.91
C GLU B 204 16.13 17.65 44.86
N ASN B 205 17.19 17.22 45.54
CA ASN B 205 18.50 17.83 45.41
C ASN B 205 19.16 17.16 44.20
N ILE B 206 18.98 17.77 43.03
CA ILE B 206 19.42 17.11 41.80
C ILE B 206 20.93 16.88 41.80
N PRO B 207 21.78 17.84 42.19
CA PRO B 207 23.22 17.52 42.27
C PRO B 207 23.54 16.31 43.14
N GLN B 208 22.92 16.19 44.32
CA GLN B 208 23.18 15.05 45.18
C GLN B 208 22.66 13.75 44.57
N ARG B 209 21.47 13.80 43.96
CA ARG B 209 20.94 12.63 43.29
C ARG B 209 21.87 12.16 42.19
N PHE B 210 22.38 13.10 41.39
CA PHE B 210 23.21 12.66 40.28
C PHE B 210 24.61 12.28 40.72
N GLU B 211 25.13 12.90 41.80
CA GLU B 211 26.33 12.34 42.40
C GLU B 211 26.11 10.91 42.85
N SER B 212 24.90 10.58 43.31
CA SER B 212 24.67 9.20 43.76
C SER B 212 24.68 8.22 42.60
N TYR B 213 24.50 8.70 41.37
CA TYR B 213 24.61 7.85 40.20
C TYR B 213 26.03 7.74 39.68
N GLY B 214 26.98 8.45 40.29
CA GLY B 214 28.31 8.53 39.75
C GLY B 214 28.50 9.54 38.64
N TRP B 215 27.60 10.52 38.52
CA TRP B 215 27.77 11.58 37.53
C TRP B 215 28.69 12.70 38.04
N HIS B 216 29.27 13.42 37.09
CA HIS B 216 29.89 14.71 37.35
C HIS B 216 28.80 15.77 37.33
N VAL B 217 28.79 16.69 38.30
CA VAL B 217 27.74 17.70 38.41
C VAL B 217 28.36 19.08 38.42
N VAL B 218 27.79 19.99 37.64
CA VAL B 218 28.09 21.41 37.75
C VAL B 218 26.82 22.09 38.25
N PRO B 219 26.73 22.40 39.54
CA PRO B 219 25.49 22.96 40.09
C PRO B 219 25.44 24.48 39.93
N ASN B 220 24.21 24.99 40.01
CA ASN B 220 23.96 26.43 40.21
CA ASN B 220 23.97 26.43 40.23
C ASN B 220 24.64 27.30 39.16
N VAL B 221 24.45 26.94 37.90
CA VAL B 221 24.95 27.76 36.80
C VAL B 221 23.88 28.79 36.43
N ASN B 222 24.28 30.04 36.27
CA ASN B 222 23.36 31.04 35.75
C ASN B 222 23.04 30.70 34.29
N GLY B 223 21.85 30.16 34.05
CA GLY B 223 21.45 29.73 32.72
C GLY B 223 21.21 30.84 31.73
N HIS B 224 21.35 32.10 32.13
CA HIS B 224 21.26 33.22 31.20
C HIS B 224 22.60 33.92 31.05
N ASP B 225 23.67 33.32 31.57
CA ASP B 225 25.04 33.85 31.49
C ASP B 225 25.81 32.93 30.56
N THR B 226 25.99 33.35 29.31
CA THR B 226 26.63 32.46 28.33
C THR B 226 28.09 32.17 28.71
N ALA B 227 28.76 33.12 29.35
CA ALA B 227 30.12 32.86 29.84
C ALA B 227 30.11 31.75 30.89
N ALA B 228 29.20 31.84 31.84
CA ALA B 228 29.08 30.80 32.86
C ALA B 228 28.71 29.46 32.23
N ILE B 229 27.85 29.47 31.22
CA ILE B 229 27.43 28.20 30.60
C ILE B 229 28.59 27.58 29.85
N GLN B 230 29.36 28.41 29.12
CA GLN B 230 30.53 27.90 28.41
C GLN B 230 31.54 27.28 29.38
N THR B 231 31.79 27.95 30.51
CA THR B 231 32.73 27.40 31.48
C THR B 231 32.24 26.06 32.02
N ALA B 232 30.92 25.94 32.24
CA ALA B 232 30.37 24.69 32.73
C ALA B 232 30.51 23.57 31.70
N ILE B 233 30.21 23.85 30.44
CA ILE B 233 30.36 22.83 29.39
C ILE B 233 31.82 22.43 29.26
N GLU B 234 32.75 23.40 29.34
CA GLU B 234 34.17 23.05 29.30
C GLU B 234 34.55 22.11 30.43
N ALA B 235 34.05 22.36 31.65
CA ALA B 235 34.34 21.46 32.76
C ALA B 235 33.76 20.07 32.51
N ALA B 236 32.57 20.02 31.93
CA ALA B 236 31.93 18.74 31.63
C ALA B 236 32.71 17.96 30.58
N ARG B 237 33.23 18.65 29.56
CA ARG B 237 34.00 17.96 28.53
C ARG B 237 35.34 17.49 29.05
N ALA B 238 35.96 18.24 29.97
CA ALA B 238 37.22 17.82 30.55
C ALA B 238 37.08 16.60 31.42
N GLU B 239 35.87 16.31 31.91
CA GLU B 239 35.63 15.12 32.72
C GLU B 239 35.28 13.97 31.77
N THR B 240 36.25 13.09 31.53
CA THR B 240 36.11 12.06 30.51
C THR B 240 35.61 10.73 31.05
N GLY B 241 35.50 10.57 32.36
CA GLY B 241 35.09 9.28 32.90
C GLY B 241 33.68 9.16 33.41
N LYS B 242 32.96 10.29 33.54
CA LYS B 242 31.61 10.28 34.10
C LYS B 242 30.70 11.13 33.23
N PRO B 243 29.43 10.73 33.05
CA PRO B 243 28.48 11.64 32.42
C PRO B 243 28.30 12.89 33.27
N SER B 244 27.93 14.00 32.62
CA SER B 244 27.85 15.30 33.28
C SER B 244 26.44 15.85 33.22
N ILE B 245 26.00 16.45 34.33
CA ILE B 245 24.77 17.24 34.34
C ILE B 245 25.11 18.64 34.81
N ILE B 246 24.66 19.63 34.04
CA ILE B 246 24.90 21.04 34.31
C ILE B 246 23.55 21.63 34.70
N CYS B 247 23.42 22.09 35.93
CA CYS B 247 22.15 22.62 36.43
C CYS B 247 22.07 24.10 36.10
N CYS B 248 21.25 24.44 35.11
CA CYS B 248 21.17 25.82 34.62
C CYS B 248 19.94 26.50 35.21
N LYS B 249 20.16 27.45 36.12
CA LYS B 249 19.07 28.23 36.68
C LYS B 249 18.55 29.19 35.62
N THR B 250 17.30 29.02 35.21
CA THR B 250 16.66 29.91 34.25
C THR B 250 15.31 30.38 34.78
N LEU B 251 14.76 31.40 34.11
CA LEU B 251 13.37 31.80 34.26
C LEU B 251 12.59 31.33 33.05
N ILE B 252 11.47 30.64 33.28
CA ILE B 252 10.61 30.33 32.14
C ILE B 252 10.11 31.64 31.57
N GLY B 253 9.97 31.68 30.24
CA GLY B 253 9.54 32.91 29.60
C GLY B 253 10.50 34.07 29.74
N LYS B 254 11.79 33.78 29.91
CA LYS B 254 12.79 34.83 30.07
C LYS B 254 12.75 35.78 28.87
N GLY B 255 12.73 37.07 29.15
CA GLY B 255 12.64 38.10 28.14
C GLY B 255 11.24 38.65 27.97
N SER B 256 10.22 37.90 28.40
CA SER B 256 8.86 38.41 28.33
C SER B 256 8.73 39.69 29.12
N ALA B 257 8.01 40.65 28.54
CA ALA B 257 7.85 41.95 29.18
C ALA B 257 7.08 41.83 30.49
N ASN B 258 6.05 40.98 30.52
CA ASN B 258 5.14 40.93 31.66
C ASN B 258 4.89 39.53 32.21
N LYS B 259 5.30 38.47 31.51
CA LYS B 259 5.00 37.10 31.94
C LYS B 259 6.26 36.32 32.27
N GLU B 260 7.38 36.99 32.50
CA GLU B 260 8.61 36.29 32.87
C GLU B 260 8.42 35.53 34.17
N GLY B 261 8.79 34.25 34.17
CA GLY B 261 8.64 33.38 35.33
C GLY B 261 7.26 32.84 35.57
N SER B 262 6.29 33.13 34.70
CA SER B 262 4.92 32.68 34.93
C SER B 262 4.70 31.33 34.29
N HIS B 263 4.14 30.38 35.07
CA HIS B 263 3.86 29.06 34.55
C HIS B 263 2.82 29.10 33.43
N LYS B 264 2.08 30.22 33.31
CA LYS B 264 1.16 30.38 32.19
C LYS B 264 1.87 30.31 30.85
N THR B 265 3.15 30.68 30.80
CA THR B 265 3.90 30.67 29.55
C THR B 265 4.29 29.26 29.09
N HIS B 266 4.01 28.24 29.89
CA HIS B 266 4.47 26.90 29.55
C HIS B 266 3.74 26.36 28.33
N GLY B 267 2.41 26.40 28.34
CA GLY B 267 1.65 25.63 27.37
C GLY B 267 0.59 26.38 26.61
N ALA B 268 0.61 27.72 26.69
CA ALA B 268 -0.31 28.54 25.93
C ALA B 268 0.47 29.64 25.23
N PRO B 269 -0.01 30.11 24.08
CA PRO B 269 0.62 31.27 23.43
C PRO B 269 0.74 32.46 24.39
N LEU B 270 1.78 33.27 24.17
CA LEU B 270 1.95 34.47 24.99
C LEU B 270 0.81 35.45 24.79
N GLY B 271 0.22 35.46 23.62
CA GLY B 271 -0.76 36.47 23.27
C GLY B 271 -0.14 37.60 22.48
N ALA B 272 -0.93 38.21 21.59
CA ALA B 272 -0.37 39.20 20.68
C ALA B 272 0.09 40.44 21.43
N ASP B 273 -0.69 40.93 22.39
CA ASP B 273 -0.28 42.12 23.14
C ASP B 273 1.04 41.89 23.86
N GLU B 274 1.19 40.73 24.49
CA GLU B 274 2.40 40.44 25.24
C GLU B 274 3.61 40.32 24.32
N ILE B 275 3.43 39.74 23.13
CA ILE B 275 4.55 39.63 22.20
C ILE B 275 4.99 41.02 21.74
N GLU B 276 4.01 41.91 21.47
CA GLU B 276 4.39 43.26 21.09
C GLU B 276 5.12 43.96 22.23
N ALA B 277 4.64 43.80 23.46
CA ALA B 277 5.33 44.39 24.61
C ALA B 277 6.73 43.81 24.76
N THR B 278 6.90 42.52 24.47
CA THR B 278 8.21 41.88 24.56
C THR B 278 9.15 42.39 23.46
N ARG B 279 8.63 42.60 22.24
CA ARG B 279 9.40 43.28 21.20
C ARG B 279 9.91 44.63 21.68
N LYS B 280 9.03 45.41 22.29
CA LYS B 280 9.42 46.73 22.78
C LYS B 280 10.42 46.61 23.93
N HIS B 281 10.14 45.70 24.87
CA HIS B 281 11.00 45.52 26.04
C HIS B 281 12.41 45.07 25.65
N LEU B 282 12.52 44.21 24.64
CA LEU B 282 13.80 43.67 24.22
C LEU B 282 14.43 44.46 23.07
N GLY B 283 13.79 45.52 22.59
CA GLY B 283 14.36 46.30 21.50
C GLY B 283 14.40 45.55 20.18
N TRP B 284 13.41 44.70 19.92
CA TRP B 284 13.35 43.87 18.72
C TRP B 284 12.28 44.46 17.80
N ALA B 285 12.71 45.07 16.69
CA ALA B 285 11.77 45.72 15.78
C ALA B 285 11.38 44.83 14.60
N TYR B 286 12.05 43.69 14.41
CA TYR B 286 11.82 42.88 13.22
C TYR B 286 10.43 42.25 13.27
N PRO B 287 9.64 42.36 12.21
CA PRO B 287 8.35 41.68 12.18
C PRO B 287 8.53 40.16 12.26
N ALA B 288 7.46 39.49 12.63
CA ALA B 288 7.48 38.04 12.80
C ALA B 288 8.07 37.37 11.58
N PHE B 289 8.98 36.43 11.83
CA PHE B 289 9.65 35.57 10.85
C PHE B 289 10.63 36.31 9.98
N GLU B 290 10.91 37.58 10.26
CA GLU B 290 11.94 38.33 9.56
C GLU B 290 13.19 38.41 10.43
N ILE B 291 14.30 37.92 9.89
CA ILE B 291 15.58 37.85 10.60
C ILE B 291 16.62 38.56 9.75
N PRO B 292 17.34 39.54 10.29
CA PRO B 292 18.33 40.25 9.48
C PRO B 292 19.50 39.35 9.09
N GLN B 293 20.12 39.69 7.96
CA GLN B 293 21.16 38.82 7.41
C GLN B 293 22.30 38.61 8.39
N GLU B 294 22.62 39.63 9.18
CA GLU B 294 23.74 39.54 10.11
C GLU B 294 23.50 38.51 11.22
N ILE B 295 22.25 38.35 11.67
CA ILE B 295 21.97 37.30 12.65
C ILE B 295 22.07 35.93 12.00
N TYR B 296 21.58 35.81 10.77
CA TYR B 296 21.75 34.57 10.02
C TYR B 296 23.22 34.24 9.85
N ASP B 297 24.04 35.24 9.49
CA ASP B 297 25.47 34.98 9.28
C ASP B 297 26.16 34.57 10.59
N ALA B 298 25.74 35.11 11.73
CA ALA B 298 26.32 34.70 13.00
C ALA B 298 25.94 33.27 13.38
N TRP B 299 24.74 32.82 13.02
CA TRP B 299 24.27 31.50 13.40
C TRP B 299 24.64 30.41 12.41
N ASN B 300 24.87 30.76 11.15
CA ASN B 300 24.95 29.75 10.11
C ASN B 300 26.16 28.83 10.33
N ALA B 301 25.92 27.51 10.27
CA ALA B 301 26.96 26.52 10.52
C ALA B 301 27.43 25.81 9.27
N LYS B 302 27.12 26.34 8.09
CA LYS B 302 27.51 25.67 6.85
CA LYS B 302 27.51 25.67 6.85
C LYS B 302 29.02 25.59 6.72
N GLU B 303 29.71 26.72 6.97
CA GLU B 303 31.16 26.75 6.76
C GLU B 303 31.89 25.86 7.75
N LYS B 304 31.62 26.03 9.06
CA LYS B 304 32.26 25.16 10.04
C LYS B 304 31.84 23.70 9.84
N GLY B 305 30.60 23.48 9.40
CA GLY B 305 30.11 22.12 9.23
C GLY B 305 30.79 21.40 8.07
N ALA B 306 30.94 22.08 6.94
CA ALA B 306 31.62 21.46 5.81
C ALA B 306 33.07 21.13 6.16
N LYS B 307 33.73 22.01 6.89
CA LYS B 307 35.11 21.76 7.32
C LYS B 307 35.18 20.58 8.29
N LEU B 308 34.26 20.53 9.24
CA LEU B 308 34.22 19.44 10.22
C LEU B 308 34.13 18.08 9.53
N GLU B 309 33.23 17.95 8.56
CA GLU B 309 33.07 16.68 7.85
C GLU B 309 34.25 16.42 6.91
N ALA B 310 34.78 17.48 6.27
CA ALA B 310 35.98 17.31 5.46
C ALA B 310 37.13 16.75 6.29
N GLY B 311 37.32 17.26 7.50
CA GLY B 311 38.36 16.73 8.37
C GLY B 311 38.13 15.27 8.73
N TRP B 312 36.88 14.92 9.06
CA TRP B 312 36.59 13.52 9.38
C TRP B 312 36.80 12.62 8.18
N ASN B 313 36.37 13.07 6.99
CA ASN B 313 36.57 12.29 5.77
C ASN B 313 38.05 12.02 5.52
N GLU B 314 38.90 13.00 5.81
CA GLU B 314 40.33 12.78 5.63
C GLU B 314 40.86 11.73 6.59
N LEU B 315 40.39 11.77 7.84
CA LEU B 315 40.77 10.75 8.82
C LEU B 315 40.26 9.38 8.42
N PHE B 316 39.02 9.30 7.92
CA PHE B 316 38.45 8.03 7.52
C PHE B 316 39.15 7.47 6.29
N ALA B 317 39.65 8.35 5.41
CA ALA B 317 40.45 7.90 4.28
C ALA B 317 41.74 7.25 4.76
N GLN B 318 42.40 7.84 5.77
CA GLN B 318 43.55 7.18 6.37
C GLN B 318 43.16 5.84 6.96
N TYR B 319 42.01 5.78 7.64
CA TYR B 319 41.51 4.55 8.23
C TYR B 319 41.22 3.50 7.16
N GLN B 320 40.52 3.89 6.10
CA GLN B 320 40.16 2.95 5.05
C GLN B 320 41.40 2.39 4.36
N ALA B 321 42.45 3.20 4.21
CA ALA B 321 43.67 2.75 3.54
C ALA B 321 44.32 1.60 4.30
N LYS B 322 44.31 1.65 5.63
CA LYS B 322 44.98 0.62 6.42
C LYS B 322 44.04 -0.48 6.89
N TYR B 323 42.73 -0.21 6.94
CA TYR B 323 41.73 -1.13 7.48
C TYR B 323 40.54 -1.21 6.53
N PRO B 324 40.74 -1.71 5.31
CA PRO B 324 39.65 -1.64 4.32
C PRO B 324 38.41 -2.46 4.68
N ALA B 325 38.58 -3.67 5.22
CA ALA B 325 37.42 -4.48 5.58
C ALA B 325 36.63 -3.82 6.70
N GLU B 326 37.32 -3.35 7.74
CA GLU B 326 36.64 -2.68 8.85
C GLU B 326 35.94 -1.41 8.37
N ALA B 327 36.57 -0.67 7.44
CA ALA B 327 35.98 0.57 6.96
C ALA B 327 34.69 0.30 6.20
N ALA B 328 34.67 -0.74 5.37
CA ALA B 328 33.45 -1.08 4.64
C ALA B 328 32.35 -1.54 5.59
N GLU B 329 32.71 -2.25 6.66
CA GLU B 329 31.73 -2.67 7.65
C GLU B 329 31.14 -1.48 8.39
N PHE B 330 31.97 -0.47 8.68
CA PHE B 330 31.49 0.71 9.39
C PHE B 330 30.47 1.47 8.55
N VAL B 331 30.73 1.61 7.25
CA VAL B 331 29.79 2.30 6.36
C VAL B 331 28.50 1.51 6.25
N ARG B 332 28.59 0.20 6.00
CA ARG B 332 27.40 -0.65 5.95
C ARG B 332 26.53 -0.47 7.19
N ARG B 333 27.15 -0.58 8.37
CA ARG B 333 26.37 -0.57 9.60
C ARG B 333 25.89 0.83 9.96
N MET B 334 26.68 1.87 9.64
CA MET B 334 26.21 3.24 9.88
C MET B 334 25.07 3.61 8.95
N ASP B 335 25.09 3.09 7.71
CA ASP B 335 23.98 3.29 6.78
C ASP B 335 22.80 2.37 7.07
N LYS B 336 22.87 1.56 8.12
CA LYS B 336 21.77 0.70 8.56
C LYS B 336 21.35 -0.27 7.45
N LYS B 337 22.32 -0.95 6.85
CA LYS B 337 22.09 -1.95 5.82
C LYS B 337 22.56 -3.32 6.29
N LEU B 338 21.85 -4.37 5.86
CA LEU B 338 22.24 -5.72 6.20
C LEU B 338 23.33 -6.24 5.27
N PRO B 339 24.01 -7.33 5.63
CA PRO B 339 24.97 -7.94 4.69
C PRO B 339 24.26 -8.40 3.43
N GLU B 340 25.00 -8.37 2.32
CA GLU B 340 24.42 -8.68 1.02
C GLU B 340 23.88 -10.10 0.98
N ASN B 341 24.53 -11.03 1.66
CA ASN B 341 24.13 -12.43 1.60
C ASN B 341 23.09 -12.80 2.65
N PHE B 342 22.39 -11.82 3.24
CA PHE B 342 21.60 -12.12 4.43
C PHE B 342 20.48 -13.11 4.14
N ASP B 343 19.72 -12.88 3.06
CA ASP B 343 18.59 -13.75 2.76
C ASP B 343 19.03 -15.18 2.45
N GLU B 344 20.13 -15.32 1.71
CA GLU B 344 20.64 -16.66 1.40
C GLU B 344 21.17 -17.34 2.64
N TYR B 345 21.85 -16.60 3.52
CA TYR B 345 22.32 -17.16 4.79
C TYR B 345 21.15 -17.68 5.62
N VAL B 346 20.08 -16.88 5.75
CA VAL B 346 18.93 -17.30 6.54
C VAL B 346 18.28 -18.53 5.91
N GLN B 347 18.11 -18.49 4.58
CA GLN B 347 17.48 -19.61 3.89
C GLN B 347 18.24 -20.90 4.12
N THR B 348 19.56 -20.87 3.98
CA THR B 348 20.37 -22.05 4.21
C THR B 348 20.26 -22.52 5.65
N ALA B 349 20.43 -21.59 6.60
CA ALA B 349 20.34 -21.94 8.02
C ALA B 349 18.97 -22.53 8.35
N LEU B 350 17.92 -22.00 7.71
CA LEU B 350 16.57 -22.50 7.96
C LEU B 350 16.42 -23.94 7.49
N LYS B 351 16.89 -24.23 6.28
CA LYS B 351 16.86 -25.61 5.79
C LYS B 351 17.59 -26.53 6.76
N GLU B 352 18.73 -26.07 7.30
CA GLU B 352 19.50 -26.89 8.23
C GLU B 352 18.77 -27.10 9.54
N VAL B 353 18.15 -26.04 10.08
CA VAL B 353 17.36 -26.18 11.30
C VAL B 353 16.28 -27.25 11.10
N CYS B 354 15.58 -27.18 9.98
CA CYS B 354 14.51 -28.15 9.70
CA CYS B 354 14.52 -28.16 9.75
C CYS B 354 15.07 -29.56 9.56
N ALA B 355 16.31 -29.69 9.10
CA ALA B 355 16.96 -30.99 9.03
C ALA B 355 17.14 -31.58 10.43
N LYS B 356 17.72 -30.80 11.33
CA LYS B 356 17.89 -31.21 12.72
C LYS B 356 16.66 -30.86 13.55
N GLN B 367 15.44 -23.11 20.11
CA GLN B 367 16.84 -23.28 19.70
C GLN B 367 17.62 -22.05 20.05
N ASN B 368 18.61 -21.72 19.21
CA ASN B 368 19.31 -20.46 19.32
C ASN B 368 19.30 -19.78 17.95
N SER B 369 18.15 -19.20 17.62
CA SER B 369 18.09 -18.28 16.49
C SER B 369 19.05 -17.12 16.69
N ILE B 370 19.20 -16.64 17.93
CA ILE B 370 20.09 -15.51 18.19
C ILE B 370 21.52 -15.87 17.79
N GLU B 371 21.97 -17.06 18.16
CA GLU B 371 23.32 -17.49 17.79
C GLU B 371 23.49 -17.54 16.28
N ILE B 372 22.49 -18.07 15.56
CA ILE B 372 22.55 -18.10 14.10
C ILE B 372 22.64 -16.68 13.55
N LEU B 373 21.81 -15.78 14.07
CA LEU B 373 21.80 -14.40 13.59
C LEU B 373 23.12 -13.69 13.89
N ALA B 374 23.65 -13.86 15.09
CA ALA B 374 24.85 -13.15 15.51
C ALA B 374 26.05 -13.48 14.62
N LYS B 375 26.15 -14.74 14.15
CA LYS B 375 27.24 -15.09 13.23
C LYS B 375 27.25 -14.21 11.99
N GLU B 376 26.07 -13.85 11.50
CA GLU B 376 25.89 -13.09 10.27
C GLU B 376 25.86 -11.58 10.50
N LEU B 377 25.47 -11.15 11.69
CA LEU B 377 25.24 -9.74 12.00
C LEU B 377 26.20 -9.30 13.09
N PRO B 378 27.42 -8.88 12.74
CA PRO B 378 28.35 -8.33 13.74
C PRO B 378 27.83 -7.07 14.42
N GLU B 379 26.83 -6.40 13.84
CA GLU B 379 26.21 -5.23 14.46
C GLU B 379 25.24 -5.58 15.59
N LEU B 380 24.95 -6.86 15.82
CA LEU B 380 23.90 -7.23 16.75
C LEU B 380 24.34 -6.91 18.18
N VAL B 381 23.48 -6.23 18.93
CA VAL B 381 23.73 -5.93 20.34
C VAL B 381 22.56 -6.46 21.15
N GLY B 382 22.84 -7.40 22.05
CA GLY B 382 21.80 -7.98 22.88
C GLY B 382 21.66 -7.27 24.20
N GLY B 383 20.75 -7.78 25.02
CA GLY B 383 20.61 -7.23 26.34
C GLY B 383 19.38 -7.75 27.02
N SER B 384 19.30 -7.61 28.34
CA SER B 384 18.09 -8.02 29.04
C SER B 384 17.99 -7.23 30.34
N ALA B 385 16.76 -7.14 30.84
CA ALA B 385 16.50 -6.47 32.11
C ALA B 385 16.54 -7.51 33.22
N ASP B 386 17.78 -7.87 33.59
CA ASP B 386 18.05 -8.78 34.71
C ASP B 386 17.44 -10.17 34.52
N LEU B 387 17.38 -10.66 33.27
CA LEU B 387 16.96 -12.03 33.04
C LEU B 387 18.14 -13.00 33.21
N THR B 388 17.83 -14.20 33.65
CA THR B 388 18.82 -15.27 33.59
C THR B 388 19.18 -15.55 32.13
N PRO B 389 20.45 -15.60 31.77
CA PRO B 389 20.79 -15.82 30.36
C PRO B 389 20.36 -17.20 29.90
N SER B 390 19.83 -17.26 28.68
CA SER B 390 19.40 -18.53 28.10
C SER B 390 19.45 -18.41 26.59
N ASN B 391 19.21 -19.53 25.91
CA ASN B 391 19.16 -19.55 24.46
C ASN B 391 18.12 -18.57 23.89
N LEU B 392 17.11 -18.20 24.68
CA LEU B 392 16.07 -17.30 24.21
C LEU B 392 16.49 -15.83 24.21
N THR B 393 17.51 -15.46 24.97
CA THR B 393 17.84 -14.05 25.18
C THR B 393 19.32 -13.74 25.07
N ASP B 394 20.16 -14.72 24.74
CA ASP B 394 21.60 -14.52 24.70
C ASP B 394 22.19 -15.53 23.73
N TRP B 395 23.48 -15.36 23.43
CA TRP B 395 24.22 -16.33 22.64
C TRP B 395 25.62 -16.47 23.23
N SER B 396 26.28 -17.59 22.91
CA SER B 396 27.48 -17.96 23.67
C SER B 396 28.60 -16.94 23.50
N ASN B 397 28.67 -16.28 22.36
CA ASN B 397 29.77 -15.36 22.04
C ASN B 397 29.55 -13.93 22.52
N SER B 398 28.41 -13.59 23.13
CA SER B 398 28.17 -12.20 23.49
C SER B 398 29.19 -11.74 24.54
N VAL B 399 29.52 -10.45 24.46
CA VAL B 399 30.54 -9.82 25.30
C VAL B 399 29.85 -8.70 26.07
N SER B 400 29.78 -8.84 27.40
CA SER B 400 29.12 -7.85 28.23
C SER B 400 29.81 -6.50 28.14
N VAL B 401 29.03 -5.45 27.85
CA VAL B 401 29.55 -4.09 27.91
C VAL B 401 29.81 -3.70 29.36
N THR B 402 30.95 -3.05 29.60
CA THR B 402 31.30 -2.62 30.95
C THR B 402 31.75 -1.16 30.92
N ARG B 403 32.06 -0.62 32.10
CA ARG B 403 32.54 0.75 32.18
C ARG B 403 33.80 0.94 31.34
N ASP B 404 34.70 -0.05 31.36
CA ASP B 404 36.02 0.14 30.79
C ASP B 404 36.21 -0.48 29.40
N LYS B 405 35.25 -1.27 28.91
CA LYS B 405 35.46 -1.94 27.62
C LYS B 405 34.15 -2.05 26.87
N GLY B 406 34.28 -2.18 25.54
CA GLY B 406 33.11 -2.36 24.70
C GLY B 406 32.54 -3.77 24.79
N GLY B 407 31.66 -4.08 23.87
CA GLY B 407 30.96 -5.35 23.87
C GLY B 407 29.69 -5.24 23.05
N ASN B 408 28.93 -6.33 23.04
CA ASN B 408 27.69 -6.38 22.28
C ASN B 408 26.53 -6.97 23.11
N TYR B 409 26.59 -6.83 24.43
CA TYR B 409 25.50 -7.29 25.27
C TYR B 409 25.40 -6.37 26.47
N ILE B 410 24.20 -5.86 26.73
CA ILE B 410 23.99 -4.83 27.74
C ILE B 410 23.15 -5.42 28.86
N HIS B 411 23.67 -5.38 30.08
CA HIS B 411 22.91 -5.76 31.26
C HIS B 411 22.19 -4.52 31.78
N TYR B 412 20.89 -4.43 31.49
CA TYR B 412 20.11 -3.27 31.87
C TYR B 412 19.73 -3.25 33.34
N GLY B 413 19.86 -4.38 34.07
CA GLY B 413 19.34 -4.40 35.43
C GLY B 413 17.81 -4.39 35.42
N VAL B 414 17.23 -4.11 36.58
CA VAL B 414 15.76 -4.18 36.70
C VAL B 414 15.19 -2.83 36.27
N ARG B 415 15.24 -2.56 34.96
CA ARG B 415 15.07 -1.23 34.37
C ARG B 415 14.45 -1.40 32.98
N GLU B 416 13.20 -1.84 32.94
CA GLU B 416 12.59 -2.19 31.65
C GLU B 416 12.30 -0.96 30.80
N PHE B 417 11.70 0.08 31.39
CA PHE B 417 11.43 1.29 30.61
C PHE B 417 12.73 1.90 30.13
N GLY B 418 13.72 2.00 31.03
CA GLY B 418 15.03 2.46 30.61
C GLY B 418 15.60 1.63 29.48
N MET B 419 15.46 0.31 29.57
CA MET B 419 15.96 -0.55 28.50
C MET B 419 15.31 -0.20 27.17
N GLY B 420 13.96 -0.14 27.13
CA GLY B 420 13.28 0.13 25.88
C GLY B 420 13.66 1.47 25.26
N ALA B 421 13.68 2.51 26.08
CA ALA B 421 14.00 3.83 25.54
C ALA B 421 15.48 3.97 25.20
N ILE B 422 16.36 3.27 25.91
CA ILE B 422 17.78 3.26 25.54
C ILE B 422 17.97 2.55 24.20
N MET B 423 17.28 1.43 23.99
CA MET B 423 17.34 0.73 22.72
CA MET B 423 17.37 0.74 22.72
C MET B 423 16.92 1.63 21.57
N ASN B 424 15.88 2.44 21.77
CA ASN B 424 15.48 3.38 20.73
C ASN B 424 16.64 4.28 20.33
N GLY B 425 17.41 4.77 21.31
CA GLY B 425 18.58 5.60 21.01
C GLY B 425 19.72 4.82 20.40
N LEU B 426 19.92 3.58 20.83
CA LEU B 426 20.94 2.73 20.20
C LEU B 426 20.68 2.60 18.69
N VAL B 427 19.43 2.32 18.30
CA VAL B 427 19.05 2.16 16.89
CA VAL B 427 19.18 2.14 16.88
C VAL B 427 19.22 3.48 16.14
N LEU B 428 18.74 4.56 16.75
CA LEU B 428 18.75 5.86 16.08
C LEU B 428 20.17 6.29 15.73
N HIS B 429 21.15 5.94 16.57
CA HIS B 429 22.52 6.37 16.34
C HIS B 429 23.05 5.89 15.00
N GLY B 430 22.72 4.67 14.62
CA GLY B 430 23.35 3.92 13.52
C GLY B 430 24.51 3.08 14.00
N GLY B 431 24.78 1.99 13.28
CA GLY B 431 25.93 1.15 13.51
C GLY B 431 25.68 -0.08 14.36
N VAL B 432 24.57 -0.12 15.09
CA VAL B 432 24.25 -1.28 15.91
C VAL B 432 22.78 -1.64 15.70
N LYS B 433 22.49 -2.94 15.88
CA LYS B 433 21.11 -3.45 15.83
CA LYS B 433 21.11 -3.44 15.83
C LYS B 433 20.80 -4.08 17.17
N PRO B 434 20.07 -3.39 18.05
CA PRO B 434 19.86 -3.92 19.40
C PRO B 434 18.59 -4.74 19.55
N PHE B 435 18.67 -5.69 20.47
CA PHE B 435 17.49 -6.32 21.05
C PHE B 435 17.60 -6.26 22.57
N GLY B 436 16.44 -6.31 23.22
CA GLY B 436 16.44 -6.32 24.68
C GLY B 436 15.27 -7.12 25.22
N ALA B 437 15.51 -7.93 26.25
CA ALA B 437 14.55 -8.93 26.68
C ALA B 437 14.07 -8.67 28.10
N THR B 438 12.77 -8.93 28.32
CA THR B 438 12.21 -9.02 29.66
C THR B 438 11.06 -10.02 29.62
N PHE B 439 10.40 -10.22 30.76
CA PHE B 439 9.15 -11.00 30.77
C PHE B 439 8.06 -10.26 29.98
N LEU B 440 7.19 -11.01 29.31
CA LEU B 440 6.12 -10.37 28.54
C LEU B 440 5.27 -9.46 29.41
N MET B 441 5.01 -9.84 30.67
CA MET B 441 4.22 -8.98 31.52
C MET B 441 4.82 -7.58 31.62
N PHE B 442 6.15 -7.49 31.66
CA PHE B 442 6.79 -6.22 31.89
C PHE B 442 7.03 -5.44 30.61
N SER B 443 6.49 -5.92 29.49
CA SER B 443 6.19 -5.01 28.39
C SER B 443 5.39 -3.82 28.88
N GLU B 444 4.59 -4.00 29.96
CA GLU B 444 3.78 -2.89 30.47
C GLU B 444 4.64 -1.83 31.16
N TYR B 445 5.78 -2.22 31.72
CA TYR B 445 6.70 -1.24 32.29
C TYR B 445 7.40 -0.40 31.23
N GLU B 446 7.54 -0.89 29.99
CA GLU B 446 8.24 -0.15 28.95
C GLU B 446 7.32 0.18 27.79
N ARG B 447 6.00 0.17 28.02
CA ARG B 447 5.03 0.14 26.93
C ARG B 447 5.18 1.35 26.00
N ASN B 448 5.30 2.56 26.53
CA ASN B 448 5.34 3.69 25.60
C ASN B 448 6.65 3.76 24.82
N ALA B 449 7.72 3.14 25.30
CA ALA B 449 8.94 3.07 24.48
C ALA B 449 8.74 2.18 23.26
N LEU B 450 7.99 1.08 23.42
CA LEU B 450 7.58 0.28 22.27
C LEU B 450 6.80 1.12 21.29
N ARG B 451 5.83 1.87 21.80
CA ARG B 451 5.02 2.69 20.92
C ARG B 451 5.87 3.74 20.24
N MET B 452 6.82 4.33 20.96
CA MET B 452 7.65 5.37 20.36
C MET B 452 8.55 4.81 19.27
N ALA B 453 9.01 3.57 19.42
CA ALA B 453 9.80 2.95 18.36
C ALA B 453 8.95 2.79 17.10
N ALA B 454 7.70 2.36 17.27
CA ALA B 454 6.80 2.21 16.12
C ALA B 454 6.53 3.56 15.45
N LEU B 455 6.28 4.58 16.26
CA LEU B 455 6.00 5.92 15.73
C LEU B 455 7.22 6.48 15.01
N MET B 456 8.42 6.26 15.55
CA MET B 456 9.64 6.73 14.90
C MET B 456 10.01 5.96 13.65
N LYS B 457 9.37 4.81 13.41
CA LYS B 457 9.66 3.96 12.25
C LYS B 457 11.10 3.47 12.28
N ILE B 458 11.56 3.07 13.47
CA ILE B 458 12.87 2.48 13.68
C ILE B 458 12.67 1.00 14.04
N ASN B 459 13.77 0.25 14.07
CA ASN B 459 13.67 -1.22 14.11
C ASN B 459 14.43 -1.89 15.27
N PRO B 460 14.27 -1.42 16.50
CA PRO B 460 14.75 -2.22 17.62
C PRO B 460 13.88 -3.46 17.74
N VAL B 461 14.42 -4.48 18.41
CA VAL B 461 13.74 -5.76 18.56
C VAL B 461 13.50 -6.00 20.04
N PHE B 462 12.23 -6.07 20.44
CA PHE B 462 11.85 -6.24 21.83
C PHE B 462 11.53 -7.71 22.05
N VAL B 463 12.27 -8.35 22.95
CA VAL B 463 12.18 -9.78 23.20
C VAL B 463 11.44 -9.99 24.52
N PHE B 464 10.49 -10.94 24.53
CA PHE B 464 9.72 -11.25 25.72
C PHE B 464 9.71 -12.75 25.94
N THR B 465 9.94 -13.17 27.18
CA THR B 465 9.80 -14.57 27.55
C THR B 465 8.66 -14.70 28.55
N HIS B 466 8.43 -15.92 29.04
CA HIS B 466 7.41 -16.15 30.07
C HIS B 466 6.05 -15.60 29.60
N ASP B 467 5.61 -16.12 28.46
CA ASP B 467 4.56 -15.46 27.70
C ASP B 467 3.14 -15.83 28.10
N SER B 468 2.93 -16.72 29.07
CA SER B 468 1.56 -17.15 29.35
C SER B 468 1.47 -17.77 30.75
N ILE B 469 0.31 -18.33 31.06
CA ILE B 469 0.18 -19.14 32.26
C ILE B 469 1.18 -20.29 32.28
N GLY B 470 1.75 -20.65 31.12
CA GLY B 470 2.80 -21.66 31.07
C GLY B 470 4.02 -21.36 31.95
N LEU B 471 4.18 -20.11 32.40
CA LEU B 471 5.29 -19.83 33.31
C LEU B 471 5.07 -20.44 34.70
N GLY B 472 3.83 -20.73 35.06
CA GLY B 472 3.55 -21.56 36.24
C GLY B 472 3.45 -20.77 37.55
N GLU B 473 4.26 -21.15 38.53
CA GLU B 473 3.95 -20.88 39.93
C GLU B 473 4.02 -19.39 40.29
N ASP B 474 4.74 -18.57 39.54
CA ASP B 474 4.83 -17.14 39.89
C ASP B 474 3.45 -16.49 39.95
N GLY B 475 2.48 -17.00 39.19
CA GLY B 475 1.10 -16.63 39.42
C GLY B 475 0.62 -15.39 38.68
N PRO B 476 -0.56 -14.90 39.07
CA PRO B 476 -1.28 -13.93 38.20
C PRO B 476 -0.61 -12.57 38.05
N THR B 477 0.25 -12.14 38.97
CA THR B 477 0.91 -10.86 38.74
C THR B 477 1.89 -10.94 37.59
N HIS B 478 2.37 -12.15 37.26
CA HIS B 478 3.37 -12.33 36.22
C HIS B 478 2.84 -13.00 34.96
N GLN B 479 1.74 -13.75 35.06
CA GLN B 479 1.24 -14.52 33.90
C GLN B 479 0.53 -13.61 32.90
N PRO B 480 1.05 -13.46 31.68
CA PRO B 480 0.38 -12.60 30.69
C PRO B 480 -0.97 -13.17 30.31
N ILE B 481 -1.92 -12.28 30.08
CA ILE B 481 -3.26 -12.66 29.65
C ILE B 481 -3.60 -11.83 28.42
N GLU B 482 -3.60 -10.52 28.61
CA GLU B 482 -3.99 -9.56 27.59
C GLU B 482 -2.80 -8.92 26.87
N GLN B 483 -1.57 -9.19 27.29
CA GLN B 483 -0.42 -8.40 26.81
C GLN B 483 -0.20 -8.56 25.32
N THR B 484 -0.18 -9.81 24.83
CA THR B 484 0.06 -10.02 23.41
C THR B 484 -1.01 -9.36 22.56
N ALA B 485 -2.28 -9.47 22.99
CA ALA B 485 -3.37 -8.85 22.27
C ALA B 485 -3.22 -7.32 22.22
N THR B 486 -2.78 -6.72 23.33
CA THR B 486 -2.58 -5.26 23.34
C THR B 486 -1.39 -4.85 22.49
N LEU B 487 -0.33 -5.66 22.47
CA LEU B 487 0.82 -5.32 21.64
C LEU B 487 0.46 -5.28 20.15
N ARG B 488 -0.46 -6.15 19.73
CA ARG B 488 -0.88 -6.22 18.33
C ARG B 488 -1.62 -4.96 17.88
N LEU B 489 -2.06 -4.13 18.81
CA LEU B 489 -2.79 -2.91 18.46
C LEU B 489 -1.91 -1.69 18.30
N ILE B 490 -0.60 -1.81 18.54
CA ILE B 490 0.34 -0.72 18.31
C ILE B 490 0.48 -0.54 16.81
N PRO B 491 0.15 0.62 16.27
CA PRO B 491 0.38 0.84 14.83
C PRO B 491 1.85 0.64 14.51
N ASN B 492 2.11 0.04 13.35
CA ASN B 492 3.47 -0.12 12.82
C ASN B 492 4.35 -0.96 13.74
N MET B 493 3.76 -1.93 14.43
CA MET B 493 4.50 -2.90 15.23
C MET B 493 4.22 -4.29 14.69
N ASP B 494 5.26 -5.10 14.48
CA ASP B 494 5.07 -6.53 14.21
C ASP B 494 5.18 -7.33 15.50
N VAL B 495 4.20 -8.19 15.75
CA VAL B 495 4.21 -9.06 16.92
C VAL B 495 4.35 -10.50 16.42
N TRP B 496 5.38 -11.19 16.91
CA TRP B 496 5.67 -12.56 16.51
C TRP B 496 5.57 -13.47 17.74
N ARG B 497 4.89 -14.60 17.59
CA ARG B 497 4.77 -15.60 18.67
C ARG B 497 5.06 -16.97 18.08
N PRO B 498 6.33 -17.28 17.84
CA PRO B 498 6.67 -18.48 17.06
C PRO B 498 6.44 -19.77 17.83
N CYS B 499 6.09 -20.83 17.09
CA CYS B 499 5.79 -22.09 17.75
C CYS B 499 6.96 -23.05 17.81
N ASP B 500 8.03 -22.84 17.06
CA ASP B 500 9.16 -23.76 17.12
C ASP B 500 10.40 -23.04 16.63
N THR B 501 11.49 -23.79 16.50
CA THR B 501 12.76 -23.17 16.14
C THR B 501 12.75 -22.63 14.72
N ALA B 502 12.00 -23.26 13.81
CA ALA B 502 11.88 -22.76 12.46
C ALA B 502 11.16 -21.41 12.43
N GLU B 503 10.00 -21.33 13.10
CA GLU B 503 9.30 -20.05 13.15
C GLU B 503 10.10 -19.01 13.92
N SER B 504 10.90 -19.44 14.90
CA SER B 504 11.70 -18.49 15.68
CA SER B 504 11.69 -18.48 15.67
C SER B 504 12.79 -17.85 14.82
N LEU B 505 13.47 -18.66 14.01
CA LEU B 505 14.52 -18.10 13.16
C LEU B 505 13.93 -17.13 12.17
N VAL B 506 12.80 -17.49 11.55
CA VAL B 506 12.18 -16.61 10.57
C VAL B 506 11.73 -15.32 11.23
N ALA B 507 11.12 -15.42 12.43
CA ALA B 507 10.70 -14.23 13.16
C ALA B 507 11.88 -13.32 13.45
N TRP B 508 13.00 -13.89 13.91
CA TRP B 508 14.19 -13.08 14.17
C TRP B 508 14.71 -12.46 12.89
N ALA B 509 14.80 -13.26 11.82
CA ALA B 509 15.30 -12.76 10.55
C ALA B 509 14.42 -11.67 9.99
N GLU B 510 13.10 -11.86 10.06
CA GLU B 510 12.19 -10.82 9.56
C GLU B 510 12.29 -9.56 10.41
N ALA B 511 12.42 -9.71 11.73
CA ALA B 511 12.60 -8.54 12.59
C ALA B 511 13.88 -7.81 12.27
N ALA B 512 14.96 -8.55 11.98
CA ALA B 512 16.24 -7.93 11.63
C ALA B 512 16.16 -7.22 10.30
N LYS B 513 15.44 -7.83 9.33
CA LYS B 513 15.33 -7.29 7.99
C LYS B 513 14.51 -6.01 7.95
N ALA B 514 13.52 -5.88 8.82
CA ALA B 514 12.60 -4.74 8.78
C ALA B 514 13.37 -3.44 8.97
N GLU B 515 13.23 -2.52 8.02
CA GLU B 515 13.99 -1.28 8.11
C GLU B 515 13.26 -0.18 8.85
N ASP B 516 11.93 -0.21 8.88
CA ASP B 516 11.16 0.96 9.28
C ASP B 516 10.10 0.63 10.32
N HIS B 517 10.23 -0.47 11.06
CA HIS B 517 9.30 -0.72 12.16
C HIS B 517 9.93 -1.68 13.13
N PRO B 518 9.52 -1.64 14.39
CA PRO B 518 10.03 -2.57 15.39
C PRO B 518 9.24 -3.87 15.39
N SER B 519 9.73 -4.83 16.18
CA SER B 519 9.03 -6.09 16.32
C SER B 519 9.05 -6.49 17.79
N CYS B 520 8.01 -7.22 18.20
CA CYS B 520 7.98 -7.90 19.49
C CYS B 520 8.07 -9.40 19.22
N LEU B 521 9.07 -10.05 19.79
CA LEU B 521 9.27 -11.49 19.64
C LEU B 521 8.96 -12.14 20.98
N ILE B 522 7.94 -12.99 21.00
CA ILE B 522 7.31 -13.49 22.22
C ILE B 522 7.59 -14.99 22.28
N PHE B 523 8.25 -15.44 23.35
CA PHE B 523 8.68 -16.83 23.45
C PHE B 523 8.17 -17.49 24.72
N SER B 524 8.04 -18.82 24.66
CA SER B 524 7.91 -19.65 25.84
C SER B 524 9.11 -20.60 25.89
N ARG B 525 9.15 -21.43 26.92
CA ARG B 525 10.18 -22.46 27.05
C ARG B 525 9.93 -23.70 26.19
N GLN B 526 8.81 -23.77 25.47
CA GLN B 526 8.45 -24.97 24.73
C GLN B 526 8.92 -24.86 23.28
N ASN B 527 9.03 -26.03 22.64
CA ASN B 527 9.41 -26.10 21.22
C ASN B 527 9.01 -27.44 20.62
N PHE B 530 7.91 -29.24 17.39
CA PHE B 530 8.56 -29.50 16.11
C PHE B 530 7.71 -30.34 15.16
N GLN B 531 6.96 -29.68 14.28
CA GLN B 531 6.17 -30.33 13.26
C GLN B 531 6.85 -30.21 11.91
N ALA B 532 6.65 -31.22 11.06
CA ALA B 532 7.32 -31.24 9.77
C ALA B 532 6.76 -30.18 8.83
N ARG B 533 7.60 -29.72 7.90
CA ARG B 533 7.23 -28.68 6.96
C ARG B 533 7.83 -28.96 5.59
N SER B 534 7.04 -28.72 4.55
CA SER B 534 7.57 -28.70 3.20
C SER B 534 8.41 -27.45 2.97
N GLU B 535 9.14 -27.43 1.86
CA GLU B 535 9.88 -26.22 1.51
C GLU B 535 8.94 -25.03 1.39
N GLN B 536 7.73 -25.25 0.85
CA GLN B 536 6.80 -24.15 0.65
C GLN B 536 6.28 -23.62 1.98
N GLN B 537 5.94 -24.51 2.91
CA GLN B 537 5.52 -24.05 4.23
C GLN B 537 6.62 -23.26 4.90
N LEU B 538 7.86 -23.76 4.83
CA LEU B 538 9.00 -23.00 5.37
C LEU B 538 9.04 -21.59 4.81
N ASN B 539 8.85 -21.46 3.49
CA ASN B 539 8.96 -20.17 2.83
C ASN B 539 7.80 -19.24 3.14
N ASP B 540 6.64 -19.78 3.56
CA ASP B 540 5.49 -18.96 3.89
C ASP B 540 5.42 -18.52 5.34
N ILE B 541 6.31 -19.00 6.22
CA ILE B 541 6.30 -18.52 7.61
C ILE B 541 6.42 -17.00 7.63
N LYS B 542 7.25 -16.44 6.75
CA LYS B 542 7.46 -15.00 6.72
CA LYS B 542 7.46 -15.00 6.73
C LYS B 542 6.22 -14.22 6.33
N ARG B 543 5.17 -14.91 5.86
CA ARG B 543 3.91 -14.25 5.51
C ARG B 543 2.94 -14.19 6.68
N GLY B 544 3.37 -14.60 7.87
CA GLY B 544 2.64 -14.34 9.10
C GLY B 544 1.64 -15.41 9.45
N ALA B 545 1.05 -16.06 8.45
CA ALA B 545 0.24 -17.23 8.74
C ALA B 545 0.28 -18.13 7.52
N TYR B 546 0.14 -19.44 7.76
CA TYR B 546 0.23 -20.42 6.69
C TYR B 546 -0.40 -21.71 7.19
N VAL B 547 -0.66 -22.62 6.25
CA VAL B 547 -1.23 -23.91 6.61
C VAL B 547 -0.10 -24.81 7.08
N ILE B 548 -0.04 -25.05 8.39
CA ILE B 548 1.02 -25.90 8.91
C ILE B 548 0.64 -27.38 8.85
N SER B 549 -0.66 -27.69 8.89
CA SER B 549 -1.12 -29.07 8.75
C SER B 549 -2.43 -29.07 7.96
N GLU B 550 -2.37 -29.45 6.69
CA GLU B 550 -3.57 -29.45 5.87
C GLU B 550 -4.58 -30.48 6.36
N ALA B 551 -5.85 -30.18 6.13
CA ALA B 551 -6.91 -31.15 6.35
C ALA B 551 -6.68 -32.38 5.48
N GLN B 552 -6.83 -33.56 6.08
CA GLN B 552 -6.69 -34.83 5.36
C GLN B 552 -8.09 -35.27 4.95
N GLY B 553 -8.55 -34.77 3.81
CA GLY B 553 -9.95 -34.77 3.43
C GLY B 553 -10.46 -33.36 3.23
N ASN B 554 -11.73 -33.24 2.90
CA ASN B 554 -12.34 -31.93 2.69
C ASN B 554 -12.51 -31.23 4.05
N ALA B 555 -11.83 -30.09 4.21
CA ALA B 555 -11.83 -29.38 5.49
C ALA B 555 -13.24 -28.93 5.87
N GLN B 556 -13.61 -29.20 7.13
CA GLN B 556 -14.87 -28.71 7.68
C GLN B 556 -14.67 -27.47 8.56
N ALA B 557 -13.43 -27.20 8.95
CA ALA B 557 -13.11 -26.01 9.73
C ALA B 557 -11.62 -25.78 9.63
N VAL B 558 -11.18 -24.64 10.15
CA VAL B 558 -9.77 -24.35 10.29
C VAL B 558 -9.51 -23.95 11.74
N ILE B 559 -8.51 -24.56 12.35
CA ILE B 559 -8.02 -24.10 13.65
C ILE B 559 -6.86 -23.15 13.39
N ILE B 560 -6.96 -21.93 13.89
CA ILE B 560 -5.85 -20.99 13.90
C ILE B 560 -5.19 -21.08 15.27
N ALA B 561 -3.88 -21.25 15.30
CA ALA B 561 -3.15 -21.30 16.57
C ALA B 561 -1.85 -20.51 16.44
N THR B 562 -1.29 -20.14 17.59
CA THR B 562 -0.03 -19.42 17.68
C THR B 562 0.84 -20.03 18.76
N GLY B 563 2.16 -19.86 18.61
CA GLY B 563 3.08 -20.14 19.71
C GLY B 563 2.90 -21.54 20.30
N SER B 564 2.88 -21.60 21.64
CA SER B 564 2.80 -22.86 22.37
C SER B 564 1.49 -23.61 22.13
N GLU B 565 0.49 -23.00 21.50
CA GLU B 565 -0.77 -23.71 21.30
C GLU B 565 -0.86 -24.40 19.95
N VAL B 566 0.12 -24.24 19.06
CA VAL B 566 0.04 -24.92 17.77
C VAL B 566 0.03 -26.44 17.95
N GLY B 567 0.87 -26.95 18.86
CA GLY B 567 0.88 -28.38 19.12
C GLY B 567 -0.48 -28.90 19.54
N LEU B 568 -1.14 -28.19 20.46
CA LEU B 568 -2.48 -28.55 20.89
C LEU B 568 -3.45 -28.58 19.71
N ALA B 569 -3.35 -27.60 18.81
CA ALA B 569 -4.24 -27.59 17.66
C ALA B 569 -4.02 -28.80 16.76
N VAL B 570 -2.75 -29.18 16.54
CA VAL B 570 -2.47 -30.32 15.67
C VAL B 570 -2.94 -31.62 16.32
N GLU B 571 -2.82 -31.73 17.64
CA GLU B 571 -3.34 -32.91 18.34
C GLU B 571 -4.85 -33.01 18.21
N ALA B 572 -5.54 -31.88 18.35
CA ALA B 572 -7.00 -31.85 18.18
C ALA B 572 -7.36 -32.23 16.76
N GLN B 573 -6.58 -31.79 15.78
CA GLN B 573 -6.81 -32.18 14.39
C GLN B 573 -6.77 -33.68 14.24
N LYS B 574 -5.83 -34.35 14.89
CA LYS B 574 -5.70 -35.79 14.74
C LYS B 574 -6.83 -36.54 15.44
N VAL B 575 -7.32 -36.02 16.57
CA VAL B 575 -8.50 -36.60 17.21
C VAL B 575 -9.73 -36.42 16.34
N LEU B 576 -9.91 -35.21 15.81
CA LEU B 576 -11.02 -34.96 14.88
C LEU B 576 -10.96 -35.88 13.67
N ALA B 577 -9.76 -36.09 13.11
CA ALA B 577 -9.62 -36.97 11.95
C ALA B 577 -10.03 -38.41 12.29
N GLY B 578 -9.73 -38.85 13.52
CA GLY B 578 -10.20 -40.14 13.97
C GLY B 578 -11.71 -40.25 14.04
N GLN B 579 -12.41 -39.12 14.14
CA GLN B 579 -13.86 -39.09 14.12
C GLN B 579 -14.42 -38.73 12.76
N GLY B 580 -13.60 -38.76 11.71
CA GLY B 580 -14.06 -38.44 10.38
C GLY B 580 -14.24 -36.97 10.10
N ILE B 581 -13.71 -36.10 10.96
CA ILE B 581 -13.83 -34.66 10.81
C ILE B 581 -12.46 -34.13 10.38
N ALA B 582 -12.30 -33.83 9.10
CA ALA B 582 -11.07 -33.25 8.62
C ALA B 582 -11.07 -31.73 8.86
N VAL B 583 -10.02 -31.23 9.50
CA VAL B 583 -9.85 -29.80 9.68
C VAL B 583 -8.42 -29.43 9.30
N ARG B 584 -8.26 -28.19 8.88
CA ARG B 584 -6.95 -27.63 8.58
C ARG B 584 -6.45 -26.90 9.83
N VAL B 585 -5.14 -26.96 10.07
CA VAL B 585 -4.52 -26.16 11.13
C VAL B 585 -3.66 -25.08 10.49
N VAL B 586 -3.94 -23.83 10.84
CA VAL B 586 -3.15 -22.68 10.41
C VAL B 586 -2.31 -22.20 11.59
N SER B 587 -1.00 -22.07 11.36
CA SER B 587 -0.11 -21.40 12.32
C SER B 587 -0.07 -19.93 11.94
N MET B 588 -0.33 -19.05 12.91
CA MET B 588 -0.30 -17.60 12.66
C MET B 588 0.74 -16.98 13.58
N PRO B 589 2.03 -17.20 13.30
CA PRO B 589 3.07 -16.63 14.16
C PRO B 589 3.06 -15.12 14.23
N SER B 590 2.50 -14.43 13.23
CA SER B 590 2.36 -12.98 13.32
C SER B 590 1.05 -12.54 12.68
N THR B 591 0.08 -12.14 13.51
CA THR B 591 -1.12 -11.48 12.98
C THR B 591 -0.75 -10.23 12.19
N SER B 592 0.23 -9.48 12.69
CA SER B 592 0.59 -8.19 12.09
C SER B 592 1.00 -8.38 10.64
N VAL B 593 1.87 -9.35 10.39
CA VAL B 593 2.35 -9.62 9.05
C VAL B 593 1.25 -10.23 8.20
N PHE B 594 0.46 -11.15 8.78
CA PHE B 594 -0.58 -11.80 7.99
C PHE B 594 -1.56 -10.77 7.46
N ASP B 595 -1.91 -9.79 8.29
CA ASP B 595 -2.89 -8.79 7.90
C ASP B 595 -2.43 -7.93 6.73
N ARG B 596 -1.13 -7.87 6.46
CA ARG B 596 -0.57 -7.12 5.34
C ARG B 596 -0.53 -7.91 4.03
N GLN B 597 -0.73 -9.22 4.08
CA GLN B 597 -0.67 -10.00 2.87
C GLN B 597 -1.86 -9.67 1.97
N ASP B 598 -1.69 -9.93 0.66
CA ASP B 598 -2.74 -9.64 -0.29
C ASP B 598 -3.97 -10.52 -0.03
N ALA B 599 -5.12 -10.05 -0.51
CA ALA B 599 -6.38 -10.72 -0.21
C ALA B 599 -6.37 -12.17 -0.68
N ALA B 600 -5.76 -12.44 -1.84
CA ALA B 600 -5.73 -13.81 -2.37
C ALA B 600 -5.01 -14.76 -1.41
N TYR B 601 -3.88 -14.31 -0.85
CA TYR B 601 -3.16 -15.15 0.10
C TYR B 601 -3.96 -15.35 1.39
N GLN B 602 -4.58 -14.28 1.89
CA GLN B 602 -5.35 -14.42 3.13
C GLN B 602 -6.49 -15.42 2.95
N ALA B 603 -7.19 -15.35 1.82
CA ALA B 603 -8.28 -16.28 1.55
C ALA B 603 -7.77 -17.70 1.32
N ALA B 604 -6.57 -17.85 0.75
CA ALA B 604 -6.03 -19.20 0.59
C ALA B 604 -5.74 -19.83 1.94
N VAL B 605 -5.31 -19.03 2.91
CA VAL B 605 -5.04 -19.54 4.26
C VAL B 605 -6.34 -19.73 5.04
N LEU B 606 -7.27 -18.78 4.93
CA LEU B 606 -8.53 -18.79 5.68
C LEU B 606 -9.68 -18.69 4.69
N PRO B 607 -10.09 -19.80 4.09
CA PRO B 607 -11.10 -19.75 3.02
C PRO B 607 -12.43 -19.18 3.50
N GLU B 608 -13.07 -18.39 2.64
CA GLU B 608 -14.39 -17.87 2.96
C GLU B 608 -15.37 -19.02 3.18
N GLY B 609 -16.19 -18.90 4.22
CA GLY B 609 -17.21 -19.90 4.48
C GLY B 609 -16.76 -21.11 5.25
N LEU B 610 -15.48 -21.22 5.58
CA LEU B 610 -15.00 -22.31 6.44
C LEU B 610 -14.95 -21.80 7.87
N PRO B 611 -15.71 -22.37 8.81
CA PRO B 611 -15.69 -21.87 10.19
C PRO B 611 -14.28 -21.91 10.77
N ARG B 612 -13.99 -20.90 11.60
CA ARG B 612 -12.65 -20.70 12.14
C ARG B 612 -12.69 -20.76 13.65
N ILE B 613 -11.70 -21.43 14.23
CA ILE B 613 -11.52 -21.52 15.67
C ILE B 613 -10.10 -21.08 16.00
N ALA B 614 -9.96 -20.13 16.92
CA ALA B 614 -8.65 -19.64 17.31
C ALA B 614 -8.28 -20.24 18.67
N VAL B 615 -7.03 -20.65 18.82
CA VAL B 615 -6.53 -21.23 20.07
C VAL B 615 -5.24 -20.53 20.46
N GLU B 616 -5.26 -19.83 21.60
CA GLU B 616 -4.13 -19.05 22.07
C GLU B 616 -4.32 -18.82 23.55
N ALA B 617 -3.26 -19.04 24.34
CA ALA B 617 -3.37 -18.90 25.79
C ALA B 617 -3.32 -17.43 26.18
N GLY B 618 -4.35 -16.71 25.78
CA GLY B 618 -4.46 -15.29 26.10
C GLY B 618 -5.85 -14.79 25.76
N HIS B 619 -6.01 -13.47 25.88
CA HIS B 619 -7.30 -12.84 25.70
C HIS B 619 -7.90 -13.21 24.34
N THR B 620 -9.21 -13.40 24.32
CA THR B 620 -9.90 -13.82 23.09
C THR B 620 -10.33 -12.67 22.18
N ASN B 621 -10.43 -11.44 22.70
CA ASN B 621 -11.27 -10.49 21.98
CA ASN B 621 -11.20 -10.39 22.02
C ASN B 621 -10.69 -10.12 20.62
N GLY B 622 -9.37 -10.13 20.44
CA GLY B 622 -8.79 -9.81 19.15
C GLY B 622 -9.09 -10.84 18.07
N TRP B 623 -9.39 -12.08 18.46
CA TRP B 623 -9.55 -13.12 17.46
C TRP B 623 -10.87 -13.04 16.73
N TYR B 624 -11.83 -12.27 17.24
CA TYR B 624 -13.10 -12.15 16.53
C TYR B 624 -12.95 -11.47 15.19
N LYS B 625 -11.86 -10.72 14.99
CA LYS B 625 -11.61 -10.14 13.69
C LYS B 625 -11.49 -11.22 12.63
N TYR B 626 -10.99 -12.40 13.01
CA TYR B 626 -10.86 -13.53 12.12
C TYR B 626 -12.03 -14.51 12.23
N VAL B 627 -12.48 -14.84 13.45
CA VAL B 627 -13.47 -15.91 13.60
C VAL B 627 -14.91 -15.41 13.53
N GLY B 628 -15.15 -14.12 13.77
CA GLY B 628 -16.49 -13.58 13.62
C GLY B 628 -17.45 -14.10 14.68
N LEU B 629 -18.73 -13.79 14.47
CA LEU B 629 -19.74 -14.11 15.46
C LEU B 629 -20.11 -15.58 15.47
N ASN B 630 -19.77 -16.33 14.43
CA ASN B 630 -20.12 -17.74 14.35
C ASN B 630 -18.94 -18.67 14.54
N GLY B 631 -17.72 -18.15 14.66
CA GLY B 631 -16.57 -18.94 15.01
C GLY B 631 -16.45 -19.06 16.51
N ALA B 632 -15.25 -19.40 16.96
CA ALA B 632 -15.04 -19.61 18.38
C ALA B 632 -13.58 -19.38 18.72
N VAL B 633 -13.33 -19.16 20.01
CA VAL B 633 -11.97 -18.92 20.49
C VAL B 633 -11.75 -19.77 21.74
N VAL B 634 -10.60 -20.44 21.82
CA VAL B 634 -10.16 -21.06 23.06
C VAL B 634 -9.07 -20.15 23.62
N GLY B 635 -9.40 -19.39 24.65
CA GLY B 635 -8.47 -18.45 25.22
C GLY B 635 -8.69 -18.28 26.71
N ILE B 636 -8.21 -17.16 27.25
CA ILE B 636 -8.35 -16.88 28.67
C ILE B 636 -8.51 -15.38 28.87
N ASN B 637 -9.60 -14.99 29.55
CA ASN B 637 -9.97 -13.58 29.71
C ASN B 637 -9.96 -13.16 31.17
N ARG B 638 -9.43 -13.99 32.06
CA ARG B 638 -9.35 -13.66 33.46
C ARG B 638 -7.91 -13.81 33.92
N PHE B 639 -7.63 -13.33 35.12
CA PHE B 639 -6.29 -13.43 35.64
C PHE B 639 -5.92 -14.89 35.90
N GLY B 640 -4.62 -15.16 35.92
CA GLY B 640 -4.12 -16.50 36.11
C GLY B 640 -4.18 -16.97 37.56
N GLU B 641 -3.35 -17.96 37.86
CA GLU B 641 -3.33 -18.63 39.15
C GLU B 641 -1.92 -19.12 39.44
N SER B 642 -1.51 -19.05 40.70
CA SER B 642 -0.23 -19.64 41.10
C SER B 642 -0.40 -21.15 41.22
N ALA B 643 0.20 -21.89 40.28
CA ALA B 643 0.20 -23.34 40.27
C ALA B 643 1.19 -23.84 39.22
N PRO B 644 1.55 -25.14 39.21
CA PRO B 644 2.35 -25.68 38.10
C PRO B 644 1.66 -25.47 36.75
N ALA B 645 2.48 -25.27 35.72
CA ALA B 645 1.95 -24.93 34.39
C ALA B 645 1.02 -26.00 33.84
N ASP B 646 1.35 -27.28 34.04
CA ASP B 646 0.51 -28.31 33.43
C ASP B 646 -0.89 -28.28 34.03
N LEU B 647 -1.01 -28.04 35.33
CA LEU B 647 -2.33 -27.97 35.95
C LEU B 647 -3.07 -26.72 35.52
N LEU B 648 -2.34 -25.64 35.23
CA LEU B 648 -2.94 -24.41 34.75
C LEU B 648 -3.52 -24.58 33.34
N PHE B 649 -2.74 -25.13 32.41
CA PHE B 649 -3.28 -25.32 31.07
C PHE B 649 -4.55 -26.17 31.12
N LYS B 650 -4.56 -27.20 31.98
CA LYS B 650 -5.78 -27.99 32.14
C LYS B 650 -6.90 -27.15 32.73
N ALA B 651 -6.62 -26.43 33.81
CA ALA B 651 -7.68 -25.70 34.50
C ALA B 651 -8.32 -24.65 33.61
N PHE B 652 -7.55 -24.05 32.70
CA PHE B 652 -8.06 -22.98 31.86
C PHE B 652 -8.52 -23.48 30.50
N GLY B 653 -8.61 -24.80 30.32
CA GLY B 653 -9.26 -25.38 29.15
C GLY B 653 -8.38 -25.59 27.94
N PHE B 654 -7.06 -25.55 28.10
CA PHE B 654 -6.17 -25.82 26.98
C PHE B 654 -5.86 -27.31 26.96
N THR B 655 -6.93 -28.06 26.67
CA THR B 655 -6.92 -29.51 26.54
C THR B 655 -7.40 -29.88 25.14
N VAL B 656 -7.01 -31.07 24.70
CA VAL B 656 -7.48 -31.56 23.41
C VAL B 656 -9.00 -31.68 23.38
N ASP B 657 -9.59 -32.23 24.45
CA ASP B 657 -11.04 -32.39 24.50
C ASP B 657 -11.76 -31.07 24.33
N ASN B 658 -11.25 -30.01 24.97
CA ASN B 658 -11.92 -28.72 24.87
C ASN B 658 -11.77 -28.13 23.48
N VAL B 659 -10.59 -28.25 22.88
CA VAL B 659 -10.44 -27.75 21.51
C VAL B 659 -11.34 -28.54 20.57
N VAL B 660 -11.39 -29.86 20.73
CA VAL B 660 -12.23 -30.70 19.88
C VAL B 660 -13.69 -30.34 20.05
N ASP B 661 -14.15 -30.19 21.28
CA ASP B 661 -15.55 -29.84 21.51
C ASP B 661 -15.87 -28.47 20.96
N THR B 662 -14.92 -27.53 21.07
CA THR B 662 -15.13 -26.18 20.56
C THR B 662 -15.23 -26.17 19.04
N VAL B 663 -14.39 -26.97 18.36
CA VAL B 663 -14.48 -27.09 16.91
C VAL B 663 -15.83 -27.65 16.52
N LYS B 664 -16.27 -28.71 17.21
CA LYS B 664 -17.57 -29.32 16.88
C LYS B 664 -18.70 -28.31 17.03
N SER B 665 -18.59 -27.43 18.02
CA SER B 665 -19.68 -26.51 18.35
C SER B 665 -19.94 -25.47 17.27
N VAL B 666 -19.01 -25.26 16.34
CA VAL B 666 -19.24 -24.30 15.25
C VAL B 666 -19.45 -24.98 13.92
N LEU B 667 -19.47 -26.31 13.88
CA LEU B 667 -19.74 -27.04 12.65
C LEU B 667 -21.22 -26.99 12.30
N SER C 10 4.98 29.62 -3.51
CA SER C 10 3.87 29.59 -4.45
C SER C 10 4.34 30.10 -5.81
N GLN C 11 5.28 31.05 -5.79
CA GLN C 11 5.85 31.55 -7.03
C GLN C 11 6.66 30.48 -7.75
N LEU C 12 7.21 29.52 -7.01
CA LEU C 12 7.92 28.43 -7.67
C LEU C 12 6.97 27.57 -8.49
N ALA C 13 5.73 27.42 -8.06
CA ALA C 13 4.75 26.71 -8.89
C ALA C 13 4.14 27.63 -9.93
N ASN C 14 3.96 28.90 -9.59
CA ASN C 14 3.30 29.82 -10.52
C ASN C 14 4.12 30.02 -11.78
N VAL C 15 5.45 30.01 -11.67
CA VAL C 15 6.28 30.23 -12.85
C VAL C 15 6.06 29.11 -13.87
N ILE C 16 5.87 27.88 -13.41
CA ILE C 16 5.54 26.79 -14.33
C ILE C 16 4.20 27.05 -14.99
N ARG C 17 3.24 27.52 -14.19
CA ARG C 17 1.88 27.76 -14.64
C ARG C 17 1.84 28.80 -15.76
N PHE C 18 2.56 29.90 -15.61
CA PHE C 18 2.46 30.96 -16.62
C PHE C 18 3.45 30.81 -17.76
N LEU C 19 4.63 30.23 -17.53
CA LEU C 19 5.48 29.85 -18.66
C LEU C 19 4.71 28.97 -19.63
N SER C 20 3.95 28.01 -19.10
CA SER C 20 3.19 27.10 -19.94
C SER C 20 2.06 27.82 -20.66
N ALA C 21 1.28 28.64 -19.94
CA ALA C 21 0.19 29.39 -20.56
C ALA C 21 0.73 30.38 -21.58
N ASP C 22 1.83 31.06 -21.26
CA ASP C 22 2.38 32.04 -22.18
C ASP C 22 2.91 31.39 -23.46
N ALA C 23 3.58 30.24 -23.33
CA ALA C 23 4.13 29.60 -24.51
C ALA C 23 3.02 29.04 -25.41
N VAL C 24 1.98 28.49 -24.79
CA VAL C 24 0.84 28.00 -25.56
C VAL C 24 0.18 29.15 -26.32
N GLN C 25 0.04 30.30 -25.66
CA GLN C 25 -0.59 31.44 -26.34
C GLN C 25 0.27 31.95 -27.49
N LYS C 26 1.59 32.00 -27.32
CA LYS C 26 2.46 32.49 -28.40
C LYS C 26 2.42 31.54 -29.59
N ALA C 27 2.33 30.24 -29.33
CA ALA C 27 2.17 29.27 -30.41
C ALA C 27 0.76 29.29 -30.98
N ASN C 28 -0.20 29.82 -30.23
CA ASN C 28 -1.62 29.74 -30.58
C ASN C 28 -2.00 28.29 -30.87
N SER C 29 -1.45 27.38 -30.08
CA SER C 29 -1.57 25.94 -30.27
C SER C 29 -1.03 25.26 -29.02
N GLY C 30 -1.72 24.21 -28.57
CA GLY C 30 -1.27 23.44 -27.43
C GLY C 30 -2.29 23.43 -26.30
N HIS C 31 -1.90 22.77 -25.21
CA HIS C 31 -2.80 22.47 -24.09
C HIS C 31 -2.25 23.11 -22.82
N PRO C 32 -2.84 24.19 -22.33
CA PRO C 32 -2.31 24.83 -21.12
C PRO C 32 -2.92 24.31 -19.83
N GLY C 33 -4.06 23.65 -19.92
CA GLY C 33 -4.82 23.32 -18.71
C GLY C 33 -4.11 22.32 -17.82
N ALA C 34 -3.59 21.25 -18.42
CA ALA C 34 -2.90 20.23 -17.63
C ALA C 34 -1.62 20.74 -17.00
N PRO C 35 -0.74 21.47 -17.70
CA PRO C 35 0.44 22.01 -17.00
C PRO C 35 0.08 22.95 -15.88
N MET C 36 -0.93 23.81 -16.09
CA MET C 36 -1.35 24.71 -15.02
C MET C 36 -1.84 23.94 -13.81
N GLY C 37 -2.64 22.90 -14.02
CA GLY C 37 -3.18 22.14 -12.90
C GLY C 37 -2.12 21.36 -12.15
N MET C 38 -1.07 20.92 -12.85
CA MET C 38 -0.06 20.06 -12.25
C MET C 38 1.14 20.82 -11.70
N ALA C 39 1.06 22.16 -11.65
CA ALA C 39 2.22 22.96 -11.27
C ALA C 39 2.72 22.63 -9.88
N GLU C 40 1.82 22.49 -8.90
CA GLU C 40 2.26 22.18 -7.55
C GLU C 40 2.76 20.76 -7.44
N MET C 41 2.19 19.84 -8.21
CA MET C 41 2.76 18.50 -8.26
C MET C 41 4.18 18.52 -8.81
N ALA C 42 4.42 19.32 -9.85
CA ALA C 42 5.75 19.37 -10.43
C ALA C 42 6.75 20.04 -9.49
N GLU C 43 6.35 21.15 -8.87
CA GLU C 43 7.23 21.84 -7.93
C GLU C 43 7.68 20.88 -6.84
N THR C 44 6.73 20.16 -6.25
CA THR C 44 7.06 19.30 -5.13
C THR C 44 7.99 18.17 -5.55
N LEU C 45 7.64 17.45 -6.62
CA LEU C 45 8.49 16.35 -7.04
C LEU C 45 9.89 16.83 -7.44
N TRP C 46 9.95 17.86 -8.28
CA TRP C 46 11.23 18.24 -8.85
C TRP C 46 12.12 18.99 -7.86
N THR C 47 11.57 19.81 -6.96
CA THR C 47 12.44 20.53 -6.02
C THR C 47 12.75 19.72 -4.77
N LYS C 48 11.90 18.77 -4.38
CA LYS C 48 12.07 18.09 -3.10
C LYS C 48 12.56 16.66 -3.22
N PHE C 49 12.42 16.01 -4.38
CA PHE C 49 12.75 14.59 -4.43
C PHE C 49 13.62 14.20 -5.62
N LEU C 50 13.36 14.75 -6.81
CA LEU C 50 13.95 14.19 -8.01
C LEU C 50 15.47 14.35 -8.01
N ASN C 51 16.18 13.23 -8.19
CA ASN C 51 17.64 13.23 -8.23
C ASN C 51 18.08 13.22 -9.70
N HIS C 52 18.62 14.34 -10.16
CA HIS C 52 19.03 14.46 -11.55
C HIS C 52 20.15 15.48 -11.65
N ASN C 53 20.91 15.42 -12.75
CA ASN C 53 21.98 16.39 -13.01
C ASN C 53 21.75 17.07 -14.36
N PRO C 54 21.28 18.32 -14.37
CA PRO C 54 21.11 19.03 -15.65
C PRO C 54 22.37 19.07 -16.49
N ALA C 55 23.55 19.03 -15.87
CA ALA C 55 24.81 19.02 -16.60
C ALA C 55 25.04 17.72 -17.36
N ASN C 56 24.41 16.62 -16.96
CA ASN C 56 24.56 15.33 -17.64
C ASN C 56 23.20 14.64 -17.68
N PRO C 57 22.39 14.93 -18.71
CA PRO C 57 21.09 14.27 -18.83
C PRO C 57 21.18 12.77 -19.00
N LYS C 58 22.37 12.21 -19.27
CA LYS C 58 22.54 10.76 -19.38
C LYS C 58 23.21 10.14 -18.16
N PHE C 59 23.30 10.87 -17.04
CA PHE C 59 23.77 10.30 -15.78
C PHE C 59 23.10 8.95 -15.51
N TYR C 60 23.93 7.91 -15.35
CA TYR C 60 23.41 6.54 -15.35
C TYR C 60 22.38 6.31 -14.26
N ASN C 61 22.60 6.88 -13.06
CA ASN C 61 21.74 6.60 -11.92
C ASN C 61 20.73 7.72 -11.63
N ARG C 62 20.43 8.57 -12.61
CA ARG C 62 19.39 9.58 -12.40
C ARG C 62 18.04 8.91 -12.17
N ASP C 63 17.20 9.55 -11.34
CA ASP C 63 15.78 9.20 -11.35
C ASP C 63 15.23 9.45 -12.75
N ARG C 64 14.27 8.63 -13.15
CA ARG C 64 13.61 8.77 -14.44
C ARG C 64 12.26 9.42 -14.20
N PHE C 65 11.98 10.50 -14.93
CA PHE C 65 10.68 11.15 -14.90
C PHE C 65 9.98 10.94 -16.24
N VAL C 66 8.69 10.62 -16.19
CA VAL C 66 7.92 10.39 -17.39
C VAL C 66 6.63 11.20 -17.27
N LEU C 67 6.41 12.09 -18.23
CA LEU C 67 5.16 12.84 -18.39
C LEU C 67 4.28 12.01 -19.32
N SER C 68 3.45 11.16 -18.74
CA SER C 68 2.66 10.24 -19.57
C SER C 68 1.63 11.00 -20.39
N ASN C 69 1.03 12.04 -19.79
CA ASN C 69 0.09 12.90 -20.50
C ASN C 69 0.89 13.93 -21.31
N GLY C 70 1.46 13.45 -22.43
CA GLY C 70 2.44 14.22 -23.19
C GLY C 70 1.92 15.50 -23.81
N HIS C 71 0.61 15.66 -23.92
CA HIS C 71 0.06 16.96 -24.35
C HIS C 71 0.43 18.08 -23.39
N ALA C 72 0.70 17.75 -22.12
CA ALA C 72 1.11 18.72 -21.13
C ALA C 72 2.59 19.07 -21.26
N SER C 73 3.10 19.02 -22.50
CA SER C 73 4.53 19.14 -22.75
C SER C 73 5.15 20.39 -22.13
N MET C 74 4.41 21.52 -22.11
CA MET C 74 5.03 22.75 -21.62
C MET C 74 5.39 22.64 -20.14
N LEU C 75 4.70 21.79 -19.38
CA LEU C 75 5.10 21.56 -17.99
C LEU C 75 6.53 21.01 -17.94
N LEU C 76 6.84 20.02 -18.78
CA LEU C 76 8.17 19.42 -18.78
C LEU C 76 9.21 20.37 -19.34
N TYR C 77 8.86 21.11 -20.41
CA TYR C 77 9.78 22.13 -20.94
C TYR C 77 10.06 23.20 -19.89
N SER C 78 9.04 23.64 -19.17
CA SER C 78 9.25 24.62 -18.11
C SER C 78 10.20 24.08 -17.06
N LEU C 79 10.01 22.82 -16.65
CA LEU C 79 10.87 22.22 -15.63
C LEU C 79 12.31 22.12 -16.11
N LEU C 80 12.49 21.72 -17.38
CA LEU C 80 13.85 21.57 -17.92
C LEU C 80 14.54 22.92 -18.01
N HIS C 81 13.83 23.93 -18.52
CA HIS C 81 14.39 25.27 -18.57
C HIS C 81 14.76 25.79 -17.19
N LEU C 82 13.86 25.63 -16.21
CA LEU C 82 14.06 26.24 -14.90
C LEU C 82 15.19 25.58 -14.14
N THR C 83 15.34 24.26 -14.26
CA THR C 83 16.34 23.57 -13.46
C THR C 83 17.74 23.63 -14.06
N GLY C 84 17.88 24.04 -15.32
CA GLY C 84 19.20 24.35 -15.84
C GLY C 84 19.64 23.54 -17.04
N TYR C 85 18.73 22.78 -17.63
CA TYR C 85 19.03 22.03 -18.84
C TYR C 85 19.26 22.98 -20.02
N ASN C 86 19.81 22.43 -21.10
CA ASN C 86 20.06 23.17 -22.33
C ASN C 86 18.72 23.35 -23.07
N LEU C 87 17.87 24.18 -22.48
CA LEU C 87 16.60 24.55 -23.09
C LEU C 87 16.35 25.98 -22.63
N SER C 88 16.38 26.92 -23.56
CA SER C 88 16.39 28.34 -23.24
C SER C 88 14.99 28.95 -23.33
N ILE C 89 14.89 30.20 -22.86
CA ILE C 89 13.66 30.96 -23.05
C ILE C 89 13.32 31.05 -24.55
N GLU C 90 14.33 31.29 -25.39
CA GLU C 90 14.07 31.33 -26.83
C GLU C 90 13.50 30.00 -27.33
N ASP C 91 14.01 28.88 -26.81
CA ASP C 91 13.42 27.59 -27.16
C ASP C 91 11.94 27.53 -26.76
N LEU C 92 11.61 28.01 -25.56
CA LEU C 92 10.21 28.02 -25.13
C LEU C 92 9.35 28.91 -26.01
N LYS C 93 9.89 30.06 -26.45
CA LYS C 93 9.16 30.92 -27.37
C LYS C 93 8.99 30.30 -28.74
N ASN C 94 9.68 29.20 -29.03
CA ASN C 94 9.52 28.48 -30.30
C ASN C 94 8.73 27.20 -30.15
N PHE C 95 7.93 27.10 -29.08
CA PHE C 95 7.02 25.97 -28.88
C PHE C 95 6.22 25.70 -30.15
N ARG C 96 6.25 24.45 -30.60
CA ARG C 96 5.44 23.96 -31.70
C ARG C 96 5.83 24.55 -33.05
N GLN C 97 7.05 25.05 -33.18
CA GLN C 97 7.52 25.65 -34.43
C GLN C 97 8.53 24.71 -35.10
N LEU C 98 8.60 24.82 -36.42
CA LEU C 98 9.37 23.85 -37.21
C LEU C 98 10.82 23.76 -36.74
N HIS C 99 11.23 22.54 -36.39
CA HIS C 99 12.57 22.17 -35.96
C HIS C 99 12.99 22.75 -34.63
N SER C 100 12.05 23.29 -33.85
CA SER C 100 12.42 23.77 -32.52
C SER C 100 12.73 22.60 -31.60
N LYS C 101 13.41 22.91 -30.49
CA LYS C 101 13.61 21.95 -29.41
C LYS C 101 12.37 21.75 -28.55
N THR C 102 11.25 22.39 -28.88
CA THR C 102 10.03 22.29 -28.08
C THR C 102 8.84 21.87 -28.95
N PRO C 103 8.87 20.68 -29.52
CA PRO C 103 7.72 20.22 -30.30
C PRO C 103 6.50 20.02 -29.41
N GLY C 104 5.33 19.95 -30.06
CA GLY C 104 4.07 19.93 -29.32
C GLY C 104 3.96 18.80 -28.32
N HIS C 105 4.58 17.67 -28.62
CA HIS C 105 4.75 16.61 -27.63
C HIS C 105 6.24 16.34 -27.44
N PRO C 106 6.68 16.03 -26.21
CA PRO C 106 8.12 15.87 -25.95
C PRO C 106 8.72 14.75 -26.79
N GLU C 107 9.90 15.00 -27.35
CA GLU C 107 10.52 14.04 -28.25
C GLU C 107 11.84 13.54 -27.68
N TYR C 108 11.88 12.25 -27.37
CA TYR C 108 13.14 11.64 -26.95
C TYR C 108 14.19 11.82 -28.03
N GLY C 109 15.41 12.17 -27.60
CA GLY C 109 16.56 12.24 -28.47
C GLY C 109 16.92 13.63 -28.94
N TYR C 110 15.93 14.51 -29.09
CA TYR C 110 16.20 15.86 -29.60
C TYR C 110 16.24 16.92 -28.52
N THR C 111 15.61 16.68 -27.37
CA THR C 111 15.57 17.63 -26.27
C THR C 111 16.21 16.98 -25.06
N ASP C 112 17.27 17.59 -24.53
CA ASP C 112 17.94 17.06 -23.35
C ASP C 112 16.97 16.94 -22.18
N GLY C 113 17.00 15.80 -21.51
CA GLY C 113 16.19 15.59 -20.33
C GLY C 113 14.88 14.87 -20.56
N VAL C 114 14.41 14.80 -21.80
CA VAL C 114 13.20 14.06 -22.14
C VAL C 114 13.53 12.58 -22.21
N GLU C 115 12.85 11.77 -21.37
CA GLU C 115 13.19 10.35 -21.25
C GLU C 115 12.45 9.47 -22.23
N THR C 116 11.34 9.96 -22.82
CA THR C 116 10.55 9.15 -23.73
C THR C 116 9.67 10.10 -24.53
N THR C 117 9.28 9.66 -25.71
CA THR C 117 8.35 10.43 -26.52
C THR C 117 6.93 10.01 -26.16
N THR C 118 6.15 10.95 -25.63
CA THR C 118 4.77 10.64 -25.25
C THR C 118 3.82 11.59 -25.95
N GLY C 119 2.64 11.08 -26.22
CA GLY C 119 1.60 11.79 -26.91
C GLY C 119 0.40 10.88 -26.96
N PRO C 120 0.51 9.75 -27.67
CA PRO C 120 -0.55 8.73 -27.59
C PRO C 120 -0.69 8.27 -26.15
N LEU C 121 -1.90 8.41 -25.63
CA LEU C 121 -2.10 8.28 -24.20
C LEU C 121 -1.99 6.82 -23.75
N GLY C 122 -1.69 6.66 -22.46
CA GLY C 122 -1.50 5.35 -21.86
C GLY C 122 -0.11 4.76 -22.04
N GLN C 123 0.61 5.11 -23.11
CA GLN C 123 1.89 4.43 -23.32
C GLN C 123 2.97 4.92 -22.39
N GLY C 124 2.87 6.16 -21.90
CA GLY C 124 3.91 6.70 -21.02
C GLY C 124 4.03 5.92 -19.72
N ILE C 125 2.91 5.61 -19.07
CA ILE C 125 3.01 4.80 -17.85
C ILE C 125 3.62 3.43 -18.17
N ALA C 126 3.26 2.85 -19.31
CA ALA C 126 3.88 1.58 -19.70
C ALA C 126 5.38 1.74 -19.92
N ASN C 127 5.81 2.82 -20.59
CA ASN C 127 7.24 3.09 -20.72
C ASN C 127 7.89 3.14 -19.33
N ALA C 128 7.23 3.83 -18.39
CA ALA C 128 7.79 3.99 -17.05
C ALA C 128 7.87 2.65 -16.32
N VAL C 129 6.87 1.79 -16.52
CA VAL C 129 6.99 0.44 -15.95
C VAL C 129 8.24 -0.24 -16.47
N GLY C 130 8.52 -0.09 -17.77
CA GLY C 130 9.72 -0.67 -18.34
C GLY C 130 11.00 -0.10 -17.77
N MET C 131 11.02 1.22 -17.53
CA MET C 131 12.20 1.84 -16.92
C MET C 131 12.42 1.36 -15.49
N ALA C 132 11.33 1.20 -14.73
CA ALA C 132 11.45 0.71 -13.37
C ALA C 132 11.86 -0.77 -13.38
N LEU C 133 11.34 -1.53 -14.34
CA LEU C 133 11.76 -2.92 -14.51
C LEU C 133 13.23 -3.02 -14.87
N ALA C 134 13.72 -2.11 -15.71
CA ALA C 134 15.15 -2.10 -16.05
C ALA C 134 15.99 -1.87 -14.80
N GLU C 135 15.62 -0.86 -14.00
CA GLU C 135 16.36 -0.57 -12.78
C GLU C 135 16.36 -1.79 -11.86
N LYS C 136 15.20 -2.41 -11.67
CA LYS C 136 15.10 -3.59 -10.80
C LYS C 136 16.01 -4.71 -11.27
N ILE C 137 15.98 -5.00 -12.58
CA ILE C 137 16.81 -6.04 -13.20
C ILE C 137 18.29 -5.73 -13.05
N LEU C 138 18.68 -4.49 -13.37
CA LEU C 138 20.08 -4.09 -13.31
C LEU C 138 20.60 -4.07 -11.87
N ALA C 139 19.79 -3.58 -10.91
CA ALA C 139 20.19 -3.63 -9.51
C ALA C 139 20.49 -5.06 -9.08
N ALA C 140 19.59 -5.99 -9.41
CA ALA C 140 19.79 -7.37 -9.00
C ALA C 140 21.05 -7.96 -9.62
N GLU C 141 21.37 -7.57 -10.86
CA GLU C 141 22.53 -8.14 -11.53
C GLU C 141 23.84 -7.49 -11.10
N PHE C 142 23.86 -6.16 -10.93
CA PHE C 142 25.12 -5.46 -10.75
C PHE C 142 25.44 -5.08 -9.31
N ASN C 143 24.46 -4.77 -8.47
CA ASN C 143 24.81 -4.30 -7.13
C ASN C 143 25.52 -5.40 -6.34
N LYS C 144 26.62 -5.04 -5.67
CA LYS C 144 27.40 -6.00 -4.89
C LYS C 144 27.81 -5.38 -3.56
N ASP C 145 27.88 -6.22 -2.52
CA ASP C 145 28.48 -5.86 -1.23
C ASP C 145 27.96 -4.54 -0.68
N GLY C 146 26.68 -4.28 -0.89
CA GLY C 146 26.10 -3.02 -0.46
C GLY C 146 26.55 -1.81 -1.26
N LEU C 147 27.36 -2.00 -2.30
CA LEU C 147 27.71 -0.93 -3.25
C LEU C 147 26.62 -0.90 -4.31
N ASN C 148 25.58 -0.12 -4.05
CA ASN C 148 24.38 -0.15 -4.88
C ASN C 148 24.51 0.90 -5.98
N ILE C 149 25.34 0.57 -6.98
CA ILE C 149 25.53 1.48 -8.12
C ILE C 149 24.28 1.62 -8.98
N VAL C 150 23.28 0.75 -8.82
CA VAL C 150 21.96 0.96 -9.45
C VAL C 150 20.95 1.17 -8.33
N ASP C 151 20.44 2.39 -8.24
CA ASP C 151 19.54 2.74 -7.16
C ASP C 151 18.84 4.05 -7.51
N HIS C 152 17.73 3.99 -8.23
CA HIS C 152 17.01 5.22 -8.55
C HIS C 152 15.54 4.92 -8.77
N TYR C 153 14.74 5.98 -8.77
CA TYR C 153 13.29 5.88 -8.83
C TYR C 153 12.78 6.22 -10.21
N THR C 154 11.53 5.83 -10.47
CA THR C 154 10.82 6.14 -11.69
C THR C 154 9.53 6.85 -11.30
N TYR C 155 9.45 8.14 -11.60
CA TYR C 155 8.28 8.96 -11.28
C TYR C 155 7.47 9.26 -12.53
N VAL C 156 6.15 9.21 -12.41
CA VAL C 156 5.24 9.37 -13.55
C VAL C 156 4.14 10.36 -13.19
N PHE C 157 3.85 11.29 -14.12
CA PHE C 157 2.65 12.10 -14.06
C PHE C 157 1.65 11.53 -15.07
N MET C 158 0.40 11.32 -14.63
CA MET C 158 -0.56 10.75 -15.57
C MET C 158 -1.94 11.33 -15.30
N GLY C 159 -2.78 11.32 -16.33
CA GLY C 159 -4.10 11.93 -16.29
C GLY C 159 -5.21 10.93 -16.55
N ASP C 160 -6.43 11.44 -16.57
CA ASP C 160 -7.62 10.58 -16.73
C ASP C 160 -7.58 9.81 -18.03
N GLY C 161 -7.18 10.45 -19.13
CA GLY C 161 -7.12 9.78 -20.42
C GLY C 161 -6.18 8.58 -20.38
N OCS C 162 -5.03 8.77 -19.74
CA OCS C 162 -4.09 7.66 -19.56
CB OCS C 162 -2.89 8.13 -18.77
SG OCS C 162 -1.96 9.45 -19.58
C OCS C 162 -4.72 6.49 -18.86
O OCS C 162 -4.52 5.33 -19.25
OD1 OCS C 162 -1.12 10.04 -18.60
OD2 OCS C 162 -1.18 8.88 -20.61
OD3 OCS C 162 -2.85 10.42 -20.10
N LEU C 163 -5.49 6.77 -17.81
CA LEU C 163 -6.09 5.73 -16.99
C LEU C 163 -7.25 5.04 -17.69
N MET C 164 -7.94 5.77 -18.56
CA MET C 164 -9.02 5.15 -19.32
C MET C 164 -8.49 4.15 -20.33
N GLU C 165 -7.29 4.40 -20.86
CA GLU C 165 -6.73 3.55 -21.89
C GLU C 165 -6.41 2.16 -21.36
N GLY C 166 -6.73 1.13 -22.15
CA GLY C 166 -6.46 -0.23 -21.73
C GLY C 166 -4.99 -0.50 -21.48
N VAL C 167 -4.09 0.19 -22.19
CA VAL C 167 -2.69 -0.16 -22.00
C VAL C 167 -2.24 0.23 -20.59
N SER C 168 -2.87 1.23 -19.96
CA SER C 168 -2.55 1.53 -18.57
C SER C 168 -2.96 0.39 -17.65
N HIS C 169 -4.10 -0.23 -17.93
CA HIS C 169 -4.50 -1.41 -17.17
C HIS C 169 -3.45 -2.52 -17.27
N GLU C 170 -3.01 -2.83 -18.50
CA GLU C 170 -2.05 -3.91 -18.70
C GLU C 170 -0.74 -3.61 -17.96
N ALA C 171 -0.20 -2.39 -18.14
CA ALA C 171 1.10 -2.07 -17.56
C ALA C 171 1.05 -2.01 -16.04
N CYS C 172 0.00 -1.42 -15.48
CA CYS C 172 -0.10 -1.29 -14.03
C CYS C 172 -0.46 -2.62 -13.36
N SER C 173 -1.21 -3.46 -14.06
CA SER C 173 -1.47 -4.81 -13.53
C SER C 173 -0.17 -5.57 -13.36
N LEU C 174 0.67 -5.55 -14.39
CA LEU C 174 1.95 -6.27 -14.36
C LEU C 174 2.91 -5.64 -13.37
N ALA C 175 2.92 -4.31 -13.25
CA ALA C 175 3.77 -3.66 -12.26
C ALA C 175 3.39 -4.07 -10.85
N GLY C 176 2.11 -4.26 -10.58
CA GLY C 176 1.68 -4.72 -9.28
C GLY C 176 2.12 -6.15 -9.00
N THR C 177 2.04 -7.01 -10.00
CA THR C 177 2.49 -8.39 -9.84
C THR C 177 3.98 -8.45 -9.55
N LEU C 178 4.77 -7.60 -10.20
CA LEU C 178 6.22 -7.61 -10.03
C LEU C 178 6.70 -6.74 -8.88
N GLY C 179 5.79 -6.08 -8.17
CA GLY C 179 6.15 -5.38 -6.95
C GLY C 179 7.17 -4.27 -7.15
N LEU C 180 6.94 -3.42 -8.14
CA LEU C 180 7.91 -2.42 -8.54
C LEU C 180 7.82 -1.23 -7.58
N GLY C 181 8.46 -1.39 -6.42
CA GLY C 181 8.34 -0.43 -5.34
C GLY C 181 8.98 0.91 -5.61
N LYS C 182 9.79 1.03 -6.66
CA LYS C 182 10.42 2.29 -6.98
C LYS C 182 9.66 3.06 -8.06
N LEU C 183 8.50 2.54 -8.47
CA LEU C 183 7.63 3.24 -9.40
C LEU C 183 6.59 4.02 -8.61
N ILE C 184 6.55 5.34 -8.81
CA ILE C 184 5.65 6.21 -8.08
C ILE C 184 4.95 7.11 -9.06
N VAL C 185 3.62 7.07 -9.07
CA VAL C 185 2.79 7.78 -10.02
C VAL C 185 2.06 8.88 -9.26
N LEU C 186 2.07 10.09 -9.82
CA LEU C 186 1.18 11.16 -9.37
C LEU C 186 0.10 11.35 -10.42
N TYR C 187 -1.14 11.11 -10.01
CA TYR C 187 -2.29 11.13 -10.91
C TYR C 187 -2.97 12.49 -10.78
N ASP C 188 -3.13 13.18 -11.90
CA ASP C 188 -3.80 14.48 -11.96
C ASP C 188 -5.29 14.22 -12.04
N ASP C 189 -5.93 14.19 -10.87
CA ASP C 189 -7.34 13.92 -10.74
C ASP C 189 -8.04 15.27 -10.73
N ASN C 190 -8.36 15.77 -11.92
CA ASN C 190 -8.96 17.10 -12.07
C ASN C 190 -10.48 17.04 -12.20
N ASN C 191 -11.11 16.12 -11.47
CA ASN C 191 -12.55 15.94 -11.53
C ASN C 191 -13.20 16.33 -10.20
N ASP C 199 -17.90 12.33 -15.46
CA ASP C 199 -19.10 11.70 -14.92
C ASP C 199 -19.89 10.99 -16.02
N GLY C 200 -20.01 11.64 -17.19
CA GLY C 200 -20.74 11.05 -18.29
C GLY C 200 -20.06 9.84 -18.93
N TRP C 201 -18.75 9.65 -18.69
CA TRP C 201 -18.05 8.53 -19.30
C TRP C 201 -16.87 8.00 -18.49
N PHE C 202 -16.51 8.60 -17.36
CA PHE C 202 -15.39 8.09 -16.56
C PHE C 202 -15.74 8.24 -15.09
N THR C 203 -15.99 7.10 -14.42
CA THR C 203 -16.43 7.09 -13.03
C THR C 203 -15.69 6.04 -12.20
N GLU C 204 -14.53 5.60 -12.67
CA GLU C 204 -13.79 4.56 -11.97
C GLU C 204 -13.33 5.04 -10.60
N ASN C 205 -13.46 4.17 -9.61
CA ASN C 205 -12.85 4.40 -8.29
C ASN C 205 -11.38 4.02 -8.41
N ILE C 206 -10.54 5.02 -8.68
CA ILE C 206 -9.14 4.77 -9.03
C ILE C 206 -8.37 4.17 -7.85
N PRO C 207 -8.52 4.67 -6.61
CA PRO C 207 -7.87 3.98 -5.49
C PRO C 207 -8.21 2.50 -5.39
N GLN C 208 -9.49 2.15 -5.56
CA GLN C 208 -9.90 0.75 -5.46
C GLN C 208 -9.33 -0.06 -6.62
N ARG C 209 -9.34 0.50 -7.84
CA ARG C 209 -8.78 -0.21 -8.99
C ARG C 209 -7.31 -0.51 -8.77
N PHE C 210 -6.56 0.46 -8.25
CA PHE C 210 -5.13 0.23 -8.09
C PHE C 210 -4.82 -0.65 -6.89
N GLU C 211 -5.66 -0.62 -5.85
CA GLU C 211 -5.56 -1.65 -4.82
C GLU C 211 -5.75 -3.04 -5.42
N SER C 212 -6.68 -3.18 -6.37
CA SER C 212 -6.92 -4.48 -6.98
C SER C 212 -5.71 -4.96 -7.77
N TYR C 213 -4.83 -4.05 -8.21
CA TYR C 213 -3.58 -4.45 -8.86
C TYR C 213 -2.48 -4.79 -7.88
N GLY C 214 -2.70 -4.57 -6.59
CA GLY C 214 -1.63 -4.73 -5.61
C GLY C 214 -0.77 -3.51 -5.42
N TRP C 215 -1.24 -2.33 -5.83
CA TRP C 215 -0.50 -1.09 -5.64
C TRP C 215 -0.76 -0.51 -4.25
N HIS C 216 0.19 0.33 -3.80
CA HIS C 216 0.00 1.23 -2.68
C HIS C 216 -0.66 2.51 -3.20
N VAL C 217 -1.65 3.00 -2.46
CA VAL C 217 -2.46 4.13 -2.92
C VAL C 217 -2.49 5.20 -1.84
N VAL C 218 -2.20 6.44 -2.22
CA VAL C 218 -2.49 7.59 -1.36
C VAL C 218 -3.67 8.33 -1.98
N PRO C 219 -4.87 8.19 -1.44
CA PRO C 219 -6.04 8.81 -2.07
C PRO C 219 -6.27 10.23 -1.59
N ASN C 220 -7.00 10.98 -2.40
CA ASN C 220 -7.60 12.25 -1.97
C ASN C 220 -6.56 13.24 -1.43
N VAL C 221 -5.45 13.39 -2.15
CA VAL C 221 -4.43 14.38 -1.81
C VAL C 221 -4.83 15.72 -2.41
N ASN C 222 -4.75 16.77 -1.61
CA ASN C 222 -4.91 18.14 -2.09
C ASN C 222 -3.82 18.42 -3.12
N GLY C 223 -4.18 18.47 -4.41
CA GLY C 223 -3.19 18.60 -5.47
C GLY C 223 -2.54 19.96 -5.61
N HIS C 224 -2.93 20.95 -4.80
CA HIS C 224 -2.27 22.24 -4.77
C HIS C 224 -1.64 22.55 -3.41
N ASP C 225 -1.51 21.55 -2.55
CA ASP C 225 -0.91 21.69 -1.23
C ASP C 225 0.42 20.97 -1.30
N THR C 226 1.52 21.73 -1.42
CA THR C 226 2.82 21.10 -1.61
C THR C 226 3.22 20.26 -0.39
N ALA C 227 2.80 20.67 0.81
CA ALA C 227 3.07 19.85 1.99
C ALA C 227 2.32 18.52 1.92
N ALA C 228 1.06 18.55 1.48
CA ALA C 228 0.30 17.31 1.35
C ALA C 228 0.90 16.42 0.28
N ILE C 229 1.32 17.00 -0.85
CA ILE C 229 1.96 16.20 -1.88
C ILE C 229 3.25 15.60 -1.37
N GLN C 230 4.02 16.38 -0.61
CA GLN C 230 5.31 15.92 -0.13
C GLN C 230 5.16 14.71 0.81
N THR C 231 4.20 14.76 1.74
CA THR C 231 4.05 13.63 2.66
C THR C 231 3.49 12.41 1.96
N ALA C 232 2.70 12.61 0.90
CA ALA C 232 2.26 11.50 0.06
C ALA C 232 3.42 10.83 -0.64
N ILE C 233 4.37 11.61 -1.18
CA ILE C 233 5.52 11.03 -1.85
C ILE C 233 6.42 10.32 -0.83
N GLU C 234 6.58 10.90 0.36
CA GLU C 234 7.30 10.24 1.44
C GLU C 234 6.70 8.87 1.73
N ALA C 235 5.37 8.81 1.80
CA ALA C 235 4.71 7.53 2.08
C ALA C 235 4.90 6.55 0.95
N ALA C 236 4.85 7.04 -0.30
CA ALA C 236 5.08 6.16 -1.45
C ALA C 236 6.49 5.61 -1.44
N ARG C 237 7.47 6.47 -1.15
CA ARG C 237 8.85 6.02 -1.13
C ARG C 237 9.07 4.99 -0.02
N ALA C 238 8.43 5.17 1.13
CA ALA C 238 8.59 4.22 2.22
C ALA C 238 8.06 2.84 1.90
N GLU C 239 7.11 2.73 0.98
CA GLU C 239 6.52 1.44 0.61
C GLU C 239 7.37 0.83 -0.50
N THR C 240 8.31 -0.04 -0.11
CA THR C 240 9.29 -0.55 -1.05
C THR C 240 8.84 -1.82 -1.77
N GLY C 241 7.69 -2.38 -1.40
CA GLY C 241 7.25 -3.62 -2.02
C GLY C 241 6.16 -3.49 -3.05
N LYS C 242 5.57 -2.30 -3.21
CA LYS C 242 4.48 -2.11 -4.15
C LYS C 242 4.67 -0.80 -4.89
N PRO C 243 4.32 -0.74 -6.16
CA PRO C 243 4.27 0.56 -6.84
C PRO C 243 3.18 1.42 -6.20
N SER C 244 3.37 2.74 -6.26
CA SER C 244 2.47 3.67 -5.58
C SER C 244 1.79 4.60 -6.57
N ILE C 245 0.51 4.88 -6.33
CA ILE C 245 -0.19 5.92 -7.06
C ILE C 245 -0.73 6.92 -6.05
N ILE C 246 -0.45 8.20 -6.29
CA ILE C 246 -0.88 9.30 -5.43
C ILE C 246 -1.95 10.08 -6.20
N CYS C 247 -3.17 10.09 -5.66
CA CYS C 247 -4.32 10.69 -6.36
C CYS C 247 -4.42 12.15 -5.97
N CYS C 248 -3.98 13.04 -6.87
CA CYS C 248 -3.88 14.47 -6.57
C CYS C 248 -5.11 15.18 -7.12
N LYS C 249 -5.96 15.66 -6.22
CA LYS C 249 -7.15 16.42 -6.58
C LYS C 249 -6.73 17.83 -6.94
N THR C 250 -6.79 18.19 -8.22
CA THR C 250 -6.46 19.54 -8.66
C THR C 250 -7.73 20.28 -9.06
N LEU C 251 -7.61 21.60 -9.16
CA LEU C 251 -8.79 22.43 -9.40
C LEU C 251 -8.72 23.13 -10.75
N ALA C 268 -6.82 23.84 -25.87
CA ALA C 268 -6.74 25.05 -26.67
C ALA C 268 -6.11 26.19 -25.87
N PRO C 269 -5.47 27.14 -26.57
CA PRO C 269 -4.95 28.32 -25.89
C PRO C 269 -5.99 29.00 -25.01
N LEU C 270 -5.53 29.61 -23.92
CA LEU C 270 -6.43 30.28 -22.97
C LEU C 270 -7.27 31.36 -23.62
N ILE C 275 -5.50 35.30 -20.16
CA ILE C 275 -4.24 35.11 -19.46
C ILE C 275 -3.96 36.30 -18.55
N GLU C 276 -4.24 37.50 -19.05
CA GLU C 276 -4.11 38.70 -18.22
C GLU C 276 -5.04 38.64 -17.01
N ALA C 277 -6.21 38.01 -17.16
CA ALA C 277 -7.11 37.82 -16.03
C ALA C 277 -6.55 36.78 -15.06
N THR C 278 -5.96 35.71 -15.59
CA THR C 278 -5.39 34.68 -14.71
C THR C 278 -4.18 35.19 -13.96
N ARG C 279 -3.40 36.09 -14.57
CA ARG C 279 -2.24 36.67 -13.91
C ARG C 279 -2.64 37.43 -12.64
N LYS C 280 -3.78 38.13 -12.69
CA LYS C 280 -4.22 38.92 -11.54
C LYS C 280 -4.75 38.04 -10.41
N HIS C 281 -5.41 36.92 -10.75
CA HIS C 281 -5.98 36.07 -9.72
C HIS C 281 -4.90 35.35 -8.90
N LEU C 282 -3.78 35.02 -9.53
CA LEU C 282 -2.74 34.24 -8.88
C LEU C 282 -1.55 35.06 -8.40
N GLY C 283 -1.61 36.38 -8.52
CA GLY C 283 -0.53 37.22 -8.02
C GLY C 283 0.73 37.10 -8.85
N TRP C 284 0.59 37.12 -10.17
CA TRP C 284 1.70 36.97 -11.11
C TRP C 284 1.60 38.11 -12.12
N ALA C 285 2.34 39.19 -11.93
CA ALA C 285 2.28 40.32 -12.84
C ALA C 285 3.39 40.33 -13.88
N TYR C 286 4.31 39.36 -13.82
CA TYR C 286 5.49 39.39 -14.66
C TYR C 286 5.13 39.19 -16.13
N PRO C 287 5.75 39.93 -17.05
CA PRO C 287 5.45 39.78 -18.47
C PRO C 287 5.83 38.39 -18.97
N ALA C 288 5.21 38.00 -20.08
CA ALA C 288 5.44 36.69 -20.64
C ALA C 288 6.93 36.46 -20.89
N PHE C 289 7.41 35.30 -20.43
CA PHE C 289 8.79 34.83 -20.57
C PHE C 289 9.82 35.62 -19.78
N GLU C 290 9.39 36.47 -18.84
CA GLU C 290 10.30 37.28 -18.04
C GLU C 290 10.24 36.81 -16.58
N ILE C 291 11.17 35.97 -16.20
CA ILE C 291 11.18 35.30 -14.88
C ILE C 291 12.21 35.99 -13.99
N PRO C 292 11.83 36.47 -12.82
CA PRO C 292 12.78 37.17 -11.96
C PRO C 292 13.89 36.24 -11.51
N GLN C 293 15.09 36.82 -11.33
CA GLN C 293 16.29 36.01 -11.11
C GLN C 293 16.20 35.19 -9.83
N GLU C 294 15.48 35.68 -8.82
CA GLU C 294 15.35 34.91 -7.58
C GLU C 294 14.61 33.60 -7.81
N ILE C 295 13.66 33.58 -8.75
CA ILE C 295 12.95 32.34 -9.03
C ILE C 295 13.86 31.37 -9.78
N TYR C 296 14.68 31.87 -10.70
CA TYR C 296 15.65 31.00 -11.37
C TYR C 296 16.64 30.42 -10.39
N ASP C 297 17.11 31.22 -9.43
CA ASP C 297 18.07 30.70 -8.46
C ASP C 297 17.43 29.63 -7.58
N ALA C 298 16.15 29.80 -7.23
CA ALA C 298 15.50 28.81 -6.40
C ALA C 298 15.29 27.51 -7.14
N TRP C 299 15.13 27.56 -8.46
CA TRP C 299 14.85 26.39 -9.28
C TRP C 299 16.11 25.69 -9.81
N ASN C 300 17.23 26.39 -9.85
CA ASN C 300 18.40 25.85 -10.52
C ASN C 300 18.92 24.60 -9.80
N ALA C 301 19.15 23.52 -10.55
CA ALA C 301 19.58 22.25 -9.98
C ALA C 301 21.04 21.92 -10.30
N LYS C 302 21.83 22.88 -10.79
CA LYS C 302 23.19 22.58 -11.19
C LYS C 302 24.04 22.14 -10.01
N GLU C 303 24.01 22.90 -8.92
CA GLU C 303 24.86 22.57 -7.77
C GLU C 303 24.49 21.21 -7.18
N LYS C 304 23.19 20.98 -6.97
CA LYS C 304 22.77 19.70 -6.40
C LYS C 304 23.03 18.56 -7.36
N GLY C 305 22.78 18.76 -8.65
CA GLY C 305 23.01 17.72 -9.63
C GLY C 305 24.47 17.32 -9.73
N ALA C 306 25.36 18.32 -9.68
CA ALA C 306 26.79 18.04 -9.75
C ALA C 306 27.26 17.26 -8.52
N LYS C 307 26.78 17.64 -7.33
CA LYS C 307 27.14 16.88 -6.14
C LYS C 307 26.61 15.45 -6.19
N LEU C 308 25.43 15.28 -6.78
CA LEU C 308 24.80 13.95 -6.87
C LEU C 308 25.64 13.02 -7.74
N GLU C 309 26.04 13.47 -8.93
CA GLU C 309 26.80 12.64 -9.84
C GLU C 309 28.23 12.43 -9.34
N ALA C 310 28.83 13.44 -8.71
CA ALA C 310 30.16 13.24 -8.14
C ALA C 310 30.13 12.17 -7.06
N GLY C 311 29.08 12.15 -6.24
CA GLY C 311 28.98 11.12 -5.22
C GLY C 311 28.79 9.74 -5.81
N TRP C 312 27.96 9.63 -6.86
CA TRP C 312 27.82 8.34 -7.52
C TRP C 312 29.12 7.92 -8.19
N ASN C 313 29.85 8.87 -8.81
CA ASN C 313 31.14 8.54 -9.40
C ASN C 313 32.10 7.95 -8.36
N GLU C 314 32.11 8.51 -7.14
CA GLU C 314 32.95 7.96 -6.08
C GLU C 314 32.54 6.53 -5.74
N LEU C 315 31.23 6.29 -5.65
CA LEU C 315 30.75 4.93 -5.39
C LEU C 315 31.08 4.00 -6.54
N PHE C 316 30.93 4.48 -7.78
CA PHE C 316 31.30 3.65 -8.93
C PHE C 316 32.80 3.40 -8.98
N ALA C 317 33.62 4.36 -8.56
CA ALA C 317 35.06 4.10 -8.51
C ALA C 317 35.37 2.99 -7.51
N GLN C 318 34.70 3.00 -6.36
CA GLN C 318 34.89 1.94 -5.37
CA GLN C 318 34.90 1.93 -5.37
C GLN C 318 34.50 0.58 -5.96
N TYR C 319 33.36 0.53 -6.64
CA TYR C 319 32.89 -0.69 -7.28
C TYR C 319 33.86 -1.16 -8.36
N GLN C 320 34.32 -0.24 -9.20
CA GLN C 320 35.24 -0.61 -10.28
C GLN C 320 36.53 -1.20 -9.74
N ALA C 321 37.04 -0.65 -8.64
CA ALA C 321 38.28 -1.14 -8.06
C ALA C 321 38.15 -2.62 -7.67
N LYS C 322 36.98 -3.03 -7.18
CA LYS C 322 36.77 -4.40 -6.76
C LYS C 322 36.21 -5.28 -7.86
N TYR C 323 35.38 -4.72 -8.76
CA TYR C 323 34.72 -5.48 -9.82
C TYR C 323 34.97 -4.78 -11.16
N PRO C 324 36.22 -4.78 -11.64
CA PRO C 324 36.50 -4.04 -12.88
C PRO C 324 35.83 -4.64 -14.11
N ALA C 325 35.70 -5.96 -14.19
CA ALA C 325 35.01 -6.54 -15.34
C ALA C 325 33.54 -6.15 -15.35
N GLU C 326 32.87 -6.31 -14.21
CA GLU C 326 31.45 -5.94 -14.14
C GLU C 326 31.27 -4.45 -14.36
N ALA C 327 32.22 -3.64 -13.87
CA ALA C 327 32.12 -2.19 -14.06
C ALA C 327 32.22 -1.83 -15.54
N ALA C 328 33.13 -2.48 -16.26
CA ALA C 328 33.26 -2.19 -17.68
C ALA C 328 32.02 -2.63 -18.45
N GLU C 329 31.43 -3.77 -18.07
CA GLU C 329 30.20 -4.22 -18.69
C GLU C 329 29.04 -3.26 -18.42
N PHE C 330 28.95 -2.74 -17.19
CA PHE C 330 27.90 -1.79 -16.85
C PHE C 330 27.98 -0.55 -17.72
N VAL C 331 29.19 -0.01 -17.88
CA VAL C 331 29.39 1.18 -18.72
C VAL C 331 29.00 0.87 -20.16
N ARG C 332 29.49 -0.24 -20.70
CA ARG C 332 29.16 -0.61 -22.07
C ARG C 332 27.65 -0.70 -22.28
N ARG C 333 26.96 -1.40 -21.37
CA ARG C 333 25.54 -1.66 -21.55
C ARG C 333 24.71 -0.40 -21.30
N MET C 334 25.08 0.39 -20.29
CA MET C 334 24.37 1.66 -20.10
C MET C 334 24.57 2.60 -21.29
N ASP C 335 25.75 2.56 -21.92
CA ASP C 335 25.98 3.36 -23.12
C ASP C 335 25.36 2.76 -24.36
N LYS C 336 24.67 1.63 -24.22
CA LYS C 336 23.89 1.04 -25.30
C LYS C 336 24.79 0.61 -26.46
N LYS C 337 25.96 0.07 -26.13
CA LYS C 337 26.94 -0.43 -27.07
C LYS C 337 27.02 -1.95 -27.03
N LEU C 338 27.30 -2.56 -28.19
CA LEU C 338 27.53 -4.00 -28.30
C LEU C 338 28.95 -4.36 -27.90
N PRO C 339 29.20 -5.64 -27.61
CA PRO C 339 30.58 -6.08 -27.38
C PRO C 339 31.44 -5.82 -28.62
N GLU C 340 32.74 -5.63 -28.39
CA GLU C 340 33.64 -5.26 -29.49
C GLU C 340 33.75 -6.37 -30.53
N ASN C 341 33.65 -7.63 -30.11
CA ASN C 341 33.80 -8.75 -31.03
C ASN C 341 32.48 -9.23 -31.64
N PHE C 342 31.41 -8.43 -31.57
CA PHE C 342 30.09 -8.93 -31.94
C PHE C 342 30.06 -9.45 -33.37
N ASP C 343 30.52 -8.64 -34.34
CA ASP C 343 30.44 -9.03 -35.74
C ASP C 343 31.24 -10.30 -36.01
N GLU C 344 32.45 -10.37 -35.45
CA GLU C 344 33.27 -11.55 -35.59
C GLU C 344 32.59 -12.78 -35.00
N TYR C 345 32.02 -12.63 -33.78
CA TYR C 345 31.27 -13.71 -33.16
C TYR C 345 30.11 -14.18 -34.05
N VAL C 346 29.34 -13.22 -34.58
CA VAL C 346 28.23 -13.62 -35.45
C VAL C 346 28.73 -14.34 -36.69
N GLN C 347 29.80 -13.83 -37.32
CA GLN C 347 30.27 -14.44 -38.56
C GLN C 347 30.73 -15.88 -38.33
N THR C 348 31.39 -16.14 -37.21
CA THR C 348 31.82 -17.49 -36.89
C THR C 348 30.63 -18.40 -36.59
N ALA C 349 29.66 -17.88 -35.83
CA ALA C 349 28.47 -18.66 -35.50
C ALA C 349 27.66 -19.00 -36.73
N LEU C 350 27.61 -18.09 -37.70
CA LEU C 350 26.85 -18.31 -38.91
C LEU C 350 27.48 -19.43 -39.75
N LYS C 351 28.80 -19.44 -39.86
CA LYS C 351 29.49 -20.55 -40.52
C LYS C 351 29.16 -21.87 -39.84
N GLU C 352 29.12 -21.87 -38.51
CA GLU C 352 28.77 -23.08 -37.78
C GLU C 352 27.31 -23.48 -38.05
N VAL C 353 26.40 -22.50 -38.04
CA VAL C 353 25.00 -22.78 -38.36
C VAL C 353 24.88 -23.40 -39.74
N CYS C 354 25.57 -22.81 -40.73
CA CYS C 354 25.48 -23.34 -42.08
C CYS C 354 26.03 -24.75 -42.16
N ALA C 355 27.13 -25.03 -41.46
CA ALA C 355 27.69 -26.39 -41.47
C ALA C 355 26.69 -27.37 -40.85
N LYS C 356 26.07 -27.00 -39.74
CA LYS C 356 25.09 -27.84 -39.07
C LYS C 356 23.89 -28.17 -39.96
N ASN C 368 18.26 -22.61 -32.64
CA ASN C 368 17.94 -21.51 -31.76
C ASN C 368 18.94 -20.34 -31.94
N SER C 369 18.51 -19.34 -32.72
CA SER C 369 19.30 -18.12 -32.89
C SER C 369 19.44 -17.36 -31.58
N ILE C 370 18.37 -17.33 -30.78
CA ILE C 370 18.40 -16.62 -29.51
C ILE C 370 19.48 -17.18 -28.60
N GLU C 371 19.61 -18.51 -28.59
CA GLU C 371 20.64 -19.15 -27.79
C GLU C 371 22.03 -18.67 -28.20
N ILE C 372 22.26 -18.57 -29.51
CA ILE C 372 23.54 -18.06 -30.02
C ILE C 372 23.73 -16.61 -29.59
N LEU C 373 22.69 -15.79 -29.73
CA LEU C 373 22.81 -14.37 -29.36
C LEU C 373 23.00 -14.20 -27.85
N ALA C 374 22.25 -14.95 -27.05
CA ALA C 374 22.28 -14.77 -25.59
C ALA C 374 23.69 -15.02 -25.05
N LYS C 375 24.41 -15.96 -25.65
CA LYS C 375 25.76 -16.27 -25.18
C LYS C 375 26.68 -15.06 -25.31
N GLU C 376 26.46 -14.25 -26.34
CA GLU C 376 27.28 -13.09 -26.62
C GLU C 376 26.75 -11.81 -25.97
N LEU C 377 25.47 -11.77 -25.61
CA LEU C 377 24.81 -10.54 -25.16
C LEU C 377 24.20 -10.75 -23.79
N PRO C 378 24.96 -10.54 -22.72
CA PRO C 378 24.38 -10.67 -21.37
C PRO C 378 23.34 -9.61 -21.05
N GLU C 379 23.25 -8.54 -21.85
CA GLU C 379 22.20 -7.55 -21.71
C GLU C 379 20.87 -8.01 -22.28
N LEU C 380 20.82 -9.19 -22.91
CA LEU C 380 19.59 -9.65 -23.54
C LEU C 380 18.52 -9.92 -22.50
N VAL C 381 17.34 -9.33 -22.69
CA VAL C 381 16.17 -9.60 -21.87
C VAL C 381 15.04 -10.06 -22.79
N GLY C 382 14.58 -11.29 -22.60
CA GLY C 382 13.50 -11.83 -23.39
C GLY C 382 12.14 -11.67 -22.75
N GLY C 383 11.13 -12.15 -23.46
CA GLY C 383 9.80 -12.18 -22.92
C GLY C 383 8.80 -12.58 -23.98
N SER C 384 7.61 -12.90 -23.51
CA SER C 384 6.51 -13.20 -24.41
C SER C 384 5.21 -12.87 -23.71
N ALA C 385 4.18 -12.63 -24.51
CA ALA C 385 2.84 -12.36 -23.99
C ALA C 385 2.09 -13.69 -23.92
N ASP C 386 2.45 -14.50 -22.92
CA ASP C 386 1.76 -15.77 -22.64
C ASP C 386 1.86 -16.75 -23.82
N LEU C 387 3.00 -16.77 -24.50
CA LEU C 387 3.26 -17.80 -25.51
C LEU C 387 3.83 -19.04 -24.85
N THR C 388 3.52 -20.18 -25.42
CA THR C 388 4.19 -21.41 -25.01
C THR C 388 5.67 -21.31 -25.35
N PRO C 389 6.57 -21.62 -24.43
CA PRO C 389 8.01 -21.49 -24.72
C PRO C 389 8.43 -22.41 -25.86
N SER C 390 9.36 -21.93 -26.68
CA SER C 390 9.92 -22.69 -27.77
C SER C 390 11.23 -22.04 -28.18
N ASN C 391 11.96 -22.71 -29.07
CA ASN C 391 13.24 -22.16 -29.54
C ASN C 391 13.06 -20.87 -30.33
N LEU C 392 11.85 -20.52 -30.73
CA LEU C 392 11.62 -19.24 -31.40
C LEU C 392 11.53 -18.06 -30.43
N THR C 393 11.27 -18.31 -29.15
CA THR C 393 10.97 -17.22 -28.23
C THR C 393 11.68 -17.32 -26.89
N ASP C 394 12.59 -18.28 -26.72
CA ASP C 394 13.17 -18.59 -25.42
C ASP C 394 14.49 -19.31 -25.67
N TRP C 395 15.30 -19.41 -24.60
CA TRP C 395 16.55 -20.14 -24.70
C TRP C 395 16.83 -20.84 -23.37
N SER C 396 17.88 -21.67 -23.36
CA SER C 396 18.11 -22.58 -22.26
C SER C 396 18.44 -21.87 -20.95
N ASN C 397 19.02 -20.67 -21.00
CA ASN C 397 19.49 -19.97 -19.80
C ASN C 397 18.62 -18.78 -19.43
N SER C 398 17.36 -18.76 -19.86
CA SER C 398 16.45 -17.70 -19.44
C SER C 398 16.05 -17.87 -17.98
N VAL C 399 16.13 -16.77 -17.21
CA VAL C 399 15.76 -16.76 -15.80
C VAL C 399 14.58 -15.80 -15.64
N SER C 400 13.45 -16.32 -15.12
CA SER C 400 12.23 -15.53 -15.04
C SER C 400 12.32 -14.43 -13.99
N VAL C 401 11.99 -13.19 -14.40
CA VAL C 401 11.89 -12.08 -13.44
C VAL C 401 10.66 -12.28 -12.57
N THR C 402 10.83 -12.10 -11.27
CA THR C 402 9.74 -12.26 -10.31
C THR C 402 9.68 -11.06 -9.39
N ARG C 403 8.66 -11.07 -8.53
CA ARG C 403 8.54 -10.04 -7.51
CA ARG C 403 8.54 -10.05 -7.51
C ARG C 403 9.79 -9.99 -6.63
N ASP C 404 10.39 -11.13 -6.34
CA ASP C 404 11.48 -11.18 -5.38
C ASP C 404 12.87 -11.26 -5.99
N LYS C 405 12.99 -11.55 -7.28
CA LYS C 405 14.31 -11.82 -7.87
C LYS C 405 14.43 -11.17 -9.24
N GLY C 406 15.66 -10.82 -9.60
CA GLY C 406 15.93 -10.33 -10.94
C GLY C 406 15.89 -11.46 -11.96
N GLY C 407 16.35 -11.16 -13.16
CA GLY C 407 16.36 -12.15 -14.21
C GLY C 407 16.50 -11.49 -15.58
N ASN C 408 16.29 -12.31 -16.62
CA ASN C 408 16.44 -11.84 -17.99
C ASN C 408 15.29 -12.29 -18.89
N TYR C 409 14.14 -12.65 -18.31
CA TYR C 409 12.98 -13.05 -19.09
C TYR C 409 11.71 -12.60 -18.39
N ILE C 410 10.85 -11.90 -19.12
CA ILE C 410 9.66 -11.27 -18.56
C ILE C 410 8.43 -11.99 -19.08
N HIS C 411 7.58 -12.44 -18.16
CA HIS C 411 6.29 -13.04 -18.54
C HIS C 411 5.25 -11.93 -18.55
N TYR C 412 4.92 -11.44 -19.74
CA TYR C 412 4.02 -10.30 -19.82
C TYR C 412 2.57 -10.68 -19.63
N GLY C 413 2.23 -11.97 -19.73
CA GLY C 413 0.82 -12.33 -19.66
C GLY C 413 0.11 -11.94 -20.94
N VAL C 414 -1.22 -11.94 -20.90
CA VAL C 414 -1.98 -11.64 -22.11
C VAL C 414 -2.14 -10.13 -22.25
N ARG C 415 -1.04 -9.45 -22.59
CA ARG C 415 -0.91 -8.01 -22.49
C ARG C 415 0.05 -7.54 -23.58
N GLU C 416 -0.39 -7.61 -24.84
CA GLU C 416 0.54 -7.34 -25.94
C GLU C 416 0.91 -5.88 -26.03
N PHE C 417 -0.07 -4.97 -25.91
CA PHE C 417 0.21 -3.53 -25.98
C PHE C 417 1.08 -3.14 -24.79
N GLY C 418 0.71 -3.60 -23.61
CA GLY C 418 1.58 -3.43 -22.44
C GLY C 418 3.00 -3.90 -22.70
N MET C 419 3.15 -5.09 -23.29
CA MET C 419 4.48 -5.61 -23.56
C MET C 419 5.28 -4.66 -24.46
N GLY C 420 4.70 -4.23 -25.58
CA GLY C 420 5.46 -3.42 -26.51
C GLY C 420 5.89 -2.10 -25.92
N ALA C 421 4.99 -1.44 -25.18
CA ALA C 421 5.32 -0.16 -24.58
C ALA C 421 6.24 -0.31 -23.37
N ILE C 422 6.13 -1.42 -22.63
CA ILE C 422 7.12 -1.71 -21.58
C ILE C 422 8.50 -1.93 -22.19
N MET C 423 8.57 -2.70 -23.29
CA MET C 423 9.84 -2.89 -23.98
C MET C 423 10.47 -1.56 -24.36
N ASN C 424 9.65 -0.61 -24.86
CA ASN C 424 10.22 0.69 -25.20
C ASN C 424 10.90 1.33 -24.00
N GLY C 425 10.28 1.24 -22.82
CA GLY C 425 10.90 1.81 -21.62
C GLY C 425 12.13 1.05 -21.19
N LEU C 426 12.11 -0.29 -21.31
CA LEU C 426 13.30 -1.08 -20.99
C LEU C 426 14.48 -0.62 -21.84
N VAL C 427 14.25 -0.44 -23.15
CA VAL C 427 15.29 0.05 -24.07
C VAL C 427 15.73 1.46 -23.69
N LEU C 428 14.76 2.35 -23.47
CA LEU C 428 15.11 3.73 -23.18
C LEU C 428 16.00 3.85 -21.96
N HIS C 429 15.79 2.98 -20.96
CA HIS C 429 16.54 3.12 -19.71
C HIS C 429 18.04 2.97 -19.93
N GLY C 430 18.45 2.07 -20.79
CA GLY C 430 19.85 1.72 -20.86
C GLY C 430 20.16 0.49 -20.04
N GLY C 431 21.11 -0.32 -20.52
CA GLY C 431 21.63 -1.44 -19.78
C GLY C 431 21.09 -2.80 -20.18
N VAL C 432 19.95 -2.85 -20.86
CA VAL C 432 19.36 -4.12 -21.30
C VAL C 432 18.93 -3.98 -22.75
N LYS C 433 18.84 -5.12 -23.43
CA LYS C 433 18.35 -5.17 -24.81
CA LYS C 433 18.36 -5.18 -24.81
C LYS C 433 17.18 -6.13 -24.85
N PRO C 434 15.95 -5.65 -24.94
CA PRO C 434 14.80 -6.52 -24.82
C PRO C 434 14.24 -7.00 -26.15
N PHE C 435 13.71 -8.21 -26.13
CA PHE C 435 12.79 -8.69 -27.15
C PHE C 435 11.52 -9.15 -26.46
N GLY C 436 10.42 -9.13 -27.20
CA GLY C 436 9.16 -9.64 -26.68
C GLY C 436 8.33 -10.25 -27.78
N ALA C 437 7.74 -11.43 -27.55
CA ALA C 437 7.12 -12.20 -28.62
C ALA C 437 5.61 -12.34 -28.40
N THR C 438 4.89 -12.37 -29.53
CA THR C 438 3.47 -12.71 -29.55
C THR C 438 3.18 -13.27 -30.93
N PHE C 439 1.94 -13.68 -31.17
CA PHE C 439 1.55 -14.04 -32.54
C PHE C 439 1.56 -12.81 -33.44
N LEU C 440 1.96 -13.01 -34.69
CA LEU C 440 1.99 -11.90 -35.65
C LEU C 440 0.66 -11.15 -35.71
N MET C 441 -0.47 -11.87 -35.60
CA MET C 441 -1.77 -11.18 -35.64
C MET C 441 -1.86 -10.12 -34.53
N PHE C 442 -1.32 -10.40 -33.35
CA PHE C 442 -1.49 -9.47 -32.25
C PHE C 442 -0.41 -8.40 -32.22
N SER C 443 0.41 -8.33 -33.28
CA SER C 443 1.04 -7.05 -33.61
C SER C 443 0.00 -5.94 -33.64
N GLU C 444 -1.24 -6.27 -34.00
CA GLU C 444 -2.27 -5.25 -34.11
C GLU C 444 -2.70 -4.75 -32.74
N TYR C 445 -2.56 -5.58 -31.71
CA TYR C 445 -2.87 -5.12 -30.37
C TYR C 445 -1.81 -4.16 -29.84
N GLU C 446 -0.56 -4.29 -30.31
CA GLU C 446 0.52 -3.44 -29.81
C GLU C 446 1.01 -2.46 -30.86
N ARG C 447 0.20 -2.18 -31.89
CA ARG C 447 0.70 -1.59 -33.11
C ARG C 447 1.38 -0.24 -32.87
N ASN C 448 0.73 0.65 -32.12
CA ASN C 448 1.31 1.98 -31.97
C ASN C 448 2.58 1.97 -31.13
N ALA C 449 2.76 0.97 -30.25
CA ALA C 449 4.04 0.86 -29.54
C ALA C 449 5.17 0.53 -30.51
N LEU C 450 4.91 -0.30 -31.52
CA LEU C 450 5.89 -0.52 -32.58
C LEU C 450 6.23 0.78 -33.28
N ARG C 451 5.20 1.58 -33.58
CA ARG C 451 5.43 2.83 -34.30
C ARG C 451 6.21 3.82 -33.45
N MET C 452 5.88 3.91 -32.14
CA MET C 452 6.58 4.82 -31.25
C MET C 452 8.05 4.43 -31.08
N ALA C 453 8.35 3.13 -31.06
CA ALA C 453 9.76 2.69 -31.07
C ALA C 453 10.48 3.25 -32.29
N ALA C 454 9.88 3.11 -33.47
CA ALA C 454 10.53 3.61 -34.68
C ALA C 454 10.67 5.13 -34.65
N LEU C 455 9.62 5.81 -34.20
CA LEU C 455 9.65 7.28 -34.09
C LEU C 455 10.74 7.74 -33.13
N MET C 456 10.89 7.07 -31.99
CA MET C 456 11.91 7.44 -31.03
C MET C 456 13.32 7.03 -31.46
N LYS C 457 13.46 6.28 -32.55
CA LYS C 457 14.75 5.77 -33.02
CA LYS C 457 14.76 5.79 -33.00
C LYS C 457 15.45 4.94 -31.93
N ILE C 458 14.69 4.05 -31.30
CA ILE C 458 15.24 3.12 -30.33
C ILE C 458 15.13 1.71 -30.92
N ASN C 459 15.77 0.73 -30.26
CA ASN C 459 15.97 -0.58 -30.90
C ASN C 459 15.45 -1.79 -30.11
N PRO C 460 14.21 -1.77 -29.62
CA PRO C 460 13.61 -3.01 -29.12
C PRO C 460 13.36 -3.98 -30.26
N VAL C 461 13.31 -5.27 -29.95
CA VAL C 461 13.16 -6.32 -30.96
C VAL C 461 11.79 -6.96 -30.75
N PHE C 462 10.89 -6.78 -31.72
CA PHE C 462 9.54 -7.32 -31.63
C PHE C 462 9.52 -8.65 -32.38
N VAL C 463 9.18 -9.72 -31.68
CA VAL C 463 9.22 -11.06 -32.24
C VAL C 463 7.79 -11.51 -32.50
N PHE C 464 7.57 -12.14 -33.65
CA PHE C 464 6.27 -12.65 -34.02
C PHE C 464 6.38 -14.07 -34.55
N THR C 465 5.51 -14.96 -34.06
CA THR C 465 5.38 -16.33 -34.52
C THR C 465 3.99 -16.51 -35.13
N HIS C 466 3.72 -17.71 -35.66
CA HIS C 466 2.41 -17.99 -36.28
C HIS C 466 2.10 -16.99 -37.39
N ASP C 467 2.97 -16.97 -38.42
CA ASP C 467 3.01 -15.83 -39.32
C ASP C 467 2.09 -15.94 -40.55
N SER C 468 1.36 -17.04 -40.72
CA SER C 468 0.57 -17.18 -41.94
C SER C 468 -0.52 -18.21 -41.73
N ILE C 469 -1.23 -18.52 -42.82
CA ILE C 469 -2.24 -19.58 -42.83
C ILE C 469 -1.61 -20.89 -42.39
N GLY C 470 -0.28 -20.99 -42.48
CA GLY C 470 0.42 -22.20 -42.01
C GLY C 470 0.25 -22.50 -40.52
N LEU C 471 -0.30 -21.57 -39.73
CA LEU C 471 -0.56 -21.91 -38.33
C LEU C 471 -1.73 -22.89 -38.21
N GLY C 472 -2.58 -22.97 -39.23
CA GLY C 472 -3.53 -24.08 -39.33
C GLY C 472 -4.87 -23.80 -38.66
N GLU C 473 -5.26 -24.69 -37.74
CA GLU C 473 -6.66 -24.85 -37.33
C GLU C 473 -7.24 -23.64 -36.58
N ASP C 474 -6.41 -22.82 -35.93
CA ASP C 474 -6.97 -21.70 -35.18
C ASP C 474 -7.76 -20.72 -36.07
N GLY C 475 -7.41 -20.62 -37.36
CA GLY C 475 -8.32 -20.03 -38.33
C GLY C 475 -8.16 -18.55 -38.60
N PRO C 476 -9.15 -17.95 -39.27
CA PRO C 476 -8.97 -16.61 -39.85
C PRO C 476 -8.79 -15.47 -38.84
N THR C 477 -9.23 -15.64 -37.59
CA THR C 477 -9.01 -14.56 -36.62
C THR C 477 -7.56 -14.49 -36.19
N HIS C 478 -6.81 -15.59 -36.30
CA HIS C 478 -5.40 -15.65 -35.93
C HIS C 478 -4.43 -15.69 -37.10
N GLN C 479 -4.87 -16.12 -38.29
CA GLN C 479 -3.97 -16.30 -39.42
C GLN C 479 -3.66 -14.96 -40.07
N PRO C 480 -2.41 -14.49 -40.04
CA PRO C 480 -2.08 -13.22 -40.67
C PRO C 480 -2.27 -13.29 -42.17
N ILE C 481 -2.69 -12.16 -42.74
CA ILE C 481 -2.82 -11.97 -44.18
C ILE C 481 -2.06 -10.69 -44.54
N GLU C 482 -2.52 -9.58 -43.97
CA GLU C 482 -2.01 -8.27 -44.34
C GLU C 482 -0.96 -7.73 -43.37
N GLN C 483 -0.74 -8.40 -42.23
CA GLN C 483 0.04 -7.78 -41.16
C GLN C 483 1.48 -7.50 -41.59
N THR C 484 2.15 -8.48 -42.21
CA THR C 484 3.52 -8.24 -42.62
C THR C 484 3.62 -7.05 -43.58
N ALA C 485 2.70 -6.98 -44.54
CA ALA C 485 2.69 -5.85 -45.46
C ALA C 485 2.49 -4.52 -44.72
N THR C 486 1.63 -4.51 -43.71
CA THR C 486 1.40 -3.25 -42.97
C THR C 486 2.61 -2.89 -42.12
N LEU C 487 3.27 -3.88 -41.52
CA LEU C 487 4.46 -3.59 -40.71
C LEU C 487 5.57 -2.98 -41.55
N ARG C 488 5.67 -3.38 -42.83
CA ARG C 488 6.69 -2.82 -43.70
C ARG C 488 6.48 -1.33 -43.96
N LEU C 489 5.28 -0.81 -43.69
CA LEU C 489 5.01 0.60 -43.97
C LEU C 489 5.34 1.51 -42.81
N ILE C 490 5.73 0.97 -41.66
CA ILE C 490 6.15 1.81 -40.54
C ILE C 490 7.47 2.47 -40.89
N PRO C 491 7.55 3.79 -40.88
CA PRO C 491 8.84 4.44 -41.16
C PRO C 491 9.86 4.04 -40.09
N ASN C 492 11.12 3.89 -40.51
CA ASN C 492 12.24 3.57 -39.61
C ASN C 492 12.07 2.22 -38.90
N MET C 493 11.52 1.24 -39.60
CA MET C 493 11.33 -0.09 -39.02
C MET C 493 11.88 -1.13 -40.00
N ASP C 494 12.65 -2.09 -39.48
CA ASP C 494 13.11 -3.23 -40.27
C ASP C 494 12.18 -4.41 -40.03
N VAL C 495 11.66 -4.99 -41.10
CA VAL C 495 10.80 -6.17 -41.03
C VAL C 495 11.58 -7.33 -41.65
N TRP C 496 11.81 -8.38 -40.87
CA TRP C 496 12.53 -9.56 -41.29
C TRP C 496 11.60 -10.77 -41.28
N ARG C 497 11.64 -11.56 -42.35
CA ARG C 497 10.87 -12.81 -42.45
C ARG C 497 11.82 -13.90 -42.95
N PRO C 498 12.66 -14.43 -42.06
CA PRO C 498 13.73 -15.34 -42.50
C PRO C 498 13.21 -16.70 -42.94
N CYS C 499 13.94 -17.32 -43.89
CA CYS C 499 13.48 -18.58 -44.45
C CYS C 499 14.11 -19.81 -43.80
N ASP C 500 15.15 -19.65 -42.98
CA ASP C 500 15.80 -20.80 -42.36
C ASP C 500 16.66 -20.29 -41.20
N THR C 501 17.43 -21.21 -40.62
CA THR C 501 18.21 -20.89 -39.43
C THR C 501 19.34 -19.91 -39.74
N ALA C 502 19.90 -19.94 -40.96
CA ALA C 502 20.93 -18.97 -41.30
C ALA C 502 20.35 -17.56 -41.37
N GLU C 503 19.26 -17.39 -42.14
CA GLU C 503 18.62 -16.08 -42.21
C GLU C 503 18.09 -15.64 -40.85
N SER C 504 17.69 -16.60 -40.00
CA SER C 504 17.20 -16.25 -38.67
CA SER C 504 17.20 -16.25 -38.67
C SER C 504 18.31 -15.61 -37.84
N LEU C 505 19.49 -16.23 -37.85
CA LEU C 505 20.61 -15.68 -37.07
C LEU C 505 20.98 -14.29 -37.56
N VAL C 506 21.10 -14.11 -38.87
CA VAL C 506 21.43 -12.79 -39.41
C VAL C 506 20.37 -11.76 -39.01
N ALA C 507 19.09 -12.13 -39.13
CA ALA C 507 18.02 -11.20 -38.76
C ALA C 507 18.16 -10.76 -37.31
N TRP C 508 18.34 -11.72 -36.40
CA TRP C 508 18.56 -11.41 -34.99
C TRP C 508 19.78 -10.51 -34.79
N ALA C 509 20.90 -10.87 -35.42
CA ALA C 509 22.13 -10.10 -35.26
C ALA C 509 21.99 -8.67 -35.77
N GLU C 510 21.37 -8.50 -36.93
CA GLU C 510 21.17 -7.15 -37.47
C GLU C 510 20.21 -6.36 -36.62
N ALA C 511 19.15 -7.01 -36.10
CA ALA C 511 18.23 -6.33 -35.20
C ALA C 511 18.94 -5.85 -33.95
N ALA C 512 19.80 -6.70 -33.38
CA ALA C 512 20.56 -6.33 -32.18
C ALA C 512 21.60 -5.27 -32.48
N LYS C 513 22.15 -5.28 -33.69
CA LYS C 513 23.20 -4.33 -34.06
C LYS C 513 22.61 -2.95 -34.33
N ALA C 514 21.35 -2.88 -34.77
CA ALA C 514 20.71 -1.63 -35.12
C ALA C 514 20.69 -0.68 -33.93
N GLU C 515 21.32 0.48 -34.07
CA GLU C 515 21.38 1.41 -32.96
C GLU C 515 20.19 2.34 -32.89
N ASP C 516 19.57 2.65 -34.04
CA ASP C 516 18.62 3.76 -34.10
C ASP C 516 17.27 3.35 -34.69
N HIS C 517 16.93 2.08 -34.70
CA HIS C 517 15.62 1.67 -35.20
C HIS C 517 15.27 0.30 -34.68
N PRO C 518 13.97 0.01 -34.53
CA PRO C 518 13.54 -1.31 -34.07
C PRO C 518 13.42 -2.29 -35.24
N SER C 519 13.15 -3.54 -34.90
CA SER C 519 12.96 -4.59 -35.88
C SER C 519 11.78 -5.46 -35.49
N CYS C 520 11.08 -5.94 -36.51
CA CYS C 520 10.07 -7.00 -36.39
C CYS C 520 10.67 -8.27 -37.00
N LEU C 521 10.77 -9.32 -36.21
CA LEU C 521 11.28 -10.62 -36.64
C LEU C 521 10.12 -11.59 -36.69
N ILE C 522 9.84 -12.12 -37.87
CA ILE C 522 8.60 -12.83 -38.15
C ILE C 522 8.94 -14.27 -38.50
N PHE C 523 8.38 -15.23 -37.74
CA PHE C 523 8.79 -16.63 -37.83
C PHE C 523 7.60 -17.57 -38.05
N SER C 524 7.84 -18.61 -38.84
CA SER C 524 6.95 -19.76 -38.87
C SER C 524 7.55 -20.89 -38.07
N ARG C 525 6.81 -22.00 -37.97
CA ARG C 525 7.30 -23.20 -37.31
C ARG C 525 8.45 -23.84 -38.11
N GLN C 531 18.53 -24.86 -47.35
CA GLN C 531 19.03 -24.07 -48.47
C GLN C 531 20.56 -23.95 -48.43
N ALA C 532 21.22 -24.55 -49.41
CA ALA C 532 22.67 -24.43 -49.50
C ALA C 532 23.05 -23.01 -49.90
N ARG C 533 24.16 -22.52 -49.32
CA ARG C 533 24.62 -21.17 -49.58
C ARG C 533 26.13 -21.13 -49.65
N SER C 534 26.65 -20.37 -50.61
CA SER C 534 28.04 -20.00 -50.64
C SER C 534 28.35 -19.01 -49.51
N GLU C 535 29.64 -18.76 -49.32
CA GLU C 535 30.05 -17.71 -48.40
C GLU C 535 29.51 -16.35 -48.82
N GLN C 536 29.56 -16.03 -50.12
CA GLN C 536 29.02 -14.77 -50.59
C GLN C 536 27.53 -14.67 -50.29
N GLN C 537 26.78 -15.74 -50.51
CA GLN C 537 25.34 -15.69 -50.26
C GLN C 537 25.04 -15.50 -48.78
N LEU C 538 25.71 -16.26 -47.91
CA LEU C 538 25.58 -16.05 -46.47
C LEU C 538 25.85 -14.61 -46.09
N ASN C 539 26.91 -14.03 -46.65
CA ASN C 539 27.32 -12.67 -46.31
C ASN C 539 26.34 -11.61 -46.80
N ASP C 540 25.52 -11.94 -47.80
CA ASP C 540 24.60 -10.98 -48.37
C ASP C 540 23.20 -11.04 -47.74
N ILE C 541 22.94 -11.99 -46.85
CA ILE C 541 21.66 -12.01 -46.15
C ILE C 541 21.43 -10.67 -45.47
N LYS C 542 22.47 -10.10 -44.84
CA LYS C 542 22.29 -8.84 -44.12
C LYS C 542 22.02 -7.67 -45.06
N ARG C 543 22.08 -7.87 -46.37
CA ARG C 543 21.69 -6.84 -47.32
C ARG C 543 20.22 -6.91 -47.68
N GLY C 544 19.44 -7.79 -47.04
CA GLY C 544 17.99 -7.78 -47.14
C GLY C 544 17.41 -8.59 -48.28
N ALA C 545 18.11 -8.65 -49.41
CA ALA C 545 17.73 -9.54 -50.50
C ALA C 545 19.00 -9.92 -51.23
N TYR C 546 19.01 -11.14 -51.76
CA TYR C 546 20.18 -11.67 -52.44
C TYR C 546 19.73 -12.85 -53.29
N VAL C 547 20.55 -13.19 -54.28
CA VAL C 547 20.27 -14.34 -55.13
C VAL C 547 20.56 -15.60 -54.34
N ILE C 548 19.52 -16.33 -53.96
CA ILE C 548 19.72 -17.57 -53.23
C ILE C 548 19.90 -18.77 -54.16
N SER C 549 19.43 -18.68 -55.41
CA SER C 549 19.63 -19.76 -56.37
C SER C 549 19.68 -19.15 -57.77
N GLU C 550 20.87 -19.04 -58.33
CA GLU C 550 21.01 -18.45 -59.65
C GLU C 550 20.44 -19.36 -60.73
N ALA C 551 19.98 -18.74 -61.81
CA ALA C 551 19.52 -19.52 -62.96
C ALA C 551 20.67 -20.31 -63.57
N GLN C 552 20.32 -21.45 -64.16
CA GLN C 552 21.24 -22.23 -64.99
C GLN C 552 21.13 -21.68 -66.41
N GLY C 553 22.14 -20.93 -66.84
CA GLY C 553 22.01 -20.14 -68.06
C GLY C 553 21.39 -18.80 -67.75
N ASN C 554 21.14 -18.03 -68.81
CA ASN C 554 20.63 -16.68 -68.64
C ASN C 554 19.19 -16.70 -68.12
N ALA C 555 18.95 -15.93 -67.08
CA ALA C 555 17.62 -15.92 -66.47
C ALA C 555 16.61 -15.27 -67.40
N GLN C 556 15.43 -15.88 -67.50
CA GLN C 556 14.29 -15.31 -68.20
C GLN C 556 13.32 -14.59 -67.26
N ALA C 557 13.44 -14.80 -65.95
CA ALA C 557 12.65 -14.10 -64.96
C ALA C 557 13.31 -14.32 -63.61
N VAL C 558 12.83 -13.60 -62.60
CA VAL C 558 13.31 -13.75 -61.24
C VAL C 558 12.11 -13.99 -60.33
N ILE C 559 12.21 -15.02 -59.49
CA ILE C 559 11.21 -15.29 -58.47
C ILE C 559 11.71 -14.71 -57.15
N ILE C 560 10.97 -13.77 -56.59
CA ILE C 560 11.26 -13.19 -55.29
C ILE C 560 10.40 -13.91 -54.25
N ALA C 561 11.02 -14.43 -53.20
CA ALA C 561 10.25 -15.12 -52.17
C ALA C 561 10.82 -14.80 -50.79
N THR C 562 9.98 -14.94 -49.77
CA THR C 562 10.38 -14.67 -48.39
C THR C 562 9.97 -15.84 -47.52
N GLY C 563 10.64 -15.95 -46.38
CA GLY C 563 10.17 -16.84 -45.31
C GLY C 563 9.87 -18.24 -45.79
N SER C 564 8.72 -18.76 -45.35
CA SER C 564 8.35 -20.14 -45.64
C SER C 564 8.10 -20.41 -47.12
N GLU C 565 8.10 -19.38 -47.98
CA GLU C 565 7.83 -19.60 -49.40
C GLU C 565 9.08 -19.69 -50.25
N VAL C 566 10.28 -19.46 -49.68
CA VAL C 566 11.51 -19.60 -50.46
C VAL C 566 11.65 -21.02 -51.01
N GLY C 567 11.36 -22.03 -50.19
CA GLY C 567 11.50 -23.41 -50.65
C GLY C 567 10.58 -23.74 -51.80
N LEU C 568 9.34 -23.24 -51.75
CA LEU C 568 8.43 -23.36 -52.88
C LEU C 568 9.02 -22.73 -54.13
N ALA C 569 9.64 -21.56 -53.99
CA ALA C 569 10.23 -20.88 -55.15
C ALA C 569 11.37 -21.68 -55.76
N VAL C 570 12.23 -22.28 -54.93
CA VAL C 570 13.34 -23.06 -55.45
C VAL C 570 12.82 -24.33 -56.14
N GLU C 571 11.80 -24.97 -55.56
CA GLU C 571 11.21 -26.14 -56.20
C GLU C 571 10.62 -25.78 -57.56
N ALA C 572 9.95 -24.62 -57.64
CA ALA C 572 9.42 -24.15 -58.92
C ALA C 572 10.53 -23.89 -59.93
N GLN C 573 11.65 -23.30 -59.47
CA GLN C 573 12.79 -23.07 -60.36
C GLN C 573 13.27 -24.37 -61.00
N LYS C 574 13.31 -25.47 -60.24
CA LYS C 574 13.72 -26.75 -60.80
C LYS C 574 12.73 -27.23 -61.87
N VAL C 575 11.44 -27.15 -61.59
CA VAL C 575 10.44 -27.56 -62.57
C VAL C 575 10.58 -26.74 -63.85
N LEU C 576 10.73 -25.42 -63.70
CA LEU C 576 10.89 -24.56 -64.87
C LEU C 576 12.13 -24.94 -65.65
N ALA C 577 13.26 -25.11 -64.96
CA ALA C 577 14.50 -25.51 -65.64
C ALA C 577 14.31 -26.82 -66.39
N GLY C 578 13.58 -27.76 -65.80
CA GLY C 578 13.31 -29.02 -66.49
C GLY C 578 12.50 -28.86 -67.76
N GLN C 579 11.88 -27.69 -67.94
CA GLN C 579 11.07 -27.39 -69.12
C GLN C 579 11.73 -26.39 -70.05
N GLY C 580 13.04 -26.16 -69.88
CA GLY C 580 13.76 -25.22 -70.71
C GLY C 580 13.59 -23.77 -70.34
N ILE C 581 13.17 -23.47 -69.11
CA ILE C 581 12.90 -22.12 -68.65
C ILE C 581 13.85 -21.81 -67.50
N ALA C 582 14.82 -20.92 -67.75
CA ALA C 582 15.82 -20.57 -66.76
C ALA C 582 15.34 -19.35 -65.97
N VAL C 583 15.18 -19.52 -64.66
CA VAL C 583 14.83 -18.41 -63.78
C VAL C 583 15.79 -18.39 -62.60
N ARG C 584 15.91 -17.22 -62.00
CA ARG C 584 16.68 -16.97 -60.80
C ARG C 584 15.72 -16.87 -59.62
N VAL C 585 16.18 -17.25 -58.43
CA VAL C 585 15.38 -17.13 -57.21
C VAL C 585 16.09 -16.19 -56.25
N VAL C 586 15.40 -15.14 -55.84
CA VAL C 586 15.92 -14.16 -54.90
C VAL C 586 15.18 -14.36 -53.59
N SER C 587 15.94 -14.49 -52.50
CA SER C 587 15.36 -14.48 -51.18
C SER C 587 15.40 -13.05 -50.67
N MET C 588 14.26 -12.56 -50.16
CA MET C 588 14.18 -11.18 -49.69
C MET C 588 13.76 -11.19 -48.23
N PRO C 589 14.65 -11.62 -47.32
CA PRO C 589 14.27 -11.69 -45.90
C PRO C 589 13.88 -10.34 -45.30
N SER C 590 14.35 -9.21 -45.85
CA SER C 590 13.88 -7.91 -45.36
C SER C 590 13.77 -6.95 -46.54
N THR C 591 12.54 -6.65 -46.95
CA THR C 591 12.34 -5.57 -47.90
C THR C 591 12.92 -4.26 -47.39
N SER C 592 12.73 -4.00 -46.08
CA SER C 592 13.20 -2.75 -45.48
C SER C 592 14.68 -2.54 -45.73
N VAL C 593 15.48 -3.59 -45.49
CA VAL C 593 16.93 -3.46 -45.63
C VAL C 593 17.32 -3.41 -47.10
N PHE C 594 16.70 -4.25 -47.93
CA PHE C 594 17.03 -4.24 -49.34
C PHE C 594 16.84 -2.84 -49.95
N ASP C 595 15.73 -2.18 -49.59
CA ASP C 595 15.41 -0.85 -50.11
C ASP C 595 16.48 0.18 -49.82
N ARG C 596 17.31 -0.05 -48.79
CA ARG C 596 18.39 0.87 -48.41
C ARG C 596 19.70 0.59 -49.13
N GLN C 597 19.81 -0.51 -49.87
CA GLN C 597 21.05 -0.82 -50.55
C GLN C 597 21.25 0.11 -51.75
N ASP C 598 22.52 0.32 -52.12
CA ASP C 598 22.80 1.20 -53.25
C ASP C 598 22.17 0.64 -54.52
N ALA C 599 21.99 1.53 -55.50
CA ALA C 599 21.23 1.17 -56.70
C ALA C 599 21.91 0.09 -57.50
N ALA C 600 23.25 0.08 -57.51
CA ALA C 600 24.00 -0.98 -58.18
C ALA C 600 23.66 -2.35 -57.60
N TYR C 601 23.65 -2.47 -56.28
CA TYR C 601 23.33 -3.76 -55.66
C TYR C 601 21.91 -4.18 -55.97
N GLN C 602 20.96 -3.23 -55.90
CA GLN C 602 19.57 -3.59 -56.17
C GLN C 602 19.39 -4.07 -57.60
N ALA C 603 20.14 -3.51 -58.54
CA ALA C 603 20.05 -3.93 -59.93
C ALA C 603 20.73 -5.28 -60.15
N ALA C 604 21.79 -5.57 -59.38
CA ALA C 604 22.41 -6.89 -59.48
C ALA C 604 21.46 -7.98 -59.01
N VAL C 605 20.65 -7.70 -58.00
CA VAL C 605 19.69 -8.68 -57.50
C VAL C 605 18.47 -8.74 -58.41
N LEU C 606 17.97 -7.57 -58.84
CA LEU C 606 16.75 -7.45 -59.64
C LEU C 606 17.10 -6.70 -60.93
N PRO C 607 17.65 -7.40 -61.93
CA PRO C 607 18.09 -6.72 -63.16
C PRO C 607 16.94 -6.05 -63.90
N GLU C 608 17.23 -4.88 -64.48
CA GLU C 608 16.23 -4.15 -65.26
C GLU C 608 15.73 -5.00 -66.42
N GLY C 609 14.42 -4.94 -66.65
CA GLY C 609 13.80 -5.65 -67.76
C GLY C 609 13.61 -7.13 -67.55
N LEU C 610 14.07 -7.69 -66.44
CA LEU C 610 13.84 -9.10 -66.14
C LEU C 610 12.53 -9.24 -65.38
N PRO C 611 11.52 -9.93 -65.94
CA PRO C 611 10.21 -10.02 -65.27
C PRO C 611 10.32 -10.63 -63.89
N ARG C 612 9.51 -10.11 -62.97
CA ARG C 612 9.60 -10.48 -61.57
C ARG C 612 8.29 -11.08 -61.10
N ILE C 613 8.40 -12.15 -60.32
CA ILE C 613 7.26 -12.82 -59.68
C ILE C 613 7.56 -12.93 -58.20
N ALA C 614 6.69 -12.38 -57.36
CA ALA C 614 6.85 -12.47 -55.92
C ALA C 614 5.95 -13.59 -55.38
N VAL C 615 6.46 -14.33 -54.40
CA VAL C 615 5.74 -15.43 -53.77
C VAL C 615 5.83 -15.24 -52.27
N GLU C 616 4.68 -15.03 -51.62
CA GLU C 616 4.65 -14.81 -50.19
C GLU C 616 3.24 -15.09 -49.70
N ALA C 617 3.13 -15.81 -48.58
CA ALA C 617 1.82 -16.23 -48.09
C ALA C 617 1.16 -15.09 -47.30
N GLY C 618 0.82 -14.04 -48.04
CA GLY C 618 0.11 -12.92 -47.46
C GLY C 618 -0.31 -11.96 -48.56
N HIS C 619 -0.78 -10.78 -48.14
CA HIS C 619 -1.34 -9.81 -49.07
C HIS C 619 -0.34 -9.46 -50.19
N THR C 620 -0.85 -9.21 -51.39
CA THR C 620 0.00 -8.98 -52.56
C THR C 620 0.33 -7.52 -52.83
N ASN C 621 -0.44 -6.57 -52.27
CA ASN C 621 -0.38 -5.25 -52.88
CA ASN C 621 -0.41 -5.18 -52.76
C ASN C 621 0.98 -4.58 -52.70
N GLY C 622 1.71 -4.86 -51.61
CA GLY C 622 3.03 -4.27 -51.44
C GLY C 622 4.03 -4.70 -52.49
N TRP C 623 3.85 -5.86 -53.10
CA TRP C 623 4.85 -6.38 -54.03
C TRP C 623 4.83 -5.69 -55.38
N TYR C 624 3.83 -4.88 -55.69
CA TYR C 624 3.84 -4.20 -56.97
C TYR C 624 4.94 -3.15 -57.06
N LYS C 625 5.45 -2.69 -55.92
CA LYS C 625 6.61 -1.80 -55.94
C LYS C 625 7.80 -2.45 -56.61
N TYR C 626 7.91 -3.78 -56.53
CA TYR C 626 8.97 -4.50 -57.21
C TYR C 626 8.54 -5.07 -58.56
N VAL C 627 7.37 -5.72 -58.63
CA VAL C 627 7.01 -6.45 -59.84
C VAL C 627 6.34 -5.57 -60.89
N GLY C 628 5.78 -4.43 -60.50
CA GLY C 628 5.14 -3.58 -61.48
C GLY C 628 3.85 -4.15 -62.04
N LEU C 629 3.38 -3.51 -63.12
CA LEU C 629 2.11 -3.89 -63.70
C LEU C 629 2.20 -5.15 -64.54
N ASN C 630 3.38 -5.48 -65.02
CA ASN C 630 3.58 -6.65 -65.88
C ASN C 630 4.26 -7.81 -65.15
N GLY C 631 4.50 -7.68 -63.84
CA GLY C 631 4.92 -8.79 -63.03
C GLY C 631 3.72 -9.57 -62.52
N ALA C 632 3.95 -10.38 -61.49
CA ALA C 632 2.86 -11.13 -60.89
C ALA C 632 3.24 -11.47 -59.45
N VAL C 633 2.21 -11.81 -58.66
CA VAL C 633 2.38 -12.15 -57.26
C VAL C 633 1.55 -13.39 -56.96
N VAL C 634 2.16 -14.34 -56.26
CA VAL C 634 1.45 -15.47 -55.68
C VAL C 634 1.26 -15.13 -54.20
N GLY C 635 0.04 -14.78 -53.83
CA GLY C 635 -0.23 -14.39 -52.45
C GLY C 635 -1.64 -14.73 -52.04
N ILE C 636 -2.15 -14.05 -51.02
CA ILE C 636 -3.53 -14.26 -50.57
C ILE C 636 -4.04 -12.93 -50.04
N ASN C 637 -5.18 -12.48 -50.58
CA ASN C 637 -5.75 -11.19 -50.20
C ASN C 637 -7.07 -11.32 -49.47
N ARG C 638 -7.49 -12.52 -49.11
CA ARG C 638 -8.72 -12.74 -48.38
C ARG C 638 -8.41 -13.30 -46.99
N PHE C 639 -9.42 -13.36 -46.13
CA PHE C 639 -9.20 -13.95 -44.82
C PHE C 639 -8.91 -15.44 -44.94
N GLY C 640 -8.28 -16.00 -43.91
CA GLY C 640 -7.94 -17.42 -43.90
C GLY C 640 -9.11 -18.36 -43.64
N GLU C 641 -8.81 -19.59 -43.21
CA GLU C 641 -9.80 -20.62 -42.95
C GLU C 641 -9.29 -21.53 -41.84
N SER C 642 -10.20 -21.99 -41.00
CA SER C 642 -9.87 -22.99 -39.99
C SER C 642 -9.73 -24.36 -40.66
N ALA C 643 -8.50 -24.90 -40.68
CA ALA C 643 -8.15 -26.15 -41.38
C ALA C 643 -6.69 -26.53 -41.11
N PRO C 644 -6.29 -27.78 -41.35
CA PRO C 644 -4.85 -28.11 -41.22
C PRO C 644 -3.99 -27.33 -42.21
N ALA C 645 -2.76 -27.02 -41.77
CA ALA C 645 -1.87 -26.13 -42.51
C ALA C 645 -1.53 -26.67 -43.90
N ASP C 646 -1.17 -27.95 -43.99
CA ASP C 646 -0.85 -28.52 -45.30
C ASP C 646 -1.98 -28.29 -46.30
N LEU C 647 -3.22 -28.48 -45.85
CA LEU C 647 -4.37 -28.31 -46.72
C LEU C 647 -4.57 -26.85 -47.12
N LEU C 648 -4.24 -25.91 -46.23
CA LEU C 648 -4.46 -24.50 -46.52
C LEU C 648 -3.50 -23.98 -47.59
N PHE C 649 -2.24 -24.37 -47.52
CA PHE C 649 -1.29 -23.98 -48.56
C PHE C 649 -1.74 -24.50 -49.91
N LYS C 650 -2.24 -25.74 -49.96
CA LYS C 650 -2.74 -26.28 -51.22
C LYS C 650 -3.98 -25.54 -51.68
N ALA C 651 -4.94 -25.33 -50.77
CA ALA C 651 -6.23 -24.78 -51.15
C ALA C 651 -6.10 -23.35 -51.67
N PHE C 652 -5.10 -22.60 -51.21
CA PHE C 652 -4.93 -21.21 -51.61
C PHE C 652 -3.83 -21.03 -52.66
N GLY C 653 -3.38 -22.10 -53.29
CA GLY C 653 -2.52 -21.98 -54.44
C GLY C 653 -1.05 -21.78 -54.16
N PHE C 654 -0.57 -22.11 -52.95
CA PHE C 654 0.86 -22.10 -52.67
C PHE C 654 1.43 -23.48 -52.98
N THR C 655 1.44 -23.77 -54.29
CA THR C 655 1.88 -25.04 -54.82
C THR C 655 2.92 -24.79 -55.91
N VAL C 656 3.74 -25.81 -56.17
CA VAL C 656 4.74 -25.71 -57.21
C VAL C 656 4.09 -25.41 -58.55
N ASP C 657 3.01 -26.16 -58.87
CA ASP C 657 2.33 -25.99 -60.15
C ASP C 657 1.85 -24.55 -60.35
N ASN C 658 1.35 -23.93 -59.30
CA ASN C 658 0.83 -22.57 -59.45
C ASN C 658 1.95 -21.54 -59.60
N VAL C 659 3.06 -21.70 -58.89
CA VAL C 659 4.18 -20.77 -59.08
C VAL C 659 4.73 -20.89 -60.50
N VAL C 660 4.87 -22.13 -60.99
CA VAL C 660 5.38 -22.35 -62.34
C VAL C 660 4.49 -21.67 -63.36
N ASP C 661 3.17 -21.89 -63.26
CA ASP C 661 2.25 -21.30 -64.22
C ASP C 661 2.27 -19.78 -64.15
N THR C 662 2.40 -19.24 -62.94
CA THR C 662 2.45 -17.79 -62.78
C THR C 662 3.69 -17.19 -63.44
N VAL C 663 4.84 -17.84 -63.27
CA VAL C 663 6.05 -17.39 -63.97
C VAL C 663 5.84 -17.41 -65.48
N LYS C 664 5.24 -18.48 -66.00
CA LYS C 664 5.02 -18.54 -67.44
C LYS C 664 4.14 -17.40 -67.93
N SER C 665 3.18 -16.96 -67.11
CA SER C 665 2.24 -15.92 -67.54
C SER C 665 2.89 -14.56 -67.75
N VAL C 666 4.13 -14.35 -67.28
CA VAL C 666 4.81 -13.07 -67.46
C VAL C 666 5.98 -13.18 -68.42
N LEU C 667 6.15 -14.33 -69.06
CA LEU C 667 7.19 -14.48 -70.07
C LEU C 667 6.66 -14.10 -71.45
N MET D 9 -21.38 -34.27 -10.84
CA MET D 9 -21.61 -33.81 -12.21
C MET D 9 -22.81 -34.53 -12.84
N SER D 10 -23.69 -33.76 -13.47
CA SER D 10 -24.88 -34.33 -14.08
C SER D 10 -24.57 -34.79 -15.51
N GLN D 11 -25.42 -35.68 -16.01
CA GLN D 11 -25.34 -36.08 -17.41
C GLN D 11 -25.46 -34.89 -18.35
N LEU D 12 -26.25 -33.88 -17.96
CA LEU D 12 -26.45 -32.72 -18.83
C LEU D 12 -25.17 -31.93 -19.01
N ALA D 13 -24.36 -31.82 -17.96
CA ALA D 13 -23.06 -31.16 -18.08
C ALA D 13 -22.03 -32.10 -18.69
N ASN D 14 -22.11 -33.39 -18.36
CA ASN D 14 -21.09 -34.32 -18.83
C ASN D 14 -21.19 -34.55 -20.35
N VAL D 15 -22.39 -34.43 -20.93
CA VAL D 15 -22.49 -34.55 -22.38
C VAL D 15 -21.68 -33.45 -23.06
N ILE D 16 -21.62 -32.26 -22.46
CA ILE D 16 -20.76 -31.20 -22.99
C ILE D 16 -19.30 -31.62 -22.90
N ARG D 17 -18.90 -32.15 -21.74
CA ARG D 17 -17.52 -32.59 -21.56
C ARG D 17 -17.10 -33.57 -22.65
N PHE D 18 -17.95 -34.55 -22.94
CA PHE D 18 -17.52 -35.59 -23.87
C PHE D 18 -17.66 -35.16 -25.32
N LEU D 19 -18.69 -34.39 -25.67
CA LEU D 19 -18.73 -33.81 -27.01
C LEU D 19 -17.49 -32.97 -27.27
N SER D 20 -17.11 -32.14 -26.30
CA SER D 20 -15.94 -31.27 -26.48
C SER D 20 -14.65 -32.09 -26.56
N ALA D 21 -14.47 -33.04 -25.64
CA ALA D 21 -13.27 -33.87 -25.63
C ALA D 21 -13.17 -34.72 -26.90
N ASP D 22 -14.27 -35.36 -27.27
CA ASP D 22 -14.27 -36.24 -28.44
C ASP D 22 -14.02 -35.47 -29.73
N ALA D 23 -14.59 -34.27 -29.85
CA ALA D 23 -14.47 -33.52 -31.08
C ALA D 23 -13.06 -32.95 -31.23
N VAL D 24 -12.48 -32.51 -30.12
CA VAL D 24 -11.09 -32.07 -30.14
C VAL D 24 -10.17 -33.24 -30.50
N GLN D 25 -10.45 -34.43 -29.95
CA GLN D 25 -9.58 -35.56 -30.21
C GLN D 25 -9.63 -35.97 -31.68
N LYS D 26 -10.83 -35.94 -32.27
CA LYS D 26 -10.97 -36.32 -33.68
C LYS D 26 -10.25 -35.33 -34.58
N ALA D 27 -10.32 -34.04 -34.27
CA ALA D 27 -9.57 -33.04 -35.01
C ALA D 27 -8.08 -33.10 -34.71
N ASN D 28 -7.68 -33.79 -33.64
CA ASN D 28 -6.31 -33.71 -33.10
C ASN D 28 -5.85 -32.25 -32.98
N SER D 29 -6.78 -31.39 -32.57
CA SER D 29 -6.52 -29.96 -32.51
C SER D 29 -7.62 -29.30 -31.69
N GLY D 30 -7.25 -28.34 -30.83
CA GLY D 30 -8.27 -27.60 -30.13
C GLY D 30 -8.10 -27.58 -28.62
N HIS D 31 -9.11 -27.06 -27.94
CA HIS D 31 -9.02 -26.64 -26.54
C HIS D 31 -10.11 -27.34 -25.73
N PRO D 32 -9.81 -28.49 -25.11
CA PRO D 32 -10.85 -29.23 -24.38
C PRO D 32 -11.02 -28.83 -22.93
N GLY D 33 -10.01 -28.19 -22.34
CA GLY D 33 -10.00 -28.00 -20.89
C GLY D 33 -10.98 -26.95 -20.40
N ALA D 34 -11.05 -25.81 -21.09
CA ALA D 34 -11.99 -24.78 -20.64
C ALA D 34 -13.45 -25.18 -20.88
N PRO D 35 -13.81 -25.82 -22.01
CA PRO D 35 -15.18 -26.36 -22.11
C PRO D 35 -15.55 -27.30 -20.97
N MET D 36 -14.65 -28.21 -20.59
CA MET D 36 -14.93 -29.10 -19.47
C MET D 36 -15.08 -28.33 -18.16
N GLY D 37 -14.22 -27.33 -17.94
CA GLY D 37 -14.32 -26.53 -16.74
C GLY D 37 -15.57 -25.69 -16.66
N MET D 38 -16.12 -25.27 -17.80
CA MET D 38 -17.28 -24.41 -17.83
C MET D 38 -18.60 -25.16 -18.02
N ALA D 39 -18.58 -26.50 -17.94
CA ALA D 39 -19.77 -27.28 -18.28
C ALA D 39 -20.94 -26.99 -17.34
N GLU D 40 -20.69 -26.88 -16.03
CA GLU D 40 -21.79 -26.56 -15.11
C GLU D 40 -22.27 -25.13 -15.29
N MET D 41 -21.36 -24.20 -15.55
CA MET D 41 -21.77 -22.83 -15.87
C MET D 41 -22.71 -22.81 -17.08
N ALA D 42 -22.34 -23.55 -18.13
CA ALA D 42 -23.15 -23.61 -19.33
C ALA D 42 -24.50 -24.29 -19.05
N GLU D 43 -24.46 -25.41 -18.33
CA GLU D 43 -25.71 -26.11 -18.00
C GLU D 43 -26.68 -25.18 -17.29
N THR D 44 -26.21 -24.52 -16.23
CA THR D 44 -27.07 -23.64 -15.44
C THR D 44 -27.62 -22.50 -16.29
N LEU D 45 -26.74 -21.74 -16.95
CA LEU D 45 -27.20 -20.59 -17.73
C LEU D 45 -28.17 -21.01 -18.82
N TRP D 46 -27.78 -21.98 -19.64
CA TRP D 46 -28.57 -22.31 -20.83
C TRP D 46 -29.86 -23.06 -20.49
N THR D 47 -29.85 -23.91 -19.46
CA THR D 47 -31.09 -24.63 -19.15
C THR D 47 -32.03 -23.85 -18.24
N LYS D 48 -31.51 -22.96 -17.39
CA LYS D 48 -32.36 -22.28 -16.41
C LYS D 48 -32.71 -20.84 -16.76
N PHE D 49 -31.92 -20.16 -17.58
CA PHE D 49 -32.21 -18.73 -17.75
C PHE D 49 -32.29 -18.28 -19.20
N LEU D 50 -31.43 -18.80 -20.08
CA LEU D 50 -31.28 -18.24 -21.42
C LEU D 50 -32.59 -18.35 -22.21
N ASN D 51 -33.06 -17.23 -22.74
CA ASN D 51 -34.29 -17.16 -23.53
C ASN D 51 -33.93 -17.01 -25.00
N HIS D 52 -34.10 -18.09 -25.76
CA HIS D 52 -33.70 -18.10 -27.16
C HIS D 52 -34.61 -19.06 -27.93
N ASN D 53 -34.66 -18.88 -29.24
CA ASN D 53 -35.45 -19.76 -30.10
C ASN D 53 -34.56 -20.40 -31.16
N PRO D 54 -34.19 -21.67 -30.99
CA PRO D 54 -33.37 -22.34 -32.02
C PRO D 54 -33.98 -22.32 -33.41
N ALA D 55 -35.31 -22.29 -33.53
CA ALA D 55 -35.92 -22.23 -34.85
C ALA D 55 -35.83 -20.85 -35.50
N ASN D 56 -35.46 -19.82 -34.74
CA ASN D 56 -35.25 -18.49 -35.30
C ASN D 56 -34.10 -17.83 -34.55
N PRO D 57 -32.86 -18.10 -34.99
CA PRO D 57 -31.71 -17.47 -34.33
C PRO D 57 -31.66 -15.95 -34.46
N LYS D 58 -32.52 -15.37 -35.31
CA LYS D 58 -32.62 -13.92 -35.45
C LYS D 58 -33.80 -13.33 -34.70
N PHE D 59 -34.43 -14.10 -33.81
CA PHE D 59 -35.54 -13.59 -33.03
C PHE D 59 -35.15 -12.30 -32.32
N TYR D 60 -35.91 -11.23 -32.56
CA TYR D 60 -35.51 -9.89 -32.17
C TYR D 60 -35.21 -9.78 -30.67
N ASN D 61 -36.02 -10.44 -29.83
CA ASN D 61 -35.91 -10.22 -28.39
C ASN D 61 -35.22 -11.36 -27.65
N ARG D 62 -34.46 -12.18 -28.37
CA ARG D 62 -33.68 -13.23 -27.72
C ARG D 62 -32.62 -12.63 -26.80
N ASP D 63 -32.34 -13.31 -25.70
CA ASP D 63 -31.12 -13.03 -24.98
C ASP D 63 -29.92 -13.23 -25.90
N ARG D 64 -28.90 -12.41 -25.73
CA ARG D 64 -27.64 -12.55 -26.46
C ARG D 64 -26.62 -13.25 -25.57
N PHE D 65 -26.00 -14.31 -26.09
CA PHE D 65 -24.90 -14.99 -25.39
C PHE D 65 -23.61 -14.80 -26.18
N VAL D 66 -22.51 -14.48 -25.46
CA VAL D 66 -21.20 -14.29 -26.07
C VAL D 66 -20.18 -15.14 -25.32
N LEU D 67 -19.49 -16.00 -26.05
CA LEU D 67 -18.37 -16.77 -25.50
C LEU D 67 -17.11 -15.95 -25.77
N SER D 68 -16.71 -15.12 -24.82
CA SER D 68 -15.58 -14.23 -25.09
C SER D 68 -14.30 -15.03 -25.23
N ASN D 69 -14.14 -16.09 -24.43
CA ASN D 69 -12.94 -16.93 -24.53
C ASN D 69 -13.12 -17.92 -25.69
N GLY D 70 -12.98 -17.39 -26.90
CA GLY D 70 -13.39 -18.07 -28.13
C GLY D 70 -12.67 -19.37 -28.43
N HIS D 71 -11.49 -19.59 -27.86
CA HIS D 71 -10.83 -20.89 -28.02
C HIS D 71 -11.65 -22.04 -27.47
N ALA D 72 -12.51 -21.77 -26.48
CA ALA D 72 -13.41 -22.78 -25.92
C ALA D 72 -14.59 -23.05 -26.85
N SER D 73 -14.34 -23.01 -28.16
CA SER D 73 -15.41 -23.06 -29.17
C SER D 73 -16.32 -24.28 -29.01
N MET D 74 -15.76 -25.43 -28.60
CA MET D 74 -16.59 -26.63 -28.53
C MET D 74 -17.64 -26.54 -27.44
N LEU D 75 -17.46 -25.66 -26.46
CA LEU D 75 -18.53 -25.41 -25.51
C LEU D 75 -19.76 -24.87 -26.23
N LEU D 76 -19.55 -23.87 -27.07
CA LEU D 76 -20.67 -23.27 -27.79
C LEU D 76 -21.25 -24.23 -28.81
N TYR D 77 -20.40 -24.93 -29.57
CA TYR D 77 -20.93 -25.88 -30.56
C TYR D 77 -21.75 -26.96 -29.87
N SER D 78 -21.31 -27.43 -28.70
CA SER D 78 -22.10 -28.40 -27.93
C SER D 78 -23.47 -27.83 -27.58
N LEU D 79 -23.49 -26.61 -27.05
CA LEU D 79 -24.76 -26.01 -26.62
C LEU D 79 -25.72 -25.84 -27.80
N LEU D 80 -25.20 -25.41 -28.95
CA LEU D 80 -26.06 -25.19 -30.11
C LEU D 80 -26.63 -26.49 -30.64
N HIS D 81 -25.80 -27.53 -30.72
CA HIS D 81 -26.29 -28.83 -31.17
C HIS D 81 -27.33 -29.38 -30.18
N LEU D 82 -27.02 -29.31 -28.89
CA LEU D 82 -27.90 -29.96 -27.90
C LEU D 82 -29.24 -29.24 -27.79
N THR D 83 -29.27 -27.92 -27.95
CA THR D 83 -30.52 -27.20 -27.76
C THR D 83 -31.38 -27.21 -29.02
N GLY D 84 -30.86 -27.69 -30.14
CA GLY D 84 -31.68 -27.90 -31.32
C GLY D 84 -31.42 -26.96 -32.48
N TYR D 85 -30.30 -26.23 -32.47
CA TYR D 85 -29.95 -25.43 -33.63
C TYR D 85 -29.54 -26.32 -34.79
N ASN D 86 -29.42 -25.70 -35.97
CA ASN D 86 -29.04 -26.40 -37.19
C ASN D 86 -27.54 -26.68 -37.22
N LEU D 87 -27.03 -27.31 -36.17
CA LEU D 87 -25.64 -27.73 -36.08
C LEU D 87 -25.68 -29.20 -35.70
N SER D 88 -25.20 -30.07 -36.59
CA SER D 88 -25.45 -31.49 -36.47
C SER D 88 -24.26 -32.22 -35.86
N ILE D 89 -24.46 -33.50 -35.60
CA ILE D 89 -23.36 -34.35 -35.16
C ILE D 89 -22.28 -34.39 -36.22
N GLU D 90 -22.67 -34.50 -37.50
CA GLU D 90 -21.67 -34.48 -38.56
C GLU D 90 -20.88 -33.17 -38.57
N ASP D 91 -21.56 -32.04 -38.30
CA ASP D 91 -20.85 -30.78 -38.15
C ASP D 91 -19.81 -30.87 -37.03
N LEU D 92 -20.20 -31.44 -35.87
CA LEU D 92 -19.25 -31.55 -34.77
C LEU D 92 -18.08 -32.46 -35.14
N LYS D 93 -18.35 -33.52 -35.90
CA LYS D 93 -17.30 -34.41 -36.36
C LYS D 93 -16.36 -33.74 -37.35
N ASN D 94 -16.68 -32.54 -37.85
CA ASN D 94 -15.80 -31.81 -38.74
C ASN D 94 -15.28 -30.53 -38.09
N PHE D 95 -15.22 -30.53 -36.77
CA PHE D 95 -14.55 -29.49 -36.00
C PHE D 95 -13.18 -29.19 -36.60
N ARG D 96 -12.93 -27.92 -36.91
CA ARG D 96 -11.63 -27.42 -37.35
C ARG D 96 -11.22 -27.96 -38.72
N GLN D 97 -12.18 -28.43 -39.52
CA GLN D 97 -11.89 -28.91 -40.86
C GLN D 97 -12.33 -27.88 -41.89
N LEU D 98 -11.68 -27.93 -43.06
CA LEU D 98 -11.88 -26.91 -44.09
C LEU D 98 -13.35 -26.71 -44.41
N HIS D 99 -13.81 -25.46 -44.31
CA HIS D 99 -15.15 -25.04 -44.69
C HIS D 99 -16.26 -25.74 -43.91
N SER D 100 -15.98 -26.28 -42.73
CA SER D 100 -17.02 -26.83 -41.90
C SER D 100 -17.79 -25.71 -41.18
N LYS D 101 -18.93 -26.08 -40.58
CA LYS D 101 -19.70 -25.16 -39.77
C LYS D 101 -19.13 -24.98 -38.37
N THR D 102 -18.02 -25.64 -38.07
CA THR D 102 -17.43 -25.63 -36.73
C THR D 102 -15.94 -25.26 -36.80
N PRO D 103 -15.62 -24.04 -37.23
CA PRO D 103 -14.20 -23.60 -37.20
C PRO D 103 -13.66 -23.51 -35.79
N GLY D 104 -12.32 -23.45 -35.69
CA GLY D 104 -11.66 -23.55 -34.40
C GLY D 104 -12.04 -22.45 -33.43
N HIS D 105 -12.39 -21.27 -33.96
CA HIS D 105 -13.01 -20.21 -33.19
C HIS D 105 -14.37 -19.90 -33.79
N PRO D 106 -15.39 -19.62 -32.97
CA PRO D 106 -16.75 -19.46 -33.52
C PRO D 106 -16.82 -18.25 -34.43
N GLU D 107 -17.54 -18.40 -35.55
CA GLU D 107 -17.63 -17.38 -36.59
C GLU D 107 -19.07 -16.96 -36.80
N TYR D 108 -19.33 -15.67 -36.62
CA TYR D 108 -20.63 -15.11 -36.95
C TYR D 108 -20.91 -15.23 -38.44
N GLY D 109 -22.14 -15.61 -38.78
CA GLY D 109 -22.52 -15.52 -40.17
C GLY D 109 -23.05 -16.79 -40.79
N TYR D 110 -22.34 -17.90 -40.61
CA TYR D 110 -22.70 -19.14 -41.27
C TYR D 110 -23.08 -20.25 -40.31
N THR D 111 -22.77 -20.13 -39.02
CA THR D 111 -23.18 -21.07 -38.00
C THR D 111 -24.33 -20.44 -37.23
N ASP D 112 -25.51 -21.03 -37.31
CA ASP D 112 -26.68 -20.49 -36.62
C ASP D 112 -26.41 -20.36 -35.13
N GLY D 113 -26.82 -19.24 -34.55
CA GLY D 113 -26.74 -19.07 -33.13
C GLY D 113 -25.45 -18.48 -32.62
N VAL D 114 -24.44 -18.32 -33.48
CA VAL D 114 -23.21 -17.63 -33.10
C VAL D 114 -23.45 -16.13 -33.23
N GLU D 115 -23.32 -15.41 -32.12
CA GLU D 115 -23.68 -14.00 -32.10
C GLU D 115 -22.55 -13.10 -32.54
N THR D 116 -21.31 -13.54 -32.42
CA THR D 116 -20.14 -12.75 -32.77
C THR D 116 -18.99 -13.71 -33.02
N THR D 117 -17.98 -13.24 -33.74
CA THR D 117 -16.77 -14.01 -33.97
C THR D 117 -15.78 -13.65 -32.89
N THR D 118 -15.35 -14.62 -32.10
CA THR D 118 -14.37 -14.37 -31.06
C THR D 118 -13.17 -15.30 -31.23
N GLY D 119 -12.09 -14.93 -30.59
CA GLY D 119 -10.82 -15.56 -30.81
C GLY D 119 -9.74 -14.69 -30.22
N PRO D 120 -9.53 -13.52 -30.83
CA PRO D 120 -8.68 -12.52 -30.19
C PRO D 120 -9.31 -12.07 -28.88
N LEU D 121 -8.56 -12.24 -27.79
CA LEU D 121 -9.16 -12.11 -26.47
C LEU D 121 -9.50 -10.67 -26.13
N GLY D 122 -10.49 -10.52 -25.24
CA GLY D 122 -10.93 -9.24 -24.77
C GLY D 122 -12.04 -8.63 -25.60
N GLN D 123 -12.09 -8.93 -26.90
CA GLN D 123 -13.08 -8.25 -27.74
C GLN D 123 -14.49 -8.79 -27.54
N GLY D 124 -14.64 -10.06 -27.14
CA GLY D 124 -15.98 -10.59 -26.93
C GLY D 124 -16.76 -9.83 -25.88
N ILE D 125 -16.14 -9.56 -24.73
CA ILE D 125 -16.84 -8.81 -23.69
C ILE D 125 -17.17 -7.41 -24.19
N ALA D 126 -16.28 -6.80 -24.97
CA ALA D 126 -16.58 -5.49 -25.55
C ALA D 126 -17.73 -5.57 -26.54
N ASN D 127 -17.73 -6.59 -27.41
CA ASN D 127 -18.89 -6.81 -28.27
C ASN D 127 -20.17 -6.89 -27.44
N ALA D 128 -20.11 -7.63 -26.34
CA ALA D 128 -21.31 -7.85 -25.53
C ALA D 128 -21.75 -6.54 -24.87
N VAL D 129 -20.80 -5.71 -24.45
CA VAL D 129 -21.15 -4.39 -23.93
C VAL D 129 -21.94 -3.63 -24.97
N GLY D 130 -21.54 -3.75 -26.25
CA GLY D 130 -22.28 -3.08 -27.31
C GLY D 130 -23.66 -3.67 -27.53
N MET D 131 -23.77 -5.00 -27.40
CA MET D 131 -25.10 -5.62 -27.50
C MET D 131 -26.01 -5.18 -26.38
N ALA D 132 -25.49 -5.12 -25.14
CA ALA D 132 -26.32 -4.66 -24.03
C ALA D 132 -26.65 -3.18 -24.17
N LEU D 133 -25.73 -2.40 -24.73
CA LEU D 133 -26.00 -0.98 -24.95
C LEU D 133 -27.11 -0.79 -25.97
N ALA D 134 -27.07 -1.57 -27.06
CA ALA D 134 -28.14 -1.50 -28.06
C ALA D 134 -29.48 -1.84 -27.45
N GLU D 135 -29.54 -2.87 -26.59
CA GLU D 135 -30.80 -3.20 -25.95
C GLU D 135 -31.30 -2.04 -25.10
N LYS D 136 -30.38 -1.40 -24.37
CA LYS D 136 -30.77 -0.28 -23.52
CA LYS D 136 -30.77 -0.28 -23.52
C LYS D 136 -31.29 0.89 -24.36
N ILE D 137 -30.57 1.23 -25.43
CA ILE D 137 -30.96 2.32 -26.32
C ILE D 137 -32.33 2.06 -26.93
N LEU D 138 -32.53 0.84 -27.44
CA LEU D 138 -33.76 0.51 -28.14
C LEU D 138 -34.95 0.41 -27.19
N ALA D 139 -34.73 -0.05 -25.95
CA ALA D 139 -35.82 -0.08 -24.99
C ALA D 139 -36.26 1.33 -24.61
N ALA D 140 -35.30 2.24 -24.39
CA ALA D 140 -35.64 3.63 -24.10
C ALA D 140 -36.43 4.24 -25.25
N GLU D 141 -36.07 3.89 -26.48
CA GLU D 141 -36.72 4.51 -27.63
C GLU D 141 -38.09 3.91 -27.92
N PHE D 142 -38.22 2.59 -27.83
CA PHE D 142 -39.40 1.92 -28.36
C PHE D 142 -40.41 1.47 -27.31
N ASN D 143 -39.99 1.13 -26.09
CA ASN D 143 -40.94 0.60 -25.12
C ASN D 143 -41.95 1.65 -24.70
N LYS D 144 -43.21 1.23 -24.63
CA LYS D 144 -44.33 2.04 -24.20
C LYS D 144 -44.99 1.37 -22.99
N ASP D 145 -45.76 2.16 -22.25
CA ASP D 145 -46.38 1.69 -21.01
C ASP D 145 -47.07 0.36 -21.22
N GLY D 146 -46.66 -0.63 -20.42
CA GLY D 146 -47.20 -1.97 -20.53
C GLY D 146 -46.69 -2.81 -21.68
N LEU D 147 -45.99 -2.22 -22.65
CA LEU D 147 -45.60 -2.90 -23.89
C LEU D 147 -44.08 -2.84 -24.05
N ASN D 148 -43.38 -3.70 -23.32
CA ASN D 148 -41.92 -3.72 -23.33
C ASN D 148 -41.42 -4.70 -24.39
N ILE D 149 -41.47 -4.25 -25.64
CA ILE D 149 -41.07 -5.11 -26.75
C ILE D 149 -39.57 -5.30 -26.85
N VAL D 150 -38.77 -4.45 -26.20
CA VAL D 150 -37.34 -4.68 -26.05
C VAL D 150 -37.07 -4.96 -24.58
N ASP D 151 -36.71 -6.21 -24.28
CA ASP D 151 -36.46 -6.62 -22.91
C ASP D 151 -35.71 -7.95 -22.97
N HIS D 152 -34.38 -7.90 -22.97
CA HIS D 152 -33.62 -9.14 -22.94
C HIS D 152 -32.23 -8.88 -22.37
N TYR D 153 -31.56 -9.97 -22.01
CA TYR D 153 -30.29 -9.92 -21.31
C TYR D 153 -29.14 -10.23 -22.25
N THR D 154 -27.95 -9.86 -21.80
CA THR D 154 -26.71 -10.15 -22.52
C THR D 154 -25.82 -10.89 -21.54
N TYR D 155 -25.57 -12.16 -21.81
CA TYR D 155 -24.75 -13.02 -20.95
C TYR D 155 -23.42 -13.30 -21.63
N VAL D 156 -22.34 -13.32 -20.84
CA VAL D 156 -20.97 -13.50 -21.33
C VAL D 156 -20.25 -14.53 -20.48
N PHE D 157 -19.53 -15.45 -21.15
CA PHE D 157 -18.49 -16.25 -20.50
C PHE D 157 -17.15 -15.63 -20.87
N MET D 158 -16.29 -15.41 -19.87
CA MET D 158 -14.99 -14.86 -20.19
C MET D 158 -13.95 -15.48 -19.25
N GLY D 159 -12.68 -15.40 -19.67
CA GLY D 159 -11.59 -16.03 -18.98
C GLY D 159 -10.51 -15.04 -18.57
N ASP D 160 -9.46 -15.58 -17.94
CA ASP D 160 -8.36 -14.77 -17.42
C ASP D 160 -7.67 -13.96 -18.52
N GLY D 161 -7.49 -14.56 -19.69
CA GLY D 161 -6.82 -13.87 -20.78
C GLY D 161 -7.59 -12.63 -21.22
N OCS D 162 -8.90 -12.79 -21.35
CA OCS D 162 -9.79 -11.66 -21.62
CB OCS D 162 -11.23 -12.11 -21.54
SG OCS D 162 -11.65 -13.35 -22.76
C OCS D 162 -9.62 -10.51 -20.64
O OCS D 162 -9.55 -9.35 -21.02
OD1 OCS D 162 -12.85 -13.96 -22.34
OD2 OCS D 162 -11.83 -12.68 -24.01
OD3 OCS D 162 -10.66 -14.34 -22.86
N LEU D 163 -9.55 -10.86 -19.36
CA LEU D 163 -9.48 -9.87 -18.29
C LEU D 163 -8.12 -9.17 -18.21
N MET D 164 -7.05 -9.88 -18.64
CA MET D 164 -5.73 -9.25 -18.68
C MET D 164 -5.64 -8.20 -19.79
N GLU D 165 -6.37 -8.40 -20.89
CA GLU D 165 -6.33 -7.48 -22.02
C GLU D 165 -6.92 -6.11 -21.68
N GLY D 166 -6.26 -5.06 -22.16
CA GLY D 166 -6.72 -3.70 -21.89
C GLY D 166 -8.10 -3.40 -22.43
N VAL D 167 -8.51 -4.03 -23.54
CA VAL D 167 -9.83 -3.73 -24.08
C VAL D 167 -10.94 -4.19 -23.13
N SER D 168 -10.68 -5.17 -22.26
CA SER D 168 -11.68 -5.52 -21.27
C SER D 168 -11.81 -4.44 -20.22
N HIS D 169 -10.70 -3.80 -19.86
CA HIS D 169 -10.74 -2.63 -18.99
C HIS D 169 -11.60 -1.53 -19.57
N GLU D 170 -11.37 -1.20 -20.85
CA GLU D 170 -12.11 -0.09 -21.45
C GLU D 170 -13.60 -0.37 -21.50
N ALA D 171 -13.97 -1.56 -21.98
CA ALA D 171 -15.39 -1.87 -22.16
C ALA D 171 -16.11 -2.01 -20.82
N CYS D 172 -15.50 -2.69 -19.84
CA CYS D 172 -16.21 -2.85 -18.58
C CYS D 172 -16.27 -1.54 -17.78
N SER D 173 -15.25 -0.69 -17.91
CA SER D 173 -15.33 0.63 -17.31
C SER D 173 -16.53 1.38 -17.84
N LEU D 174 -16.70 1.37 -19.16
CA LEU D 174 -17.81 2.10 -19.77
C LEU D 174 -19.14 1.45 -19.42
N ALA D 175 -19.19 0.11 -19.39
CA ALA D 175 -20.40 -0.59 -18.97
C ALA D 175 -20.81 -0.21 -17.56
N GLY D 176 -19.84 -0.01 -16.67
CA GLY D 176 -20.15 0.45 -15.32
C GLY D 176 -20.75 1.84 -15.31
N THR D 177 -20.13 2.78 -16.04
CA THR D 177 -20.63 4.15 -16.05
CA THR D 177 -20.63 4.16 -16.06
C THR D 177 -22.06 4.22 -16.59
N LEU D 178 -22.36 3.40 -17.59
CA LEU D 178 -23.64 3.45 -18.25
C LEU D 178 -24.69 2.58 -17.55
N GLY D 179 -24.31 1.87 -16.49
CA GLY D 179 -25.27 1.14 -15.67
C GLY D 179 -26.01 0.05 -16.42
N LEU D 180 -25.26 -0.78 -17.16
CA LEU D 180 -25.85 -1.82 -17.99
C LEU D 180 -26.23 -3.03 -17.14
N GLY D 181 -27.35 -2.90 -16.43
CA GLY D 181 -27.80 -3.92 -15.49
C GLY D 181 -28.24 -5.22 -16.12
N LYS D 182 -28.49 -5.22 -17.42
CA LYS D 182 -28.86 -6.46 -18.11
C LYS D 182 -27.66 -7.20 -18.68
N LEU D 183 -26.44 -6.69 -18.47
CA LEU D 183 -25.21 -7.39 -18.85
C LEU D 183 -24.74 -8.24 -17.66
N ILE D 184 -24.60 -9.54 -17.89
CA ILE D 184 -24.26 -10.48 -16.81
C ILE D 184 -23.13 -11.37 -17.28
N VAL D 185 -21.99 -11.30 -16.59
CA VAL D 185 -20.78 -12.01 -16.99
C VAL D 185 -20.53 -13.15 -16.00
N LEU D 186 -20.25 -14.34 -16.53
CA LEU D 186 -19.74 -15.45 -15.74
C LEU D 186 -18.27 -15.62 -16.09
N TYR D 187 -17.42 -15.43 -15.10
CA TYR D 187 -15.98 -15.46 -15.27
C TYR D 187 -15.49 -16.86 -14.90
N ASP D 188 -14.77 -17.50 -15.83
CA ASP D 188 -14.17 -18.81 -15.63
C ASP D 188 -12.86 -18.61 -14.88
N ASP D 189 -12.95 -18.65 -13.55
CA ASP D 189 -11.82 -18.36 -12.67
C ASP D 189 -11.15 -19.68 -12.35
N ASN D 190 -10.26 -20.12 -13.22
CA ASN D 190 -9.67 -21.44 -13.05
C ASN D 190 -8.21 -21.37 -12.62
N ASP D 199 0.07 -16.93 -11.38
CA ASP D 199 0.49 -16.11 -10.25
C ASP D 199 1.82 -15.42 -10.55
N GLY D 200 2.52 -15.91 -11.57
CA GLY D 200 3.74 -15.26 -12.01
C GLY D 200 3.52 -14.06 -12.91
N TRP D 201 2.30 -13.91 -13.47
CA TRP D 201 2.01 -12.78 -14.34
C TRP D 201 0.61 -12.21 -14.15
N PHE D 202 -0.24 -12.79 -13.29
CA PHE D 202 -1.62 -12.32 -13.15
C PHE D 202 -2.03 -12.53 -11.70
N THR D 203 -2.24 -11.42 -10.99
CA THR D 203 -2.61 -11.44 -9.57
C THR D 203 -3.70 -10.43 -9.26
N GLU D 204 -4.48 -10.01 -10.24
CA GLU D 204 -5.52 -9.01 -10.00
C GLU D 204 -6.58 -9.58 -9.06
N ASN D 205 -7.07 -8.73 -8.15
CA ASN D 205 -8.24 -9.03 -7.32
C ASN D 205 -9.43 -8.61 -8.18
N ILE D 206 -9.99 -9.58 -8.91
CA ILE D 206 -11.01 -9.24 -9.91
C ILE D 206 -12.27 -8.69 -9.28
N PRO D 207 -12.81 -9.24 -8.19
CA PRO D 207 -13.94 -8.58 -7.51
C PRO D 207 -13.67 -7.12 -7.18
N GLN D 208 -12.50 -6.83 -6.61
CA GLN D 208 -12.18 -5.45 -6.26
C GLN D 208 -12.08 -4.58 -7.48
N ARG D 209 -11.46 -5.10 -8.55
CA ARG D 209 -11.34 -4.34 -9.78
C ARG D 209 -12.72 -4.01 -10.34
N PHE D 210 -13.64 -4.97 -10.35
CA PHE D 210 -14.93 -4.70 -10.96
C PHE D 210 -15.83 -3.86 -10.05
N GLU D 211 -15.67 -3.94 -8.74
CA GLU D 211 -16.34 -2.96 -7.89
C GLU D 211 -15.87 -1.55 -8.23
N SER D 212 -14.58 -1.38 -8.52
CA SER D 212 -14.05 -0.06 -8.86
C SER D 212 -14.69 0.49 -10.12
N TYR D 213 -15.21 -0.38 -10.98
CA TYR D 213 -15.94 0.02 -12.17
C TYR D 213 -17.40 0.33 -11.90
N GLY D 214 -17.90 0.05 -10.69
CA GLY D 214 -19.32 0.18 -10.43
C GLY D 214 -20.13 -1.03 -10.79
N TRP D 215 -19.51 -2.20 -10.91
CA TRP D 215 -20.23 -3.42 -11.20
C TRP D 215 -20.73 -4.07 -9.92
N HIS D 216 -21.82 -4.82 -10.06
CA HIS D 216 -22.23 -5.77 -9.03
C HIS D 216 -21.36 -7.01 -9.17
N VAL D 217 -20.88 -7.52 -8.05
CA VAL D 217 -19.93 -8.64 -8.06
C VAL D 217 -20.45 -9.76 -7.18
N VAL D 218 -20.50 -10.97 -7.74
CA VAL D 218 -20.75 -12.17 -6.93
C VAL D 218 -19.44 -12.95 -6.84
N PRO D 219 -18.69 -12.83 -5.76
CA PRO D 219 -17.37 -13.46 -5.71
C PRO D 219 -17.46 -14.92 -5.29
N ASN D 220 -16.37 -15.65 -5.57
CA ASN D 220 -16.11 -16.97 -4.97
C ASN D 220 -17.29 -17.92 -5.08
N VAL D 221 -17.83 -18.06 -6.28
CA VAL D 221 -18.90 -19.01 -6.54
C VAL D 221 -18.28 -20.35 -6.93
N ASN D 222 -18.77 -21.43 -6.33
CA ASN D 222 -18.36 -22.78 -6.71
C ASN D 222 -18.83 -23.05 -8.13
N GLY D 223 -17.91 -23.00 -9.08
CA GLY D 223 -18.24 -23.13 -10.50
C GLY D 223 -18.70 -24.50 -10.93
N HIS D 224 -18.71 -25.49 -10.04
CA HIS D 224 -19.23 -26.82 -10.35
C HIS D 224 -20.43 -27.17 -9.48
N ASP D 225 -21.05 -26.16 -8.87
CA ASP D 225 -22.25 -26.31 -8.06
C ASP D 225 -23.36 -25.55 -8.78
N THR D 226 -24.22 -26.28 -9.50
CA THR D 226 -25.24 -25.61 -10.30
C THR D 226 -26.21 -24.83 -9.43
N ALA D 227 -26.43 -25.25 -8.19
CA ALA D 227 -27.29 -24.50 -7.28
C ALA D 227 -26.66 -23.16 -6.91
N ALA D 228 -25.35 -23.14 -6.63
CA ALA D 228 -24.69 -21.89 -6.33
C ALA D 228 -24.66 -20.97 -7.54
N ILE D 229 -24.45 -21.53 -8.72
CA ILE D 229 -24.45 -20.73 -9.94
C ILE D 229 -25.82 -20.13 -10.19
N GLN D 230 -26.88 -20.93 -10.01
CA GLN D 230 -28.23 -20.41 -10.21
C GLN D 230 -28.53 -19.27 -9.23
N THR D 231 -28.15 -19.43 -7.96
CA THR D 231 -28.38 -18.36 -6.99
C THR D 231 -27.61 -17.10 -7.38
N ALA D 232 -26.38 -17.27 -7.87
CA ALA D 232 -25.58 -16.13 -8.26
C ALA D 232 -26.20 -15.40 -9.46
N ILE D 233 -26.72 -16.17 -10.42
CA ILE D 233 -27.34 -15.54 -11.59
C ILE D 233 -28.62 -14.83 -11.19
N GLU D 234 -29.40 -15.45 -10.30
CA GLU D 234 -30.60 -14.80 -9.79
C GLU D 234 -30.27 -13.48 -9.10
N ALA D 235 -29.22 -13.45 -8.28
CA ALA D 235 -28.81 -12.20 -7.66
C ALA D 235 -28.39 -11.17 -8.71
N ALA D 236 -27.70 -11.63 -9.75
CA ALA D 236 -27.28 -10.74 -10.83
C ALA D 236 -28.49 -10.11 -11.52
N ARG D 237 -29.48 -10.92 -11.86
CA ARG D 237 -30.66 -10.40 -12.54
C ARG D 237 -31.46 -9.48 -11.63
N ALA D 238 -31.40 -9.69 -10.31
CA ALA D 238 -32.13 -8.83 -9.38
C ALA D 238 -31.47 -7.47 -9.25
N GLU D 239 -30.18 -7.37 -9.52
CA GLU D 239 -29.47 -6.09 -9.52
C GLU D 239 -29.70 -5.42 -10.87
N THR D 240 -30.61 -4.46 -10.92
CA THR D 240 -31.01 -3.89 -12.20
C THR D 240 -30.19 -2.67 -12.58
N GLY D 241 -29.42 -2.10 -11.67
CA GLY D 241 -28.76 -0.85 -11.94
C GLY D 241 -27.32 -0.96 -12.40
N LYS D 242 -26.72 -2.11 -12.18
CA LYS D 242 -25.30 -2.32 -12.43
C LYS D 242 -25.10 -3.58 -13.26
N PRO D 243 -24.11 -3.59 -14.15
CA PRO D 243 -23.69 -4.87 -14.75
C PRO D 243 -23.09 -5.75 -13.67
N SER D 244 -23.23 -7.08 -13.85
CA SER D 244 -22.82 -8.06 -12.86
C SER D 244 -21.72 -8.96 -13.40
N ILE D 245 -20.75 -9.28 -12.54
CA ILE D 245 -19.78 -10.31 -12.85
C ILE D 245 -19.83 -11.36 -11.74
N ILE D 246 -19.93 -12.62 -12.14
CA ILE D 246 -20.01 -13.77 -11.24
C ILE D 246 -18.71 -14.54 -11.38
N CYS D 247 -17.92 -14.59 -10.29
CA CYS D 247 -16.59 -15.21 -10.35
C CYS D 247 -16.74 -16.69 -10.05
N CYS D 248 -16.64 -17.51 -11.09
CA CYS D 248 -16.88 -18.95 -10.99
C CYS D 248 -15.55 -19.67 -10.84
N LYS D 249 -15.29 -20.16 -9.62
CA LYS D 249 -14.09 -20.94 -9.36
CA LYS D 249 -14.09 -20.95 -9.35
C LYS D 249 -14.25 -22.33 -9.97
N THR D 250 -13.46 -22.64 -10.99
CA THR D 250 -13.55 -23.93 -11.68
C THR D 250 -12.19 -24.61 -11.73
N LEU D 251 -12.22 -25.90 -12.08
CA LEU D 251 -11.02 -26.64 -12.45
C LEU D 251 -10.99 -26.81 -13.96
N ILE D 252 -9.89 -26.36 -14.60
CA ILE D 252 -9.73 -26.64 -16.02
C ILE D 252 -9.66 -28.15 -16.23
N GLY D 253 -10.32 -28.62 -17.28
CA GLY D 253 -10.37 -30.05 -17.50
C GLY D 253 -11.15 -30.81 -16.43
N LYS D 254 -12.06 -30.14 -15.74
CA LYS D 254 -12.88 -30.77 -14.70
C LYS D 254 -13.52 -32.05 -15.22
N GLY D 255 -13.41 -33.12 -14.44
CA GLY D 255 -13.91 -34.42 -14.83
C GLY D 255 -12.89 -35.32 -15.48
N SER D 256 -11.74 -34.79 -15.91
CA SER D 256 -10.69 -35.65 -16.46
C SER D 256 -10.19 -36.59 -15.39
N ALA D 257 -9.96 -37.85 -15.77
CA ALA D 257 -9.56 -38.85 -14.78
C ALA D 257 -8.16 -38.60 -14.25
N ASN D 258 -7.27 -38.02 -15.05
CA ASN D 258 -5.86 -37.85 -14.69
C ASN D 258 -5.29 -36.47 -15.00
N LYS D 259 -5.96 -35.66 -15.81
CA LYS D 259 -5.44 -34.35 -16.18
C LYS D 259 -6.30 -33.22 -15.62
N GLU D 260 -7.16 -33.52 -14.67
CA GLU D 260 -8.01 -32.49 -14.08
C GLU D 260 -7.13 -31.43 -13.40
N GLY D 261 -7.43 -30.16 -13.68
CA GLY D 261 -6.67 -29.06 -13.16
C GLY D 261 -5.37 -28.78 -13.87
N SER D 262 -5.02 -29.56 -14.89
CA SER D 262 -3.73 -29.45 -15.54
C SER D 262 -3.79 -28.47 -16.69
N HIS D 263 -2.86 -27.51 -16.69
CA HIS D 263 -2.81 -26.52 -17.77
C HIS D 263 -2.58 -27.16 -19.13
N LYS D 264 -2.11 -28.42 -19.17
CA LYS D 264 -1.92 -29.08 -20.45
C LYS D 264 -3.23 -29.38 -21.16
N THR D 265 -4.38 -29.31 -20.46
CA THR D 265 -5.67 -29.49 -21.11
C THR D 265 -6.19 -28.20 -21.75
N HIS D 266 -5.46 -27.10 -21.60
CA HIS D 266 -5.93 -25.84 -22.17
C HIS D 266 -5.96 -25.90 -23.70
N GLY D 267 -4.85 -26.27 -24.32
CA GLY D 267 -4.72 -26.11 -25.77
C GLY D 267 -4.30 -27.34 -26.54
N ALA D 268 -4.46 -28.52 -25.96
CA ALA D 268 -4.10 -29.76 -26.62
C ALA D 268 -5.16 -30.81 -26.36
N PRO D 269 -5.33 -31.77 -27.28
CA PRO D 269 -6.25 -32.88 -27.03
C PRO D 269 -5.87 -33.61 -25.75
N LEU D 270 -6.89 -34.19 -25.11
CA LEU D 270 -6.66 -34.94 -23.86
C LEU D 270 -5.84 -36.20 -24.11
N GLY D 271 -5.97 -36.81 -25.28
CA GLY D 271 -5.35 -38.10 -25.53
C GLY D 271 -6.40 -39.20 -25.50
N ALA D 272 -6.28 -40.20 -26.38
CA ALA D 272 -7.32 -41.22 -26.49
C ALA D 272 -7.45 -42.02 -25.22
N ASP D 273 -6.33 -42.43 -24.62
CA ASP D 273 -6.40 -43.23 -23.41
C ASP D 273 -7.03 -42.44 -22.27
N GLU D 274 -6.71 -41.14 -22.17
CA GLU D 274 -7.26 -40.32 -21.10
C GLU D 274 -8.77 -40.12 -21.27
N ILE D 275 -9.24 -39.98 -22.52
CA ILE D 275 -10.69 -39.89 -22.73
C ILE D 275 -11.36 -41.19 -22.30
N GLU D 276 -10.75 -42.33 -22.66
CA GLU D 276 -11.27 -43.62 -22.23
C GLU D 276 -11.34 -43.72 -20.72
N ALA D 277 -10.25 -43.32 -20.04
CA ALA D 277 -10.27 -43.31 -18.57
C ALA D 277 -11.30 -42.33 -18.04
N THR D 278 -11.54 -41.24 -18.76
CA THR D 278 -12.49 -40.22 -18.29
C THR D 278 -13.92 -40.71 -18.41
N ARG D 279 -14.23 -41.46 -19.48
CA ARG D 279 -15.53 -42.11 -19.57
C ARG D 279 -15.80 -43.02 -18.38
N LYS D 280 -14.79 -43.81 -17.97
CA LYS D 280 -14.96 -44.69 -16.82
C LYS D 280 -15.09 -43.89 -15.52
N HIS D 281 -14.27 -42.86 -15.37
CA HIS D 281 -14.28 -42.06 -14.15
C HIS D 281 -15.65 -41.41 -13.95
N LEU D 282 -16.22 -40.86 -15.01
CA LEU D 282 -17.51 -40.19 -14.93
C LEU D 282 -18.68 -41.12 -15.22
N GLY D 283 -18.42 -42.40 -15.47
CA GLY D 283 -19.49 -43.35 -15.77
C GLY D 283 -20.29 -42.98 -16.99
N TRP D 284 -19.61 -42.54 -18.05
CA TRP D 284 -20.26 -42.13 -19.29
C TRP D 284 -20.24 -43.30 -20.26
N ALA D 285 -21.40 -43.92 -20.47
CA ALA D 285 -21.48 -45.19 -21.16
C ALA D 285 -21.57 -45.06 -22.68
N TYR D 286 -21.47 -43.84 -23.22
CA TYR D 286 -21.82 -43.73 -24.64
C TYR D 286 -20.60 -43.43 -25.50
N PRO D 287 -20.51 -44.04 -26.67
CA PRO D 287 -19.36 -43.81 -27.56
C PRO D 287 -19.38 -42.39 -28.10
N ALA D 288 -18.26 -42.02 -28.72
CA ALA D 288 -18.09 -40.67 -29.24
C ALA D 288 -19.24 -40.29 -30.16
N PHE D 289 -19.80 -39.11 -29.94
CA PHE D 289 -20.84 -38.50 -30.77
C PHE D 289 -22.17 -39.23 -30.70
N GLU D 290 -22.33 -40.16 -29.76
CA GLU D 290 -23.61 -40.82 -29.52
C GLU D 290 -24.19 -40.31 -28.22
N ILE D 291 -25.41 -39.78 -28.28
CA ILE D 291 -26.06 -39.16 -27.13
C ILE D 291 -27.45 -39.77 -26.99
N PRO D 292 -27.81 -40.32 -25.83
CA PRO D 292 -29.13 -40.95 -25.71
C PRO D 292 -30.24 -39.91 -25.85
N GLN D 293 -31.42 -40.40 -26.27
CA GLN D 293 -32.52 -39.49 -26.56
C GLN D 293 -32.99 -38.73 -25.32
N GLU D 294 -32.88 -39.33 -24.13
CA GLU D 294 -33.31 -38.63 -22.92
C GLU D 294 -32.50 -37.37 -22.69
N ILE D 295 -31.20 -37.38 -23.04
CA ILE D 295 -30.38 -36.19 -22.83
C ILE D 295 -30.72 -35.11 -23.86
N TYR D 296 -30.95 -35.51 -25.11
CA TYR D 296 -31.46 -34.57 -26.11
C TYR D 296 -32.77 -33.94 -25.65
N ASP D 297 -33.69 -34.75 -25.12
CA ASP D 297 -34.98 -34.22 -24.67
C ASP D 297 -34.80 -33.25 -23.53
N ALA D 298 -33.88 -33.55 -22.59
CA ALA D 298 -33.64 -32.64 -21.48
C ALA D 298 -33.05 -31.32 -21.94
N TRP D 299 -32.26 -31.35 -23.03
CA TRP D 299 -31.54 -30.16 -23.49
C TRP D 299 -32.31 -29.36 -24.54
N ASN D 300 -33.27 -29.99 -25.23
CA ASN D 300 -33.87 -29.38 -26.41
C ASN D 300 -34.66 -28.13 -26.04
N ALA D 301 -34.42 -27.05 -26.78
CA ALA D 301 -35.08 -25.77 -26.50
C ALA D 301 -36.11 -25.39 -27.57
N LYS D 302 -36.51 -26.32 -28.43
CA LYS D 302 -37.43 -25.95 -29.51
C LYS D 302 -38.80 -25.52 -28.97
N GLU D 303 -39.36 -26.28 -28.02
CA GLU D 303 -40.69 -25.96 -27.54
C GLU D 303 -40.69 -24.69 -26.71
N LYS D 304 -39.71 -24.54 -25.83
CA LYS D 304 -39.62 -23.34 -25.00
C LYS D 304 -39.32 -22.13 -25.86
N GLY D 305 -38.47 -22.29 -26.88
CA GLY D 305 -38.16 -21.18 -27.76
C GLY D 305 -39.32 -20.78 -28.65
N ALA D 306 -40.10 -21.76 -29.11
CA ALA D 306 -41.30 -21.43 -29.89
C ALA D 306 -42.32 -20.69 -29.04
N LYS D 307 -42.51 -21.11 -27.79
CA LYS D 307 -43.44 -20.41 -26.91
C LYS D 307 -42.97 -19.00 -26.61
N LEU D 308 -41.65 -18.82 -26.43
CA LEU D 308 -41.09 -17.50 -26.19
C LEU D 308 -41.38 -16.56 -27.36
N GLU D 309 -41.11 -17.02 -28.59
CA GLU D 309 -41.30 -16.13 -29.72
C GLU D 309 -42.79 -15.91 -30.01
N ALA D 310 -43.64 -16.90 -29.70
CA ALA D 310 -45.07 -16.68 -29.86
C ALA D 310 -45.57 -15.63 -28.89
N GLY D 311 -45.14 -15.70 -27.63
CA GLY D 311 -45.57 -14.69 -26.67
C GLY D 311 -45.13 -13.30 -27.06
N TRP D 312 -43.90 -13.19 -27.59
CA TRP D 312 -43.41 -11.89 -28.03
C TRP D 312 -44.18 -11.40 -29.24
N ASN D 313 -44.49 -12.29 -30.18
CA ASN D 313 -45.27 -11.88 -31.35
C ASN D 313 -46.63 -11.34 -30.92
N GLU D 314 -47.23 -11.93 -29.89
CA GLU D 314 -48.51 -11.42 -29.41
C GLU D 314 -48.36 -10.05 -28.78
N LEU D 315 -47.32 -9.86 -27.97
CA LEU D 315 -47.05 -8.54 -27.41
C LEU D 315 -46.79 -7.53 -28.52
N PHE D 316 -45.99 -7.91 -29.52
CA PHE D 316 -45.70 -6.99 -30.61
C PHE D 316 -46.94 -6.72 -31.46
N ALA D 317 -47.89 -7.64 -31.48
CA ALA D 317 -49.16 -7.39 -32.17
C ALA D 317 -49.96 -6.30 -31.47
N GLN D 318 -50.04 -6.34 -30.13
CA GLN D 318 -50.67 -5.26 -29.40
C GLN D 318 -49.93 -3.95 -29.62
N TYR D 319 -48.60 -4.01 -29.65
CA TYR D 319 -47.80 -2.82 -29.92
C TYR D 319 -48.10 -2.25 -31.31
N GLN D 320 -48.20 -3.12 -32.32
CA GLN D 320 -48.45 -2.64 -33.68
C GLN D 320 -49.83 -1.99 -33.78
N ALA D 321 -50.83 -2.60 -33.15
CA ALA D 321 -52.18 -2.04 -33.20
C ALA D 321 -52.20 -0.61 -32.67
N LYS D 322 -51.44 -0.35 -31.61
CA LYS D 322 -51.45 0.95 -30.95
C LYS D 322 -50.44 1.91 -31.56
N TYR D 323 -49.29 1.40 -31.97
CA TYR D 323 -48.17 2.21 -32.46
C TYR D 323 -47.69 1.67 -33.79
N PRO D 324 -48.49 1.83 -34.85
CA PRO D 324 -48.15 1.17 -36.13
C PRO D 324 -46.89 1.72 -36.79
N ALA D 325 -46.64 3.03 -36.71
CA ALA D 325 -45.47 3.59 -37.37
C ALA D 325 -44.19 3.18 -36.65
N GLU D 326 -44.19 3.25 -35.32
CA GLU D 326 -43.01 2.83 -34.56
C GLU D 326 -42.77 1.33 -34.70
N ALA D 327 -43.85 0.55 -34.85
CA ALA D 327 -43.69 -0.89 -35.03
C ALA D 327 -43.01 -1.20 -36.35
N ALA D 328 -43.46 -0.57 -37.44
CA ALA D 328 -42.83 -0.79 -38.73
C ALA D 328 -41.38 -0.32 -38.72
N GLU D 329 -41.11 0.80 -38.03
CA GLU D 329 -39.73 1.25 -37.89
C GLU D 329 -38.89 0.24 -37.11
N PHE D 330 -39.47 -0.33 -36.05
CA PHE D 330 -38.73 -1.31 -35.27
C PHE D 330 -38.38 -2.53 -36.11
N VAL D 331 -39.32 -2.98 -36.93
CA VAL D 331 -39.05 -4.12 -37.81
C VAL D 331 -37.98 -3.78 -38.82
N ARG D 332 -38.10 -2.63 -39.50
CA ARG D 332 -37.11 -2.25 -40.49
C ARG D 332 -35.71 -2.17 -39.87
N ARG D 333 -35.61 -1.59 -38.66
CA ARG D 333 -34.29 -1.37 -38.08
C ARG D 333 -33.70 -2.67 -37.53
N MET D 334 -34.51 -3.52 -36.92
CA MET D 334 -33.99 -4.81 -36.43
C MET D 334 -33.59 -5.71 -37.60
N ASP D 335 -34.27 -5.60 -38.73
CA ASP D 335 -33.90 -6.30 -39.95
C ASP D 335 -32.69 -5.69 -40.65
N LYS D 336 -32.14 -4.60 -40.13
CA LYS D 336 -30.94 -3.96 -40.69
C LYS D 336 -31.18 -3.47 -42.12
N LYS D 337 -32.37 -2.92 -42.37
CA LYS D 337 -32.75 -2.36 -43.66
C LYS D 337 -32.76 -0.84 -43.61
N LEU D 338 -32.39 -0.22 -44.73
CA LEU D 338 -32.48 1.22 -44.88
C LEU D 338 -33.89 1.63 -45.30
N PRO D 339 -34.26 2.90 -45.08
CA PRO D 339 -35.55 3.37 -45.58
C PRO D 339 -35.65 3.20 -47.09
N GLU D 340 -36.87 2.95 -47.55
CA GLU D 340 -37.09 2.66 -48.97
C GLU D 340 -36.73 3.84 -49.87
N ASN D 341 -36.76 5.07 -49.35
CA ASN D 341 -36.50 6.26 -50.16
C ASN D 341 -35.07 6.76 -50.01
N PHE D 342 -34.13 5.91 -49.57
CA PHE D 342 -32.82 6.38 -49.16
C PHE D 342 -32.03 6.94 -50.34
N ASP D 343 -31.92 6.18 -51.43
CA ASP D 343 -31.15 6.66 -52.57
C ASP D 343 -31.73 7.97 -53.12
N GLU D 344 -33.06 8.07 -53.16
CA GLU D 344 -33.69 9.30 -53.63
C GLU D 344 -33.43 10.47 -52.69
N TYR D 345 -33.50 10.23 -51.38
CA TYR D 345 -33.13 11.26 -50.41
C TYR D 345 -31.69 11.72 -50.61
N VAL D 346 -30.76 10.77 -50.76
CA VAL D 346 -29.36 11.12 -50.93
C VAL D 346 -29.14 11.89 -52.22
N GLN D 347 -29.78 11.47 -53.31
CA GLN D 347 -29.60 12.14 -54.59
C GLN D 347 -30.10 13.58 -54.54
N THR D 348 -31.26 13.80 -53.91
CA THR D 348 -31.77 15.15 -53.73
C THR D 348 -30.83 15.97 -52.85
N ALA D 349 -30.39 15.39 -51.73
CA ALA D 349 -29.46 16.08 -50.83
C ALA D 349 -28.16 16.42 -51.54
N LEU D 350 -27.68 15.53 -52.41
CA LEU D 350 -26.42 15.76 -53.10
C LEU D 350 -26.51 16.96 -54.04
N LYS D 351 -27.59 17.05 -54.82
CA LYS D 351 -27.77 18.18 -55.73
C LYS D 351 -27.81 19.49 -54.97
N GLU D 352 -28.43 19.51 -53.79
CA GLU D 352 -28.43 20.72 -52.97
C GLU D 352 -27.03 21.04 -52.45
N VAL D 353 -26.26 20.02 -52.05
CA VAL D 353 -24.88 20.26 -51.62
C VAL D 353 -24.04 20.79 -52.77
N CYS D 354 -24.22 20.22 -53.97
CA CYS D 354 -23.50 20.71 -55.13
C CYS D 354 -23.90 22.14 -55.49
N ALA D 355 -25.15 22.52 -55.24
CA ALA D 355 -25.57 23.90 -55.47
C ALA D 355 -24.88 24.85 -54.51
N LYS D 356 -24.86 24.52 -53.22
CA LYS D 356 -24.27 25.38 -52.21
C LYS D 356 -22.76 25.53 -52.41
N ASN D 368 -22.14 19.34 -43.47
CA ASN D 368 -22.27 18.26 -42.52
C ASN D 368 -23.07 17.10 -43.10
N SER D 369 -22.34 16.11 -43.63
CA SER D 369 -22.96 14.90 -44.14
C SER D 369 -23.74 14.18 -43.04
N ILE D 370 -23.21 14.17 -41.82
CA ILE D 370 -23.88 13.48 -40.72
C ILE D 370 -25.24 14.10 -40.45
N GLU D 371 -25.30 15.43 -40.38
CA GLU D 371 -26.57 16.11 -40.19
C GLU D 371 -27.57 15.66 -41.26
N ILE D 372 -27.12 15.58 -42.51
CA ILE D 372 -28.00 15.14 -43.60
C ILE D 372 -28.45 13.71 -43.39
N LEU D 373 -27.53 12.83 -42.97
CA LEU D 373 -27.85 11.42 -42.80
C LEU D 373 -28.78 11.21 -41.60
N ALA D 374 -28.55 11.95 -40.51
CA ALA D 374 -29.34 11.73 -39.30
C ALA D 374 -30.82 11.99 -39.52
N LYS D 375 -31.15 13.02 -40.31
CA LYS D 375 -32.56 13.32 -40.57
C LYS D 375 -33.25 12.13 -41.24
N GLU D 376 -32.53 11.38 -42.06
CA GLU D 376 -33.09 10.25 -42.79
C GLU D 376 -33.00 8.94 -42.02
N LEU D 377 -31.99 8.77 -41.17
CA LEU D 377 -31.75 7.50 -40.48
C LEU D 377 -31.95 7.66 -38.98
N PRO D 378 -33.18 7.49 -38.47
CA PRO D 378 -33.37 7.53 -37.01
C PRO D 378 -32.59 6.46 -36.26
N GLU D 379 -32.14 5.41 -36.95
CA GLU D 379 -31.30 4.39 -36.30
C GLU D 379 -29.86 4.84 -36.11
N LEU D 380 -29.48 6.01 -36.64
CA LEU D 380 -28.09 6.45 -36.52
C LEU D 380 -27.72 6.67 -35.07
N VAL D 381 -26.57 6.14 -34.66
CA VAL D 381 -26.03 6.33 -33.32
C VAL D 381 -24.59 6.79 -33.51
N GLY D 382 -24.29 8.03 -33.10
CA GLY D 382 -22.95 8.55 -33.21
C GLY D 382 -22.09 8.21 -31.99
N GLY D 383 -20.84 8.65 -32.05
CA GLY D 383 -19.97 8.48 -30.91
C GLY D 383 -18.57 8.96 -31.24
N SER D 384 -17.81 9.24 -30.20
CA SER D 384 -16.41 9.54 -30.41
C SER D 384 -15.63 9.17 -29.16
N ALA D 385 -14.34 8.95 -29.35
CA ALA D 385 -13.41 8.65 -28.26
C ALA D 385 -12.80 9.95 -27.76
N ASP D 386 -13.63 10.72 -27.06
CA ASP D 386 -13.24 11.99 -26.43
C ASP D 386 -12.74 13.03 -27.45
N LEU D 387 -13.40 13.10 -28.61
CA LEU D 387 -13.09 14.16 -29.57
C LEU D 387 -13.88 15.44 -29.24
N THR D 388 -13.33 16.58 -29.66
CA THR D 388 -14.09 17.82 -29.56
C THR D 388 -15.22 17.80 -30.59
N PRO D 389 -16.45 18.08 -30.20
CA PRO D 389 -17.57 17.98 -31.16
C PRO D 389 -17.37 18.94 -32.32
N SER D 390 -17.59 18.43 -33.53
CA SER D 390 -17.55 19.26 -34.72
C SER D 390 -18.47 18.66 -35.76
N ASN D 391 -18.63 19.38 -36.88
CA ASN D 391 -19.47 18.90 -37.97
C ASN D 391 -18.96 17.60 -38.57
N LEU D 392 -17.68 17.27 -38.36
CA LEU D 392 -17.11 16.04 -38.89
C LEU D 392 -17.53 14.79 -38.11
N THR D 393 -17.93 14.95 -36.83
CA THR D 393 -18.17 13.80 -35.97
C THR D 393 -19.46 13.92 -35.16
N ASP D 394 -20.32 14.90 -35.45
CA ASP D 394 -21.47 15.18 -34.60
C ASP D 394 -22.49 15.95 -35.42
N TRP D 395 -23.69 16.10 -34.89
CA TRP D 395 -24.71 16.91 -35.54
C TRP D 395 -25.55 17.60 -34.48
N SER D 396 -26.48 18.45 -34.94
CA SER D 396 -27.06 19.51 -34.11
C SER D 396 -27.84 18.95 -32.93
N ASN D 397 -28.67 17.94 -33.15
CA ASN D 397 -29.56 17.45 -32.11
C ASN D 397 -29.21 16.03 -31.66
N SER D 398 -27.94 15.66 -31.75
CA SER D 398 -27.48 14.43 -31.14
C SER D 398 -27.76 14.45 -29.64
N VAL D 399 -28.25 13.33 -29.11
CA VAL D 399 -28.60 13.20 -27.71
C VAL D 399 -27.63 12.21 -27.07
N SER D 400 -26.92 12.67 -26.03
CA SER D 400 -25.94 11.84 -25.35
C SER D 400 -26.64 10.72 -24.59
N VAL D 401 -26.18 9.49 -24.81
CA VAL D 401 -26.60 8.37 -23.98
C VAL D 401 -26.03 8.55 -22.59
N THR D 402 -26.83 8.27 -21.56
CA THR D 402 -26.41 8.42 -20.18
C THR D 402 -26.82 7.17 -19.41
N ARG D 403 -26.43 7.14 -18.13
CA ARG D 403 -26.77 6.01 -17.27
C ARG D 403 -28.27 5.78 -17.21
N ASP D 404 -29.06 6.86 -17.12
CA ASP D 404 -30.47 6.74 -16.80
C ASP D 404 -31.40 7.02 -17.96
N LYS D 405 -30.88 7.34 -19.14
CA LYS D 405 -31.74 7.71 -20.25
C LYS D 405 -31.10 7.31 -21.56
N GLY D 406 -31.94 6.95 -22.53
CA GLY D 406 -31.48 6.58 -23.85
C GLY D 406 -30.90 7.77 -24.61
N GLY D 407 -30.48 7.50 -25.84
CA GLY D 407 -29.99 8.56 -26.69
C GLY D 407 -29.49 7.99 -28.00
N ASN D 408 -28.75 8.82 -28.75
CA ASN D 408 -28.19 8.36 -30.02
C ASN D 408 -26.74 8.82 -30.22
N TYR D 409 -26.00 9.07 -29.14
CA TYR D 409 -24.60 9.48 -29.24
C TYR D 409 -23.87 9.00 -28.00
N ILE D 410 -22.80 8.24 -28.22
CA ILE D 410 -22.08 7.58 -27.13
C ILE D 410 -20.75 8.27 -26.92
N HIS D 411 -20.52 8.74 -25.70
CA HIS D 411 -19.21 9.27 -25.29
C HIS D 411 -18.37 8.09 -24.82
N TYR D 412 -17.50 7.57 -25.70
CA TYR D 412 -16.67 6.44 -25.33
C TYR D 412 -15.52 6.82 -24.40
N GLY D 413 -15.22 8.11 -24.24
CA GLY D 413 -14.07 8.50 -23.47
C GLY D 413 -12.80 8.09 -24.21
N VAL D 414 -11.70 8.01 -23.48
CA VAL D 414 -10.40 7.78 -24.11
C VAL D 414 -10.18 6.27 -24.24
N ARG D 415 -10.94 5.63 -25.14
CA ARG D 415 -11.08 4.17 -25.16
C ARG D 415 -11.33 3.72 -26.61
N GLU D 416 -10.31 3.86 -27.46
CA GLU D 416 -10.53 3.62 -28.88
C GLU D 416 -10.78 2.15 -29.18
N PHE D 417 -9.99 1.25 -28.61
CA PHE D 417 -10.21 -0.18 -28.83
C PHE D 417 -11.57 -0.59 -28.29
N GLY D 418 -11.89 -0.16 -27.07
CA GLY D 418 -13.22 -0.41 -26.54
C GLY D 418 -14.30 0.09 -27.49
N MET D 419 -14.12 1.31 -28.01
CA MET D 419 -15.10 1.89 -28.93
C MET D 419 -15.30 0.99 -30.14
N GLY D 420 -14.22 0.63 -30.83
CA GLY D 420 -14.37 -0.19 -32.03
C GLY D 420 -15.06 -1.51 -31.75
N ALA D 421 -14.65 -2.19 -30.67
CA ALA D 421 -15.24 -3.49 -30.39
C ALA D 421 -16.66 -3.37 -29.86
N ILE D 422 -17.00 -2.27 -29.17
CA ILE D 422 -18.37 -2.06 -28.74
C ILE D 422 -19.26 -1.79 -29.95
N MET D 423 -18.74 -1.02 -30.92
CA MET D 423 -19.49 -0.74 -32.14
C MET D 423 -19.81 -2.01 -32.91
N ASN D 424 -18.86 -2.95 -32.94
CA ASN D 424 -19.15 -4.24 -33.56
C ASN D 424 -20.36 -4.89 -32.91
N GLY D 425 -20.46 -4.81 -31.58
CA GLY D 425 -21.58 -5.40 -30.89
C GLY D 425 -22.88 -4.63 -31.09
N LEU D 426 -22.79 -3.29 -31.16
CA LEU D 426 -23.99 -2.50 -31.49
C LEU D 426 -24.56 -2.93 -32.84
N VAL D 427 -23.68 -3.11 -33.83
CA VAL D 427 -24.11 -3.51 -35.16
C VAL D 427 -24.71 -4.90 -35.14
N LEU D 428 -24.03 -5.84 -34.48
CA LEU D 428 -24.48 -7.23 -34.49
C LEU D 428 -25.85 -7.36 -33.85
N HIS D 429 -26.17 -6.49 -32.90
CA HIS D 429 -27.44 -6.61 -32.19
C HIS D 429 -28.62 -6.41 -33.13
N GLY D 430 -28.49 -5.48 -34.07
CA GLY D 430 -29.61 -5.02 -34.88
C GLY D 430 -30.31 -3.83 -34.26
N GLY D 431 -30.93 -3.01 -35.11
CA GLY D 431 -31.76 -1.91 -34.69
C GLY D 431 -31.09 -0.55 -34.65
N VAL D 432 -29.76 -0.49 -34.67
CA VAL D 432 -29.02 0.78 -34.70
C VAL D 432 -27.94 0.69 -35.75
N LYS D 433 -27.54 1.86 -36.25
CA LYS D 433 -26.42 1.99 -37.18
CA LYS D 433 -26.42 1.99 -37.18
C LYS D 433 -25.39 2.92 -36.57
N PRO D 434 -24.31 2.40 -36.01
CA PRO D 434 -23.38 3.26 -35.28
C PRO D 434 -22.20 3.73 -36.12
N PHE D 435 -21.71 4.92 -35.80
CA PHE D 435 -20.39 5.34 -36.20
C PHE D 435 -19.63 5.73 -34.94
N GLY D 436 -18.31 5.69 -35.03
CA GLY D 436 -17.46 6.09 -33.93
C GLY D 436 -16.18 6.74 -34.42
N ALA D 437 -15.86 7.91 -33.90
CA ALA D 437 -14.76 8.70 -34.44
C ALA D 437 -13.60 8.78 -33.47
N THR D 438 -12.38 8.79 -34.03
CA THR D 438 -11.17 9.15 -33.32
C THR D 438 -10.21 9.78 -34.34
N PHE D 439 -9.04 10.21 -33.88
CA PHE D 439 -8.00 10.63 -34.81
C PHE D 439 -7.54 9.44 -35.64
N LEU D 440 -7.12 9.71 -36.89
CA LEU D 440 -6.68 8.62 -37.76
C LEU D 440 -5.56 7.81 -37.14
N MET D 441 -4.64 8.48 -36.43
CA MET D 441 -3.53 7.76 -35.82
C MET D 441 -4.02 6.65 -34.91
N PHE D 442 -5.13 6.87 -34.21
CA PHE D 442 -5.57 5.94 -33.19
C PHE D 442 -6.49 4.88 -33.76
N SER D 443 -6.63 4.83 -35.09
CA SER D 443 -7.01 3.57 -35.72
C SER D 443 -6.10 2.45 -35.24
N GLU D 444 -4.86 2.78 -34.89
CA GLU D 444 -3.91 1.76 -34.45
C GLU D 444 -4.23 1.24 -33.06
N TYR D 445 -4.91 2.03 -32.23
CA TYR D 445 -5.36 1.52 -30.93
C TYR D 445 -6.53 0.55 -31.07
N GLU D 446 -7.36 0.72 -32.10
CA GLU D 446 -8.53 -0.14 -32.29
C GLU D 446 -8.37 -1.06 -33.48
N ARG D 447 -7.14 -1.30 -33.92
CA ARG D 447 -6.91 -1.86 -35.25
C ARG D 447 -7.60 -3.21 -35.44
N ASN D 448 -7.46 -4.12 -34.46
CA ASN D 448 -8.01 -5.45 -34.68
C ASN D 448 -9.53 -5.47 -34.62
N ALA D 449 -10.15 -4.48 -33.95
CA ALA D 449 -11.60 -4.36 -34.00
C ALA D 449 -12.08 -4.00 -35.40
N LEU D 450 -11.33 -3.16 -36.10
CA LEU D 450 -11.65 -2.88 -37.50
C LEU D 450 -11.53 -4.14 -38.33
N ARG D 451 -10.45 -4.90 -38.12
CA ARG D 451 -10.28 -6.15 -38.86
C ARG D 451 -11.40 -7.13 -38.55
N MET D 452 -11.84 -7.19 -37.28
CA MET D 452 -12.87 -8.15 -36.92
C MET D 452 -14.23 -7.79 -37.55
N ALA D 453 -14.54 -6.48 -37.67
CA ALA D 453 -15.76 -6.08 -38.37
C ALA D 453 -15.73 -6.54 -39.82
N ALA D 454 -14.58 -6.37 -40.48
CA ALA D 454 -14.42 -6.82 -41.86
C ALA D 454 -14.53 -8.33 -41.96
N LEU D 455 -13.94 -9.05 -41.00
CA LEU D 455 -14.03 -10.51 -40.99
C LEU D 455 -15.45 -10.99 -40.77
N MET D 456 -16.17 -10.36 -39.85
CA MET D 456 -17.55 -10.75 -39.57
C MET D 456 -18.53 -10.28 -40.64
N LYS D 457 -18.06 -9.48 -41.60
CA LYS D 457 -18.88 -8.97 -42.69
C LYS D 457 -20.06 -8.13 -42.16
N ILE D 458 -19.77 -7.29 -41.17
CA ILE D 458 -20.75 -6.36 -40.61
C ILE D 458 -20.36 -4.94 -41.02
N ASN D 459 -21.25 -3.97 -40.75
CA ASN D 459 -21.12 -2.63 -41.34
C ASN D 459 -21.12 -1.47 -40.35
N PRO D 460 -20.32 -1.53 -39.27
CA PRO D 460 -20.06 -0.31 -38.51
C PRO D 460 -19.25 0.66 -39.35
N VAL D 461 -19.34 1.94 -39.01
CA VAL D 461 -18.68 3.01 -39.75
C VAL D 461 -17.63 3.63 -38.84
N PHE D 462 -16.36 3.44 -39.19
CA PHE D 462 -15.25 3.98 -38.42
C PHE D 462 -14.84 5.33 -39.00
N VAL D 463 -14.92 6.38 -38.20
CA VAL D 463 -14.68 7.75 -38.64
C VAL D 463 -13.33 8.20 -38.10
N PHE D 464 -12.51 8.82 -38.96
CA PHE D 464 -11.19 9.30 -38.56
C PHE D 464 -11.01 10.73 -39.02
N THR D 465 -10.56 11.59 -38.10
CA THR D 465 -10.22 12.97 -38.40
C THR D 465 -8.72 13.13 -38.25
N HIS D 466 -8.23 14.34 -38.56
CA HIS D 466 -6.80 14.66 -38.40
C HIS D 466 -5.95 13.67 -39.20
N ASP D 467 -6.16 13.70 -40.51
CA ASP D 467 -5.77 12.58 -41.34
C ASP D 467 -4.35 12.66 -41.90
N SER D 468 -3.59 13.72 -41.63
CA SER D 468 -2.27 13.81 -42.24
C SER D 468 -1.44 14.86 -41.49
N ILE D 469 -0.27 15.18 -42.05
CA ILE D 469 0.58 16.26 -41.53
C ILE D 469 -0.21 17.57 -41.50
N GLY D 470 -1.31 17.61 -42.24
CA GLY D 470 -2.24 18.75 -42.21
C GLY D 470 -2.80 19.10 -40.84
N LEU D 471 -2.70 18.19 -39.86
CA LEU D 471 -3.17 18.55 -38.51
C LEU D 471 -2.22 19.51 -37.82
N GLY D 472 -0.97 19.62 -38.29
CA GLY D 472 -0.09 20.69 -37.83
C GLY D 472 0.64 20.34 -36.54
N GLU D 473 0.53 21.21 -35.54
CA GLU D 473 1.53 21.35 -34.49
C GLU D 473 1.61 20.15 -33.54
N ASP D 474 0.56 19.31 -33.46
CA ASP D 474 0.64 18.16 -32.56
C ASP D 474 1.80 17.23 -32.90
N GLY D 475 2.24 17.21 -34.17
CA GLY D 475 3.52 16.64 -34.54
C GLY D 475 3.51 15.14 -34.82
N PRO D 476 4.71 14.54 -34.88
CA PRO D 476 4.84 13.21 -35.49
C PRO D 476 4.17 12.07 -34.74
N THR D 477 3.87 12.22 -33.45
CA THR D 477 3.19 11.11 -32.78
C THR D 477 1.73 11.03 -33.21
N HIS D 478 1.16 12.13 -33.71
CA HIS D 478 -0.24 12.17 -34.08
C HIS D 478 -0.47 12.24 -35.59
N GLN D 479 0.53 12.66 -36.36
CA GLN D 479 0.33 12.90 -37.79
C GLN D 479 0.40 11.60 -38.57
N PRO D 480 -0.70 11.18 -39.20
CA PRO D 480 -0.68 9.93 -39.96
C PRO D 480 0.26 10.00 -41.16
N ILE D 481 0.92 8.88 -41.42
CA ILE D 481 1.80 8.73 -42.56
C ILE D 481 1.33 7.47 -43.28
N GLU D 482 1.40 6.33 -42.58
CA GLU D 482 1.13 5.04 -43.19
C GLU D 482 -0.25 4.49 -42.89
N GLN D 483 -1.06 5.17 -42.07
CA GLN D 483 -2.29 4.56 -41.56
C GLN D 483 -3.29 4.27 -42.67
N THR D 484 -3.55 5.27 -43.53
CA THR D 484 -4.51 5.06 -44.61
C THR D 484 -4.09 3.91 -45.52
N ALA D 485 -2.80 3.87 -45.90
CA ALA D 485 -2.31 2.75 -46.71
C ALA D 485 -2.50 1.42 -46.00
N THR D 486 -2.29 1.36 -44.68
CA THR D 486 -2.44 0.07 -44.02
C THR D 486 -3.92 -0.32 -43.89
N LEU D 487 -4.81 0.66 -43.72
CA LEU D 487 -6.24 0.34 -43.64
C LEU D 487 -6.76 -0.26 -44.93
N ARG D 488 -6.20 0.17 -46.08
CA ARG D 488 -6.66 -0.34 -47.36
C ARG D 488 -6.32 -1.83 -47.56
N LEU D 489 -5.40 -2.39 -46.78
CA LEU D 489 -5.02 -3.79 -46.92
C LEU D 489 -5.87 -4.72 -46.07
N ILE D 490 -6.79 -4.19 -45.27
CA ILE D 490 -7.73 -5.05 -44.57
C ILE D 490 -8.68 -5.68 -45.59
N PRO D 491 -8.74 -7.00 -45.71
CA PRO D 491 -9.73 -7.61 -46.61
C PRO D 491 -11.14 -7.21 -46.20
N ASN D 492 -11.97 -6.90 -47.21
CA ASN D 492 -13.38 -6.57 -47.00
C ASN D 492 -13.58 -5.27 -46.21
N MET D 493 -12.65 -4.33 -46.31
CA MET D 493 -12.81 -3.00 -45.73
C MET D 493 -12.85 -1.97 -46.85
N ASP D 494 -13.81 -1.04 -46.79
CA ASP D 494 -13.80 0.11 -47.67
C ASP D 494 -13.15 1.29 -46.95
N VAL D 495 -12.21 1.94 -47.62
CA VAL D 495 -11.54 3.13 -47.11
C VAL D 495 -11.95 4.30 -48.00
N TRP D 496 -12.55 5.32 -47.40
CA TRP D 496 -12.92 6.55 -48.11
C TRP D 496 -12.10 7.72 -47.57
N ARG D 497 -11.59 8.54 -48.50
CA ARG D 497 -10.86 9.76 -48.15
C ARG D 497 -11.42 10.88 -49.02
N PRO D 498 -12.61 11.38 -48.71
CA PRO D 498 -13.30 12.31 -49.62
C PRO D 498 -12.62 13.68 -49.71
N CYS D 499 -12.77 14.33 -50.85
CA CYS D 499 -12.05 15.59 -51.10
C CYS D 499 -12.90 16.83 -50.84
N ASP D 500 -14.21 16.71 -50.69
CA ASP D 500 -15.07 17.87 -50.48
C ASP D 500 -16.41 17.38 -49.90
N THR D 501 -17.35 18.33 -49.73
CA THR D 501 -18.63 17.98 -49.12
C THR D 501 -19.44 17.01 -49.98
N ALA D 502 -19.30 17.07 -51.31
CA ALA D 502 -20.05 16.17 -52.17
C ALA D 502 -19.53 14.75 -52.05
N GLU D 503 -18.20 14.57 -52.11
CA GLU D 503 -17.65 13.24 -51.89
C GLU D 503 -17.93 12.75 -50.48
N SER D 504 -17.94 13.66 -49.49
CA SER D 504 -18.20 13.24 -48.11
CA SER D 504 -18.20 13.25 -48.12
C SER D 504 -19.60 12.69 -47.95
N LEU D 505 -20.60 13.34 -48.55
CA LEU D 505 -21.96 12.84 -48.44
C LEU D 505 -22.09 11.48 -49.11
N VAL D 506 -21.47 11.30 -50.28
CA VAL D 506 -21.54 10.02 -50.98
C VAL D 506 -20.80 8.94 -50.19
N ALA D 507 -19.62 9.27 -49.66
CA ALA D 507 -18.89 8.30 -48.85
C ALA D 507 -19.72 7.83 -47.66
N TRP D 508 -20.36 8.76 -46.97
CA TRP D 508 -21.24 8.42 -45.85
C TRP D 508 -22.41 7.57 -46.31
N ALA D 509 -23.05 7.97 -47.40
CA ALA D 509 -24.21 7.23 -47.89
C ALA D 509 -23.84 5.81 -48.32
N GLU D 510 -22.70 5.68 -49.02
CA GLU D 510 -22.26 4.34 -49.43
C GLU D 510 -21.87 3.49 -48.23
N ALA D 511 -21.24 4.10 -47.23
CA ALA D 511 -20.93 3.36 -46.01
C ALA D 511 -22.20 2.91 -45.30
N ALA D 512 -23.23 3.75 -45.30
CA ALA D 512 -24.51 3.37 -44.69
C ALA D 512 -25.19 2.26 -45.47
N LYS D 513 -25.02 2.25 -46.80
CA LYS D 513 -25.71 1.29 -47.64
C LYS D 513 -25.04 -0.08 -47.65
N ALA D 514 -23.73 -0.14 -47.40
CA ALA D 514 -23.01 -1.41 -47.42
C ALA D 514 -23.67 -2.37 -46.44
N GLU D 515 -24.00 -3.56 -46.93
CA GLU D 515 -24.68 -4.52 -46.08
C GLU D 515 -23.71 -5.49 -45.40
N ASP D 516 -22.59 -5.83 -46.06
CA ASP D 516 -21.72 -6.91 -45.59
C ASP D 516 -20.28 -6.47 -45.35
N HIS D 517 -20.00 -5.18 -45.19
CA HIS D 517 -18.63 -4.78 -44.92
C HIS D 517 -18.60 -3.44 -44.22
N PRO D 518 -17.58 -3.19 -43.40
CA PRO D 518 -17.43 -1.90 -42.73
C PRO D 518 -16.72 -0.90 -43.63
N SER D 519 -16.70 0.35 -43.17
CA SER D 519 -16.04 1.44 -43.86
C SER D 519 -15.23 2.26 -42.87
N CYS D 520 -14.10 2.78 -43.34
CA CYS D 520 -13.35 3.82 -42.66
C CYS D 520 -13.55 5.10 -43.45
N LEU D 521 -14.04 6.14 -42.79
CA LEU D 521 -14.24 7.44 -43.42
C LEU D 521 -13.21 8.39 -42.84
N ILE D 522 -12.32 8.91 -43.70
CA ILE D 522 -11.13 9.64 -43.29
C ILE D 522 -11.24 11.09 -43.75
N PHE D 523 -11.20 12.04 -42.79
CA PHE D 523 -11.46 13.45 -43.07
C PHE D 523 -10.30 14.35 -42.64
N SER D 524 -10.07 15.39 -43.43
CA SER D 524 -8.99 16.33 -43.11
C SER D 524 -9.51 17.42 -42.20
N ARG D 525 -8.60 17.97 -41.40
CA ARG D 525 -8.91 19.14 -40.59
C ARG D 525 -9.34 20.30 -41.47
N GLN D 526 -8.55 20.59 -42.51
CA GLN D 526 -8.85 21.71 -43.40
C GLN D 526 -10.05 21.39 -44.26
N ASN D 527 -11.05 22.28 -44.25
CA ASN D 527 -12.14 22.21 -45.20
C ASN D 527 -11.60 22.49 -46.60
N LEU D 528 -11.81 21.56 -47.52
CA LEU D 528 -11.18 21.59 -48.82
C LEU D 528 -12.09 22.25 -49.85
N LYS D 529 -11.48 22.99 -50.78
CA LYS D 529 -12.25 23.75 -51.76
C LYS D 529 -13.10 22.82 -52.62
N PHE D 530 -14.25 23.32 -53.05
CA PHE D 530 -15.22 22.53 -53.79
C PHE D 530 -14.93 22.60 -55.29
N GLN D 531 -14.74 21.44 -55.90
CA GLN D 531 -14.54 21.35 -57.34
C GLN D 531 -15.88 21.29 -58.05
N ALA D 532 -15.96 21.94 -59.20
CA ALA D 532 -17.19 21.89 -60.00
C ALA D 532 -17.39 20.48 -60.54
N ARG D 533 -18.66 20.06 -60.62
CA ARG D 533 -18.97 18.70 -61.07
C ARG D 533 -20.22 18.68 -61.93
N SER D 534 -20.17 17.87 -62.99
CA SER D 534 -21.34 17.58 -63.79
C SER D 534 -22.23 16.59 -63.04
N GLU D 535 -23.45 16.41 -63.55
CA GLU D 535 -24.33 15.39 -62.99
C GLU D 535 -23.68 14.02 -63.06
N GLN D 536 -23.10 13.67 -64.21
CA GLN D 536 -22.45 12.37 -64.37
C GLN D 536 -21.30 12.20 -63.38
N GLN D 537 -20.49 13.23 -63.20
CA GLN D 537 -19.41 13.16 -62.22
C GLN D 537 -19.93 12.92 -60.82
N LEU D 538 -21.01 13.62 -60.44
CA LEU D 538 -21.59 13.41 -59.12
C LEU D 538 -22.07 11.98 -58.94
N ASN D 539 -22.64 11.39 -60.00
CA ASN D 539 -23.11 10.02 -59.89
C ASN D 539 -21.97 9.01 -59.88
N ASP D 540 -20.78 9.38 -60.35
CA ASP D 540 -19.67 8.45 -60.40
C ASP D 540 -18.81 8.45 -59.15
N ILE D 541 -19.03 9.40 -58.23
CA ILE D 541 -18.29 9.39 -56.96
C ILE D 541 -18.45 8.04 -56.27
N LYS D 542 -19.65 7.47 -56.29
CA LYS D 542 -19.85 6.18 -55.61
C LYS D 542 -19.11 5.03 -56.26
N ARG D 543 -18.51 5.23 -57.45
CA ARG D 543 -17.72 4.19 -58.08
C ARG D 543 -16.25 4.19 -57.62
N GLY D 544 -15.91 5.00 -56.63
CA GLY D 544 -14.58 4.93 -56.02
C GLY D 544 -13.52 5.82 -56.66
N ALA D 545 -13.58 5.98 -57.97
CA ALA D 545 -12.70 6.88 -58.69
C ALA D 545 -13.39 7.32 -59.98
N TYR D 546 -13.09 8.54 -60.41
CA TYR D 546 -13.71 9.13 -61.59
C TYR D 546 -12.84 10.30 -62.05
N VAL D 547 -13.10 10.75 -63.26
CA VAL D 547 -12.34 11.87 -63.81
C VAL D 547 -12.98 13.16 -63.32
N ILE D 548 -12.30 13.86 -62.41
CA ILE D 548 -12.85 15.10 -61.85
C ILE D 548 -12.52 16.30 -62.72
N SER D 549 -11.42 16.25 -63.49
CA SER D 549 -11.06 17.35 -64.38
C SER D 549 -10.37 16.75 -65.60
N GLU D 550 -11.07 16.71 -66.73
CA GLU D 550 -10.50 16.11 -67.92
C GLU D 550 -9.37 16.98 -68.48
N ALA D 551 -8.45 16.35 -69.19
CA ALA D 551 -7.41 17.09 -69.89
C ALA D 551 -8.02 17.93 -71.00
N GLN D 552 -7.46 19.11 -71.20
CA GLN D 552 -7.76 19.92 -72.37
C GLN D 552 -6.84 19.45 -73.49
N GLY D 553 -7.36 18.52 -74.30
CA GLY D 553 -6.59 17.85 -75.34
C GLY D 553 -6.32 16.41 -74.95
N ASN D 554 -5.60 15.71 -75.84
CA ASN D 554 -5.25 14.32 -75.58
C ASN D 554 -4.32 14.24 -74.38
N ALA D 555 -4.75 13.51 -73.34
CA ALA D 555 -3.99 13.45 -72.10
C ALA D 555 -2.61 12.79 -72.33
N GLN D 556 -1.57 13.41 -71.77
CA GLN D 556 -0.25 12.80 -71.72
C GLN D 556 0.00 12.01 -70.44
N ALA D 557 -0.80 12.24 -69.39
CA ALA D 557 -0.64 11.54 -68.12
C ALA D 557 -1.92 11.72 -67.33
N VAL D 558 -2.07 10.93 -66.28
CA VAL D 558 -3.19 11.07 -65.36
C VAL D 558 -2.66 11.22 -63.94
N ILE D 559 -3.10 12.26 -63.26
CA ILE D 559 -2.81 12.44 -61.84
C ILE D 559 -3.97 11.86 -61.04
N ILE D 560 -3.66 10.86 -60.22
CA ILE D 560 -4.62 10.29 -59.28
C ILE D 560 -4.40 10.97 -57.94
N ALA D 561 -5.47 11.54 -57.38
CA ALA D 561 -5.35 12.22 -56.10
C ALA D 561 -6.53 11.85 -55.23
N THR D 562 -6.34 11.99 -53.91
CA THR D 562 -7.38 11.73 -52.93
C THR D 562 -7.46 12.89 -51.95
N GLY D 563 -8.64 13.00 -51.31
CA GLY D 563 -8.81 13.85 -50.13
C GLY D 563 -8.27 15.25 -50.33
N SER D 564 -7.46 15.71 -49.36
CA SER D 564 -6.97 17.08 -49.36
C SER D 564 -6.00 17.39 -50.50
N GLU D 565 -5.56 16.38 -51.26
CA GLU D 565 -4.59 16.60 -52.33
C GLU D 565 -5.22 16.75 -53.73
N VAL D 566 -6.55 16.59 -53.86
CA VAL D 566 -7.17 16.76 -55.16
C VAL D 566 -7.01 18.20 -55.64
N GLY D 567 -7.17 19.16 -54.72
CA GLY D 567 -7.00 20.56 -55.12
C GLY D 567 -5.61 20.87 -55.61
N LEU D 568 -4.59 20.28 -54.98
CA LEU D 568 -3.22 20.45 -55.43
C LEU D 568 -3.02 19.85 -56.82
N ALA D 569 -3.61 18.67 -57.06
CA ALA D 569 -3.47 18.03 -58.36
C ALA D 569 -4.12 18.86 -59.47
N VAL D 570 -5.27 19.47 -59.18
CA VAL D 570 -5.93 20.28 -60.20
C VAL D 570 -5.12 21.55 -60.48
N GLU D 571 -4.52 22.14 -59.44
CA GLU D 571 -3.68 23.32 -59.67
C GLU D 571 -2.46 22.96 -60.51
N ALA D 572 -1.89 21.78 -60.30
CA ALA D 572 -0.77 21.35 -61.14
C ALA D 572 -1.22 21.08 -62.56
N GLN D 573 -2.44 20.54 -62.72
CA GLN D 573 -2.99 20.37 -64.06
C GLN D 573 -3.00 21.68 -64.82
N LYS D 574 -3.38 22.77 -64.13
CA LYS D 574 -3.43 24.07 -64.79
C LYS D 574 -2.02 24.56 -65.16
N VAL D 575 -1.03 24.32 -64.29
CA VAL D 575 0.33 24.74 -64.59
C VAL D 575 0.89 23.94 -65.75
N LEU D 576 0.66 22.62 -65.74
CA LEU D 576 1.09 21.76 -66.85
C LEU D 576 0.43 22.18 -68.16
N ALA D 577 -0.86 22.52 -68.11
CA ALA D 577 -1.53 22.97 -69.32
C ALA D 577 -0.83 24.18 -69.91
N GLY D 578 -0.41 25.11 -69.05
CA GLY D 578 0.34 26.28 -69.48
C GLY D 578 1.72 25.98 -70.02
N GLN D 579 2.24 24.78 -69.80
CA GLN D 579 3.52 24.37 -70.36
C GLN D 579 3.36 23.41 -71.52
N GLY D 580 2.14 23.27 -72.06
CA GLY D 580 1.91 22.40 -73.20
C GLY D 580 1.80 20.94 -72.85
N ILE D 581 1.42 20.60 -71.62
CA ILE D 581 1.32 19.23 -71.16
C ILE D 581 -0.10 19.01 -70.64
N ALA D 582 -0.94 18.37 -71.45
CA ALA D 582 -2.32 18.10 -71.07
C ALA D 582 -2.37 16.84 -70.20
N VAL D 583 -2.86 17.00 -68.97
CA VAL D 583 -3.06 15.84 -68.10
C VAL D 583 -4.50 15.83 -67.59
N ARG D 584 -4.96 14.63 -67.27
CA ARG D 584 -6.27 14.41 -66.66
C ARG D 584 -6.08 14.21 -65.16
N VAL D 585 -7.03 14.69 -64.36
CA VAL D 585 -7.02 14.46 -62.91
C VAL D 585 -8.15 13.51 -62.55
N VAL D 586 -7.79 12.43 -61.89
CA VAL D 586 -8.74 11.47 -61.35
C VAL D 586 -8.82 11.66 -59.84
N SER D 587 -10.03 11.85 -59.32
CA SER D 587 -10.23 11.77 -57.88
C SER D 587 -10.55 10.32 -57.54
N MET D 588 -9.86 9.78 -56.53
CA MET D 588 -10.05 8.39 -56.11
C MET D 588 -10.44 8.36 -54.63
N PRO D 589 -11.66 8.80 -54.29
CA PRO D 589 -12.05 8.81 -52.87
C PRO D 589 -12.03 7.43 -52.20
N SER D 590 -12.12 6.34 -52.96
CA SER D 590 -11.99 5.01 -52.36
C SER D 590 -11.32 4.07 -53.36
N THR D 591 -10.08 3.69 -53.05
CA THR D 591 -9.40 2.64 -53.82
C THR D 591 -10.17 1.33 -53.73
N SER D 592 -10.70 1.03 -52.55
CA SER D 592 -11.43 -0.21 -52.31
C SER D 592 -12.57 -0.36 -53.31
N VAL D 593 -13.39 0.67 -53.40
CA VAL D 593 -14.57 0.63 -54.25
C VAL D 593 -14.18 0.63 -55.72
N PHE D 594 -13.21 1.46 -56.09
CA PHE D 594 -12.74 1.48 -57.48
C PHE D 594 -12.27 0.10 -57.92
N ASP D 595 -11.61 -0.63 -57.02
CA ASP D 595 -11.03 -1.92 -57.39
C ASP D 595 -12.09 -2.95 -57.80
N ARG D 596 -13.32 -2.84 -57.29
CA ARG D 596 -14.34 -3.81 -57.66
C ARG D 596 -15.27 -3.33 -58.77
N GLN D 597 -14.94 -2.22 -59.45
CA GLN D 597 -15.75 -1.80 -60.58
C GLN D 597 -15.42 -2.65 -61.80
N ASP D 598 -16.38 -2.73 -62.72
CA ASP D 598 -16.18 -3.52 -63.93
C ASP D 598 -14.93 -3.05 -64.69
N ALA D 599 -14.36 -3.95 -65.47
CA ALA D 599 -13.07 -3.69 -66.11
C ALA D 599 -13.16 -2.52 -67.09
N ALA D 600 -14.28 -2.40 -67.80
CA ALA D 600 -14.42 -1.33 -68.77
C ALA D 600 -14.39 0.04 -68.07
N TYR D 601 -15.04 0.16 -66.92
CA TYR D 601 -15.02 1.42 -66.20
C TYR D 601 -13.63 1.76 -65.68
N GLN D 602 -12.94 0.79 -65.08
CA GLN D 602 -11.59 1.04 -64.60
C GLN D 602 -10.71 1.57 -65.72
N ALA D 603 -10.81 0.94 -66.90
CA ALA D 603 -10.07 1.41 -68.06
C ALA D 603 -10.48 2.81 -68.50
N ALA D 604 -11.77 3.15 -68.38
CA ALA D 604 -12.20 4.50 -68.75
C ALA D 604 -11.55 5.54 -67.85
N VAL D 605 -11.33 5.21 -66.58
CA VAL D 605 -10.77 6.17 -65.64
C VAL D 605 -9.26 6.21 -65.77
N LEU D 606 -8.61 5.06 -65.88
CA LEU D 606 -7.16 4.92 -65.95
C LEU D 606 -6.82 4.18 -67.25
N PRO D 607 -6.79 4.88 -68.39
CA PRO D 607 -6.55 4.20 -69.67
C PRO D 607 -5.22 3.48 -69.70
N GLU D 608 -5.21 2.33 -70.37
CA GLU D 608 -3.97 1.59 -70.53
C GLU D 608 -2.98 2.39 -71.38
N GLY D 609 -1.72 2.40 -70.96
CA GLY D 609 -0.69 3.12 -71.68
C GLY D 609 -0.55 4.58 -71.31
N LEU D 610 -1.37 5.10 -70.39
CA LEU D 610 -1.26 6.47 -69.97
C LEU D 610 -0.52 6.54 -68.65
N PRO D 611 0.65 7.19 -68.59
CA PRO D 611 1.43 7.22 -67.34
C PRO D 611 0.61 7.82 -66.21
N ARG D 612 0.77 7.24 -65.03
CA ARG D 612 0.00 7.59 -63.84
C ARG D 612 0.90 8.16 -62.75
N ILE D 613 0.43 9.24 -62.12
CA ILE D 613 1.12 9.83 -60.98
C ILE D 613 0.10 9.94 -59.85
N ALA D 614 0.40 9.35 -58.71
CA ALA D 614 -0.47 9.42 -57.55
C ALA D 614 0.03 10.51 -56.61
N VAL D 615 -0.90 11.26 -56.03
CA VAL D 615 -0.58 12.35 -55.10
C VAL D 615 -1.45 12.20 -53.87
N GLU D 616 -0.81 11.97 -52.73
CA GLU D 616 -1.52 11.77 -51.48
C GLU D 616 -0.54 12.02 -50.33
N ALA D 617 -0.97 12.76 -49.32
CA ALA D 617 -0.12 13.08 -48.18
C ALA D 617 0.01 11.89 -47.23
N GLY D 618 0.59 10.82 -47.75
CA GLY D 618 0.84 9.63 -46.97
C GLY D 618 1.82 8.72 -47.68
N HIS D 619 2.03 7.54 -47.09
CA HIS D 619 3.00 6.59 -47.62
C HIS D 619 2.73 6.30 -49.09
N THR D 620 3.80 6.15 -49.87
CA THR D 620 3.68 5.93 -51.31
C THR D 620 3.51 4.47 -51.71
N ASN D 621 3.82 3.52 -50.83
CA ASN D 621 4.16 2.20 -51.35
C ASN D 621 2.93 1.44 -51.84
N GLY D 622 1.74 1.76 -51.33
CA GLY D 622 0.54 1.11 -51.86
C GLY D 622 0.13 1.59 -53.23
N TRP D 623 0.63 2.75 -53.68
CA TRP D 623 0.20 3.29 -54.97
C TRP D 623 0.84 2.60 -56.16
N TYR D 624 1.86 1.77 -55.96
CA TYR D 624 2.51 1.12 -57.09
C TYR D 624 1.61 0.09 -57.75
N LYS D 625 0.61 -0.42 -57.03
CA LYS D 625 -0.41 -1.27 -57.64
C LYS D 625 -1.04 -0.58 -58.84
N TYR D 626 -1.22 0.74 -58.76
CA TYR D 626 -1.77 1.52 -59.87
C TYR D 626 -0.70 2.11 -60.78
N VAL D 627 0.38 2.68 -60.23
CA VAL D 627 1.29 3.45 -61.08
C VAL D 627 2.43 2.60 -61.65
N GLY D 628 2.70 1.44 -61.07
CA GLY D 628 3.71 0.56 -61.65
C GLY D 628 5.11 1.16 -61.58
N LEU D 629 6.01 0.54 -62.34
CA LEU D 629 7.42 0.90 -62.30
C LEU D 629 7.74 2.16 -63.10
N ASN D 630 6.87 2.55 -64.02
CA ASN D 630 7.13 3.70 -64.88
C ASN D 630 6.34 4.93 -64.47
N GLY D 631 5.41 4.79 -63.52
CA GLY D 631 4.73 5.93 -62.93
C GLY D 631 5.53 6.51 -61.79
N ALA D 632 4.86 7.34 -60.99
CA ALA D 632 5.51 7.97 -59.85
C ALA D 632 4.45 8.33 -58.81
N VAL D 633 4.92 8.65 -57.61
CA VAL D 633 4.05 9.01 -56.50
C VAL D 633 4.61 10.25 -55.83
N VAL D 634 3.73 11.17 -55.44
CA VAL D 634 4.06 12.27 -54.55
C VAL D 634 3.45 11.92 -53.20
N GLY D 635 4.29 11.61 -52.22
CA GLY D 635 3.81 11.15 -50.94
C GLY D 635 4.82 11.44 -49.84
N ILE D 636 4.68 10.76 -48.71
CA ILE D 636 5.59 10.97 -47.58
C ILE D 636 5.78 9.63 -46.89
N ASN D 637 7.04 9.18 -46.80
CA ASN D 637 7.37 7.88 -46.21
C ASN D 637 8.17 8.01 -44.93
N ARG D 638 8.21 9.20 -44.34
CA ARG D 638 8.93 9.43 -43.09
C ARG D 638 7.99 10.06 -42.09
N PHE D 639 8.42 10.09 -40.83
CA PHE D 639 7.60 10.67 -39.78
C PHE D 639 7.49 12.17 -39.99
N GLY D 640 6.45 12.77 -39.41
CA GLY D 640 6.17 14.18 -39.58
C GLY D 640 7.03 15.07 -38.70
N GLU D 641 6.56 16.31 -38.51
CA GLU D 641 7.23 17.33 -37.71
C GLU D 641 6.16 18.19 -37.04
N SER D 642 6.47 18.64 -35.83
CA SER D 642 5.60 19.58 -35.12
C SER D 642 5.85 20.97 -35.69
N ALA D 643 4.85 21.50 -36.39
CA ALA D 643 4.91 22.81 -37.04
C ALA D 643 3.53 23.13 -37.62
N PRO D 644 3.26 24.39 -37.94
CA PRO D 644 2.00 24.72 -38.62
C PRO D 644 1.84 23.98 -39.94
N ALA D 645 0.58 23.63 -40.25
CA ALA D 645 0.31 22.71 -41.36
C ALA D 645 0.73 23.29 -42.71
N ASP D 646 0.58 24.61 -42.89
CA ASP D 646 0.98 25.20 -44.17
C ASP D 646 2.47 24.94 -44.45
N LEU D 647 3.33 25.20 -43.46
CA LEU D 647 4.75 24.97 -43.65
C LEU D 647 5.06 23.50 -43.87
N LEU D 648 4.32 22.61 -43.20
CA LEU D 648 4.58 21.18 -43.33
C LEU D 648 4.34 20.70 -44.75
N PHE D 649 3.18 21.03 -45.34
CA PHE D 649 2.90 20.61 -46.70
C PHE D 649 3.99 21.07 -47.65
N LYS D 650 4.47 22.31 -47.48
CA LYS D 650 5.54 22.82 -48.33
C LYS D 650 6.84 22.08 -48.08
N ALA D 651 7.22 21.91 -46.82
CA ALA D 651 8.49 21.25 -46.51
C ALA D 651 8.52 19.81 -47.02
N PHE D 652 7.37 19.14 -47.04
CA PHE D 652 7.33 17.75 -47.48
C PHE D 652 6.97 17.59 -48.94
N GLY D 653 6.99 18.67 -49.71
CA GLY D 653 6.91 18.58 -51.15
C GLY D 653 5.50 18.49 -51.71
N PHE D 654 4.48 18.83 -50.94
CA PHE D 654 3.12 18.89 -51.47
C PHE D 654 2.88 20.29 -52.01
N THR D 655 3.63 20.58 -53.07
CA THR D 655 3.65 21.87 -53.73
C THR D 655 3.35 21.65 -55.21
N VAL D 656 2.81 22.71 -55.84
CA VAL D 656 2.50 22.60 -57.26
C VAL D 656 3.74 22.26 -58.06
N ASP D 657 4.86 22.93 -57.75
CA ASP D 657 6.11 22.70 -58.46
C ASP D 657 6.55 21.24 -58.38
N ASN D 658 6.44 20.63 -57.20
CA ASN D 658 6.90 19.24 -57.05
C ASN D 658 6.03 18.28 -57.86
N VAL D 659 4.71 18.49 -57.85
CA VAL D 659 3.82 17.63 -58.63
C VAL D 659 4.09 17.79 -60.13
N VAL D 660 4.25 19.03 -60.59
CA VAL D 660 4.55 19.27 -62.01
C VAL D 660 5.83 18.57 -62.41
N ASP D 661 6.89 18.71 -61.60
CA ASP D 661 8.17 18.08 -61.89
C ASP D 661 8.05 16.57 -61.91
N THR D 662 7.27 16.02 -60.97
CA THR D 662 7.09 14.57 -60.92
C THR D 662 6.37 14.07 -62.15
N VAL D 663 5.33 14.80 -62.59
CA VAL D 663 4.62 14.41 -63.82
C VAL D 663 5.58 14.42 -65.00
N LYS D 664 6.35 15.50 -65.13
CA LYS D 664 7.29 15.58 -66.24
C LYS D 664 8.32 14.46 -66.18
N SER D 665 8.64 13.97 -64.97
CA SER D 665 9.66 12.94 -64.84
C SER D 665 9.24 11.63 -65.48
N VAL D 666 7.94 11.37 -65.62
CA VAL D 666 7.47 10.11 -66.19
C VAL D 666 7.11 10.26 -67.66
N LEU D 667 7.36 11.42 -68.25
CA LEU D 667 7.05 11.68 -69.66
C LEU D 667 8.31 11.58 -70.50
C1 EDO E . -16.03 14.00 14.45
O1 EDO E . -17.35 14.46 14.76
C2 EDO E . -15.75 12.79 15.31
O2 EDO E . -16.06 13.13 16.66
CA CA F . 3.15 12.36 9.56
CA CA G . 21.56 -7.41 45.31
CA CA H . 14.25 -6.79 44.97
CA CA I . -7.13 -17.41 42.81
CA CA J . 10.36 23.27 34.63
CA CA K . 9.97 19.26 31.55
C1 EDO L . 11.01 -19.22 -19.54
O1 EDO L . 11.98 -20.22 -19.84
C2 EDO L . 11.71 -18.00 -18.97
O2 EDO L . 12.58 -18.43 -17.91
C1 EDO M . -5.43 -12.18 -28.56
O1 EDO M . -6.05 -13.44 -28.26
C2 EDO M . -4.79 -11.63 -27.32
O2 EDO M . -3.75 -12.48 -26.83
CA CA N . 14.02 -20.47 -18.55
CA CA O . -15.00 -19.66 -44.26
CA CA P . -10.87 14.85 -16.12
C1 EDO Q . -23.44 14.30 -28.07
O1 EDO Q . -24.81 14.64 -27.85
C2 EDO Q . -22.58 15.55 -28.05
O2 EDO Q . -22.98 16.43 -29.09
C1 EDO R . -14.92 7.72 -66.42
O1 EDO R . -15.19 8.64 -67.49
C2 EDO R . -15.54 8.27 -65.14
O2 EDO R . -15.07 9.60 -64.93
C1 EDO S . -21.25 -38.38 -26.58
O1 EDO S . -20.62 -39.64 -26.24
C2 EDO S . -20.18 -37.32 -26.78
O2 EDO S . -19.38 -37.69 -27.91
CA CA T . -7.72 -19.29 -17.17
CA CA U . 12.29 16.43 -36.27
CA CA V . -25.53 16.88 -28.90
#